data_4PIB
#
_entry.id   4PIB
#
_cell.length_a   79.806
_cell.length_b   84.868
_cell.length_c   249.693
_cell.angle_alpha   90.00
_cell.angle_beta   90.00
_cell.angle_gamma   90.00
#
_symmetry.space_group_name_H-M   'P 21 21 2'
#
loop_
_entity.id
_entity.type
_entity.pdbx_description
1 polymer 'inclusion body protein'
2 non-polymer 'CALCIUM ION'
3 non-polymer 'CHLORIDE ION'
4 non-polymer GLYCEROL
5 non-polymer 1,2-ETHANEDIOL
6 water water
#
_entity_poly.entity_id   1
_entity_poly.type   'polypeptide(L)'
_entity_poly.pdbx_seq_one_letter_code
;SNA(MSE)VTVNSRVDSARASSHITINV(MSE)TVIDVAAIIDELKAQEKKLGQTPDTATSIGHKYIY(MSE)SSDDPRG
WSVGNDPGNITLNAHVGDTLSFFCASTSDNSEYAAFIYRLTGGDPHLDPSHVEVIKLQNAAQPTPSNGYPFTTAPVAFSS
CDAKVAQQGQAKNFYVWAALFTLDDSGEKQVLAGYVKWDPTVNVA
;
_entity_poly.pdbx_strand_id   A,B,C,D,E,F,G,H,I,J
#
# COMPACT_ATOMS: atom_id res chain seq x y z
N SER A 18 -48.18 -62.64 38.43
CA SER A 18 -46.81 -62.39 38.02
C SER A 18 -46.50 -63.14 36.71
N HIS A 19 -45.26 -63.62 36.57
CA HIS A 19 -44.79 -64.17 35.30
C HIS A 19 -44.50 -65.67 35.36
N ILE A 20 -44.96 -66.39 34.34
CA ILE A 20 -44.82 -67.85 34.31
C ILE A 20 -44.11 -68.35 33.06
N THR A 21 -43.63 -69.59 33.14
CA THR A 21 -43.09 -70.29 31.97
C THR A 21 -44.13 -71.28 31.44
N ILE A 22 -44.35 -71.25 30.14
CA ILE A 22 -45.31 -72.11 29.47
C ILE A 22 -44.60 -73.13 28.59
N ASN A 23 -44.78 -74.42 28.88
CA ASN A 23 -44.20 -75.46 28.03
C ASN A 23 -44.97 -75.60 26.74
N VAL A 24 -44.29 -75.53 25.62
CA VAL A 24 -44.85 -75.85 24.32
C VAL A 24 -44.14 -77.09 23.77
N THR A 26 -43.75 -80.02 21.00
CA THR A 26 -44.04 -80.34 19.61
C THR A 26 -43.71 -81.79 19.28
N VAL A 27 -44.72 -82.56 18.91
CA VAL A 27 -44.53 -83.89 18.36
C VAL A 27 -44.35 -83.79 16.85
N ILE A 28 -43.29 -84.41 16.35
CA ILE A 28 -42.90 -84.31 14.96
C ILE A 28 -42.99 -85.66 14.26
N ASP A 29 -43.64 -85.68 13.10
CA ASP A 29 -43.65 -86.88 12.28
C ASP A 29 -42.40 -86.90 11.41
N VAL A 30 -41.27 -87.29 12.02
CA VAL A 30 -39.96 -87.23 11.37
C VAL A 30 -39.91 -88.07 10.08
N ALA A 31 -40.56 -89.22 10.11
CA ALA A 31 -40.58 -90.10 8.94
C ALA A 31 -41.28 -89.42 7.77
N ALA A 32 -42.48 -88.91 8.01
CA ALA A 32 -43.23 -88.22 6.95
C ALA A 32 -42.42 -87.09 6.32
N ILE A 33 -41.84 -86.23 7.15
CA ILE A 33 -41.00 -85.13 6.67
C ILE A 33 -39.86 -85.60 5.77
N ILE A 34 -39.14 -86.64 6.19
CA ILE A 34 -38.03 -87.15 5.40
C ILE A 34 -38.53 -87.77 4.10
N ASP A 35 -39.59 -88.56 4.18
CA ASP A 35 -40.13 -89.23 2.99
C ASP A 35 -40.81 -88.24 2.05
N GLU A 36 -41.34 -87.15 2.60
CA GLU A 36 -41.91 -86.07 1.81
C GLU A 36 -40.87 -85.46 0.88
N LEU A 37 -39.74 -85.11 1.47
CA LEU A 37 -38.65 -84.45 0.77
C LEU A 37 -38.08 -85.34 -0.33
N LYS A 38 -38.04 -86.64 -0.06
CA LYS A 38 -37.61 -87.62 -1.04
C LYS A 38 -38.43 -87.50 -2.32
N ALA A 39 -39.75 -87.59 -2.15
CA ALA A 39 -40.67 -87.52 -3.28
C ALA A 39 -40.77 -86.11 -3.86
N GLN A 40 -40.37 -85.10 -3.09
CA GLN A 40 -40.52 -83.71 -3.52
C GLN A 40 -39.28 -83.21 -4.25
N GLU A 41 -38.30 -84.09 -4.44
CA GLU A 41 -37.08 -83.77 -5.18
C GLU A 41 -36.30 -82.67 -4.46
N LYS A 42 -36.62 -82.46 -3.19
CA LYS A 42 -35.82 -81.57 -2.36
C LYS A 42 -34.89 -82.42 -1.50
N LYS A 43 -33.85 -81.81 -0.93
CA LYS A 43 -32.89 -82.57 -0.15
C LYS A 43 -32.68 -81.92 1.22
N LEU A 44 -32.17 -82.69 2.17
CA LEU A 44 -32.09 -82.28 3.56
C LEU A 44 -30.83 -81.48 3.87
N GLY A 45 -30.99 -80.32 4.50
CA GLY A 45 -29.86 -79.48 4.87
C GLY A 45 -28.92 -80.18 5.84
N GLN A 46 -27.62 -80.09 5.58
CA GLN A 46 -26.63 -80.85 6.32
C GLN A 46 -25.79 -80.03 7.31
N THR A 47 -26.09 -78.75 7.45
CA THR A 47 -25.45 -77.93 8.47
C THR A 47 -26.50 -77.19 9.27
N PRO A 48 -26.21 -76.88 10.55
CA PRO A 48 -27.19 -76.20 11.40
C PRO A 48 -27.73 -74.90 10.81
N ASP A 49 -26.96 -74.25 9.93
CA ASP A 49 -27.36 -72.98 9.33
C ASP A 49 -28.15 -73.15 8.04
N THR A 50 -27.97 -74.29 7.39
CA THR A 50 -28.63 -74.51 6.11
C THR A 50 -29.78 -75.49 6.28
N ALA A 51 -30.42 -75.43 7.45
CA ALA A 51 -31.59 -76.27 7.72
C ALA A 51 -32.67 -76.04 6.68
N THR A 52 -33.18 -77.14 6.13
CA THR A 52 -34.26 -77.11 5.15
C THR A 52 -35.56 -76.57 5.74
N SER A 53 -36.11 -75.53 5.12
CA SER A 53 -37.38 -74.99 5.57
C SER A 53 -38.51 -75.89 5.13
N ILE A 54 -39.32 -76.37 6.09
CA ILE A 54 -40.40 -77.29 5.79
C ILE A 54 -41.75 -76.71 6.16
N GLY A 55 -42.82 -77.37 5.74
CA GLY A 55 -44.15 -76.92 6.09
C GLY A 55 -44.38 -77.14 7.56
N HIS A 56 -45.58 -76.84 8.05
CA HIS A 56 -45.93 -77.26 9.39
C HIS A 56 -47.03 -78.31 9.33
N LYS A 57 -47.00 -79.09 8.24
CA LYS A 57 -47.89 -80.23 8.03
C LYS A 57 -47.71 -81.39 9.05
N TYR A 58 -46.51 -81.55 9.58
CA TYR A 58 -46.19 -82.73 10.40
C TYR A 58 -45.72 -82.37 11.80
N ILE A 59 -46.30 -81.29 12.30
CA ILE A 59 -45.92 -80.59 13.52
C ILE A 59 -47.15 -80.50 14.40
N TYR A 60 -47.12 -81.13 15.57
CA TYR A 60 -48.31 -81.20 16.43
C TYR A 60 -48.03 -80.69 17.83
N SER A 62 -48.76 -79.15 21.73
CA SER A 62 -49.57 -79.17 22.93
C SER A 62 -48.87 -78.32 23.96
N SER A 63 -49.51 -78.07 25.08
CA SER A 63 -48.94 -77.18 26.08
C SER A 63 -49.39 -77.54 27.47
N ASP A 64 -48.70 -77.03 28.48
CA ASP A 64 -49.15 -77.17 29.85
C ASP A 64 -49.77 -75.87 30.36
N ASP A 65 -49.96 -74.90 29.45
CA ASP A 65 -50.36 -73.53 29.78
C ASP A 65 -51.51 -73.45 30.77
N PRO A 66 -51.20 -73.10 32.03
CA PRO A 66 -52.20 -73.02 33.10
C PRO A 66 -53.22 -71.92 32.85
N ARG A 67 -52.82 -70.90 32.10
CA ARG A 67 -53.72 -69.82 31.71
C ARG A 67 -54.72 -70.27 30.65
N GLY A 68 -54.61 -71.52 30.21
CA GLY A 68 -55.47 -72.05 29.17
C GLY A 68 -54.86 -71.93 27.79
N TRP A 69 -55.28 -72.80 26.88
CA TRP A 69 -54.74 -72.84 25.53
C TRP A 69 -55.63 -73.70 24.63
N SER A 70 -55.42 -73.63 23.32
CA SER A 70 -56.10 -74.52 22.36
C SER A 70 -55.30 -74.66 21.06
N VAL A 71 -55.52 -75.75 20.35
CA VAL A 71 -54.73 -76.04 19.15
C VAL A 71 -55.56 -76.04 17.86
N ASP A 74 -55.37 -76.78 14.36
CA ASP A 74 -54.78 -77.56 13.29
C ASP A 74 -53.29 -77.75 13.45
N PRO A 75 -52.72 -78.78 12.69
CA PRO A 75 -51.25 -78.87 12.81
C PRO A 75 -50.55 -77.58 12.43
N GLY A 76 -49.49 -77.28 13.16
CA GLY A 76 -48.65 -76.14 12.90
C GLY A 76 -49.16 -74.88 13.57
N ASN A 77 -50.22 -75.04 14.37
CA ASN A 77 -50.89 -73.93 15.03
C ASN A 77 -51.09 -74.18 16.50
N ILE A 78 -51.08 -73.10 17.28
CA ILE A 78 -51.42 -73.18 18.68
C ILE A 78 -51.79 -71.79 19.20
N THR A 79 -52.76 -71.75 20.08
CA THR A 79 -53.17 -70.51 20.72
C THR A 79 -52.93 -70.63 22.21
N LEU A 80 -52.10 -69.73 22.73
CA LEU A 80 -51.74 -69.76 24.14
C LEU A 80 -52.19 -68.48 24.83
N ASN A 81 -52.75 -68.62 26.03
CA ASN A 81 -52.99 -67.48 26.88
C ASN A 81 -51.70 -67.09 27.57
N ALA A 82 -51.10 -66.00 27.14
CA ALA A 82 -49.84 -65.56 27.72
C ALA A 82 -49.78 -64.05 27.83
N HIS A 83 -49.26 -63.56 28.95
CA HIS A 83 -49.05 -62.13 29.12
C HIS A 83 -47.66 -61.73 28.62
N VAL A 84 -47.50 -60.47 28.23
CA VAL A 84 -46.16 -59.96 27.91
C VAL A 84 -45.30 -60.14 29.15
N GLY A 85 -44.14 -60.79 28.98
CA GLY A 85 -43.30 -61.11 30.13
C GLY A 85 -43.27 -62.59 30.44
N ASP A 86 -44.25 -63.34 29.94
CA ASP A 86 -44.22 -64.80 30.05
C ASP A 86 -43.13 -65.38 29.16
N THR A 87 -42.66 -66.58 29.52
CA THR A 87 -41.67 -67.29 28.72
C THR A 87 -42.29 -68.55 28.11
N LEU A 88 -42.11 -68.73 26.80
CA LEU A 88 -42.48 -69.98 26.14
C LEU A 88 -41.26 -70.87 26.03
N SER A 89 -41.41 -72.11 26.47
CA SER A 89 -40.31 -73.06 26.47
C SER A 89 -40.64 -74.19 25.51
N PHE A 90 -39.91 -74.25 24.39
CA PHE A 90 -40.19 -75.20 23.31
C PHE A 90 -39.43 -76.51 23.48
N PHE A 91 -40.18 -77.60 23.51
CA PHE A 91 -39.65 -78.95 23.59
C PHE A 91 -40.14 -79.71 22.36
N CYS A 92 -39.46 -80.80 22.00
N CYS A 92 -39.50 -80.83 22.04
CA CYS A 92 -39.96 -81.64 20.91
CA CYS A 92 -39.93 -81.60 20.88
C CYS A 92 -39.63 -83.11 21.11
C CYS A 92 -39.47 -83.07 20.93
N ALA A 93 -40.24 -83.94 20.27
CA ALA A 93 -39.93 -85.37 20.21
C ALA A 93 -40.57 -85.95 18.95
N SER A 94 -40.01 -87.05 18.44
CA SER A 94 -40.62 -87.72 17.29
C SER A 94 -41.85 -88.49 17.77
N THR A 95 -42.58 -89.13 16.86
CA THR A 95 -43.78 -89.83 17.27
C THR A 95 -43.45 -91.14 18.03
N SER A 96 -42.17 -91.53 18.04
CA SER A 96 -41.73 -92.69 18.80
C SER A 96 -41.01 -92.25 20.06
N ASP A 97 -41.21 -91.00 20.45
CA ASP A 97 -40.55 -90.41 21.59
C ASP A 97 -39.02 -90.54 21.46
N ASN A 98 -38.54 -90.28 20.24
CA ASN A 98 -37.12 -90.33 19.88
C ASN A 98 -36.48 -91.71 20.06
N SER A 99 -37.27 -92.78 20.09
CA SER A 99 -36.71 -94.13 20.24
C SER A 99 -36.40 -94.80 18.90
N GLU A 100 -36.89 -94.23 17.80
CA GLU A 100 -36.49 -94.70 16.48
C GLU A 100 -35.94 -93.54 15.67
N TYR A 101 -36.82 -92.80 14.97
CA TYR A 101 -36.48 -91.47 14.52
C TYR A 101 -36.39 -90.55 15.75
N ALA A 102 -35.60 -89.49 15.64
CA ALA A 102 -35.49 -88.54 16.75
C ALA A 102 -35.34 -87.12 16.24
N ALA A 103 -35.81 -86.18 17.04
CA ALA A 103 -35.70 -84.78 16.72
C ALA A 103 -35.27 -84.02 17.97
N PHE A 104 -34.39 -83.03 17.77
CA PHE A 104 -33.94 -82.15 18.84
C PHE A 104 -33.90 -80.71 18.36
N ILE A 105 -34.55 -79.82 19.09
CA ILE A 105 -34.50 -78.40 18.78
C ILE A 105 -33.17 -77.81 19.21
N TYR A 106 -32.53 -77.03 18.33
CA TYR A 106 -31.28 -76.37 18.70
C TYR A 106 -31.33 -74.86 18.54
N ARG A 107 -32.41 -74.34 17.96
CA ARG A 107 -32.48 -72.93 17.63
C ARG A 107 -33.92 -72.42 17.43
N LEU A 108 -34.16 -71.17 17.84
CA LEU A 108 -35.35 -70.41 17.49
C LEU A 108 -34.92 -69.05 16.95
N THR A 109 -35.53 -68.58 15.86
CA THR A 109 -35.24 -67.25 15.31
C THR A 109 -36.51 -66.48 14.98
N GLY A 110 -36.43 -65.15 14.98
CA GLY A 110 -37.54 -64.30 14.56
C GLY A 110 -38.58 -64.11 15.64
N GLY A 111 -39.82 -63.86 15.24
CA GLY A 111 -40.90 -63.74 16.21
C GLY A 111 -41.21 -62.29 16.50
N ASP A 112 -40.26 -61.44 16.14
CA ASP A 112 -40.37 -60.00 16.28
C ASP A 112 -41.63 -59.48 15.58
N PRO A 113 -42.46 -58.71 16.30
CA PRO A 113 -42.32 -58.19 17.67
C PRO A 113 -42.99 -59.01 18.78
N HIS A 114 -43.63 -60.12 18.43
CA HIS A 114 -44.44 -60.84 19.40
C HIS A 114 -43.61 -61.73 20.31
N LEU A 115 -42.56 -62.34 19.76
CA LEU A 115 -41.69 -63.24 20.52
C LEU A 115 -40.21 -62.89 20.37
N ASP A 116 -39.48 -63.02 21.47
CA ASP A 116 -38.04 -62.82 21.50
C ASP A 116 -37.32 -64.09 21.96
N PRO A 117 -36.85 -64.91 21.00
CA PRO A 117 -36.13 -66.17 21.26
C PRO A 117 -34.88 -66.02 22.13
N SER A 118 -34.59 -67.04 22.92
CA SER A 118 -33.31 -67.15 23.62
C SER A 118 -32.50 -68.24 22.94
N HIS A 119 -31.34 -68.58 23.50
CA HIS A 119 -30.50 -69.62 22.92
C HIS A 119 -30.79 -70.95 23.60
N VAL A 120 -30.51 -72.04 22.91
CA VAL A 120 -30.90 -73.37 23.37
C VAL A 120 -30.33 -73.69 24.75
N GLU A 121 -31.14 -74.39 25.54
N GLU A 121 -31.14 -74.35 25.56
CA GLU A 121 -30.77 -74.81 26.88
CA GLU A 121 -30.71 -74.81 26.86
C GLU A 121 -30.65 -76.33 26.94
C GLU A 121 -30.63 -76.32 26.85
N VAL A 122 -29.44 -76.85 27.14
CA VAL A 122 -29.28 -78.30 27.23
C VAL A 122 -29.27 -78.69 28.68
N ILE A 123 -30.22 -79.53 29.05
CA ILE A 123 -30.37 -80.04 30.40
C ILE A 123 -29.78 -81.44 30.50
N LYS A 124 -28.87 -81.66 31.45
CA LYS A 124 -28.48 -83.03 31.76
C LYS A 124 -28.85 -83.43 33.17
N LEU A 125 -29.81 -84.34 33.27
CA LEU A 125 -30.15 -84.91 34.55
C LEU A 125 -29.23 -86.09 34.77
N GLN A 126 -28.46 -86.07 35.87
CA GLN A 126 -27.55 -87.17 36.15
C GLN A 126 -28.35 -88.40 36.57
N ASN A 127 -29.54 -88.16 37.13
CA ASN A 127 -30.43 -89.24 37.51
C ASN A 127 -31.86 -89.06 37.00
N ALA A 128 -32.01 -89.03 35.67
CA ALA A 128 -33.35 -88.99 35.09
C ALA A 128 -34.01 -90.35 35.23
N ALA A 129 -35.32 -90.34 35.46
CA ALA A 129 -36.08 -91.57 35.56
C ALA A 129 -35.96 -92.36 34.27
N GLN A 130 -35.82 -93.67 34.38
CA GLN A 130 -35.67 -94.58 33.24
C GLN A 130 -36.41 -95.88 33.52
N PRO A 131 -37.11 -96.43 32.50
CA PRO A 131 -37.70 -97.76 32.65
C PRO A 131 -36.63 -98.83 32.64
N THR A 132 -36.90 -99.96 33.28
CA THR A 132 -36.01 -101.11 33.27
C THR A 132 -36.73 -102.28 32.62
N PRO A 133 -36.00 -103.13 31.87
CA PRO A 133 -36.59 -104.37 31.37
C PRO A 133 -36.88 -105.35 32.52
N SER A 134 -37.86 -106.22 32.35
CA SER A 134 -38.67 -106.26 31.13
C SER A 134 -40.09 -105.79 31.40
N ASN A 135 -40.29 -105.08 32.50
CA ASN A 135 -41.64 -104.64 32.90
C ASN A 135 -41.80 -103.14 33.07
N GLY A 136 -40.73 -102.39 32.82
CA GLY A 136 -40.76 -100.95 33.04
C GLY A 136 -40.46 -100.64 34.50
N TYR A 137 -41.38 -101.01 35.38
CA TYR A 137 -41.14 -100.93 36.82
C TYR A 137 -40.38 -102.19 37.24
N PRO A 138 -39.51 -102.10 38.26
CA PRO A 138 -39.14 -100.89 39.02
C PRO A 138 -38.30 -99.94 38.17
N PHE A 139 -38.63 -98.66 38.22
CA PHE A 139 -37.89 -97.69 37.44
C PHE A 139 -36.59 -97.35 38.14
N THR A 140 -35.57 -97.03 37.34
CA THR A 140 -34.28 -96.62 37.86
C THR A 140 -33.93 -95.21 37.41
N THR A 141 -32.70 -94.79 37.68
CA THR A 141 -32.22 -93.49 37.21
C THR A 141 -30.87 -93.63 36.52
N ALA A 142 -30.61 -92.71 35.59
CA ALA A 142 -29.39 -92.72 34.81
C ALA A 142 -29.26 -91.37 34.10
N PRO A 143 -28.02 -91.03 33.64
CA PRO A 143 -27.85 -89.75 32.95
C PRO A 143 -28.55 -89.71 31.61
N VAL A 144 -29.35 -88.67 31.38
CA VAL A 144 -30.00 -88.43 30.10
C VAL A 144 -29.92 -86.92 29.79
N ALA A 145 -29.74 -86.59 28.51
CA ALA A 145 -29.67 -85.20 28.07
C ALA A 145 -30.94 -84.80 27.31
N PHE A 146 -31.35 -83.55 27.49
CA PHE A 146 -32.57 -83.02 26.88
C PHE A 146 -32.26 -81.63 26.33
N SER A 147 -33.07 -81.15 25.39
CA SER A 147 -32.89 -79.76 24.99
C SER A 147 -34.22 -79.05 24.90
N SER A 148 -34.18 -77.76 25.20
CA SER A 148 -35.32 -76.89 25.03
C SER A 148 -34.79 -75.54 24.61
N CYS A 149 -35.65 -74.72 24.05
CA CYS A 149 -35.29 -73.34 23.73
C CYS A 149 -36.42 -72.39 24.07
N ASP A 150 -36.11 -71.32 24.80
CA ASP A 150 -37.12 -70.38 25.28
C ASP A 150 -37.35 -69.21 24.33
N ALA A 151 -38.54 -68.65 24.41
CA ALA A 151 -38.84 -67.39 23.75
C ALA A 151 -39.68 -66.54 24.69
N LYS A 152 -39.32 -65.27 24.82
CA LYS A 152 -40.07 -64.34 25.64
C LYS A 152 -41.26 -63.80 24.85
N VAL A 153 -42.41 -63.75 25.50
CA VAL A 153 -43.59 -63.10 24.92
C VAL A 153 -43.41 -61.59 25.04
N ALA A 154 -43.29 -60.91 23.88
CA ALA A 154 -43.00 -59.48 23.89
C ALA A 154 -44.22 -58.64 23.49
N GLN A 155 -45.14 -59.24 22.75
CA GLN A 155 -46.34 -58.53 22.28
C GLN A 155 -47.39 -59.55 21.89
N GLN A 156 -48.62 -59.34 22.35
CA GLN A 156 -49.69 -60.27 21.99
C GLN A 156 -50.02 -60.16 20.51
N GLY A 157 -50.53 -61.24 19.94
CA GLY A 157 -50.78 -61.31 18.50
C GLY A 157 -50.25 -62.61 17.93
N GLN A 158 -50.36 -62.77 16.62
CA GLN A 158 -49.83 -63.95 15.96
C GLN A 158 -48.39 -63.70 15.50
N ALA A 159 -47.44 -64.49 16.00
CA ALA A 159 -46.08 -64.19 15.65
C ALA A 159 -45.92 -64.53 14.19
N LYS A 160 -45.70 -63.60 13.27
N LYS A 160 -45.69 -63.55 13.33
CA LYS A 160 -45.51 -63.89 11.85
CA LYS A 160 -45.56 -63.77 11.89
C LYS A 160 -44.26 -64.65 11.39
C LYS A 160 -44.35 -64.58 11.38
N ASN A 161 -43.09 -64.29 11.91
N ASN A 161 -43.16 -64.30 11.90
CA ASN A 161 -41.82 -64.70 11.32
CA ASN A 161 -41.96 -64.82 11.28
C ASN A 161 -40.94 -65.55 12.23
C ASN A 161 -41.07 -65.50 12.31
N PHE A 162 -41.57 -66.45 12.96
N PHE A 162 -41.58 -66.58 12.85
CA PHE A 162 -40.95 -67.25 13.99
CA PHE A 162 -40.96 -67.29 13.93
C PHE A 162 -40.59 -68.64 13.45
C PHE A 162 -40.60 -68.68 13.44
N TYR A 163 -39.32 -69.02 13.58
CA TYR A 163 -38.87 -70.32 13.13
C TYR A 163 -38.29 -71.14 14.28
N VAL A 164 -38.68 -72.42 14.31
CA VAL A 164 -38.12 -73.43 15.20
C VAL A 164 -37.18 -74.30 14.37
N TRP A 165 -35.97 -74.53 14.84
CA TRP A 165 -34.98 -75.30 14.08
C TRP A 165 -34.64 -76.61 14.77
N ALA A 166 -34.69 -77.73 14.04
CA ALA A 166 -34.40 -79.02 14.65
C ALA A 166 -33.51 -79.93 13.83
N ALA A 167 -32.66 -80.69 14.52
CA ALA A 167 -31.90 -81.76 13.90
C ALA A 167 -32.70 -83.07 13.92
N LEU A 168 -32.69 -83.78 12.80
CA LEU A 168 -33.43 -85.02 12.67
C LEU A 168 -32.47 -86.19 12.60
N PHE A 169 -32.85 -87.28 13.26
CA PHE A 169 -32.01 -88.47 13.32
C PHE A 169 -32.81 -89.71 12.94
N THR A 170 -32.11 -90.71 12.44
CA THR A 170 -32.70 -92.02 12.15
C THR A 170 -31.93 -93.13 12.86
N LEU A 171 -32.58 -94.27 13.04
CA LEU A 171 -31.95 -95.43 13.66
C LEU A 171 -31.26 -96.26 12.59
N ASP A 172 -29.96 -96.51 12.73
CA ASP A 172 -29.26 -97.30 11.71
C ASP A 172 -29.63 -98.77 11.85
N ASP A 173 -29.09 -99.60 10.97
CA ASP A 173 -29.47 -101.02 10.93
C ASP A 173 -28.98 -101.81 12.15
N SER A 174 -28.02 -101.25 12.89
CA SER A 174 -27.56 -101.90 14.11
C SER A 174 -28.68 -101.91 15.15
N GLY A 175 -29.65 -101.02 14.97
CA GLY A 175 -30.74 -100.86 15.90
C GLY A 175 -30.29 -100.32 17.24
N GLU A 176 -29.06 -99.82 17.31
CA GLU A 176 -28.48 -99.36 18.58
C GLU A 176 -27.94 -97.92 18.53
N LYS A 177 -27.82 -97.39 17.32
CA LYS A 177 -27.29 -96.04 17.15
C LYS A 177 -28.17 -95.17 16.26
N GLN A 178 -28.34 -93.93 16.67
CA GLN A 178 -29.07 -92.96 15.89
C GLN A 178 -28.10 -92.00 15.23
N VAL A 179 -28.33 -91.72 13.95
CA VAL A 179 -27.40 -90.96 13.14
C VAL A 179 -28.07 -89.75 12.53
N LEU A 180 -27.30 -88.68 12.38
CA LEU A 180 -27.81 -87.42 11.83
C LEU A 180 -28.33 -87.60 10.40
N ALA A 181 -29.54 -87.12 10.17
CA ALA A 181 -30.16 -87.18 8.86
C ALA A 181 -30.19 -85.81 8.22
N GLY A 182 -30.17 -84.78 9.06
CA GLY A 182 -30.12 -83.43 8.56
C GLY A 182 -30.84 -82.45 9.46
N TYR A 183 -30.99 -81.24 8.97
CA TYR A 183 -31.56 -80.17 9.74
C TYR A 183 -32.77 -79.57 9.04
N VAL A 184 -33.81 -79.28 9.81
CA VAL A 184 -35.00 -78.63 9.29
C VAL A 184 -35.36 -77.44 10.16
N LYS A 185 -36.23 -76.59 9.61
CA LYS A 185 -36.83 -75.50 10.36
C LYS A 185 -38.23 -75.35 9.85
N TRP A 186 -39.15 -74.93 10.72
CA TRP A 186 -40.54 -74.74 10.34
C TRP A 186 -41.03 -73.46 11.00
N ASP A 187 -42.13 -72.93 10.48
CA ASP A 187 -42.67 -71.68 10.98
C ASP A 187 -44.04 -71.90 11.59
N PRO A 188 -44.08 -72.40 12.83
CA PRO A 188 -45.38 -72.65 13.45
C PRO A 188 -46.12 -71.33 13.64
N THR A 189 -47.44 -71.39 13.63
CA THR A 189 -48.25 -70.22 13.92
C THR A 189 -48.60 -70.22 15.40
N VAL A 190 -47.98 -69.28 16.15
CA VAL A 190 -48.20 -69.20 17.58
C VAL A 190 -49.02 -67.95 17.89
N ASN A 191 -50.25 -68.14 18.36
CA ASN A 191 -51.10 -67.01 18.76
C ASN A 191 -51.04 -66.78 20.27
N VAL A 192 -50.58 -65.60 20.68
CA VAL A 192 -50.58 -65.25 22.09
C VAL A 192 -51.82 -64.45 22.47
N ALA A 193 -52.60 -64.97 23.42
CA ALA A 193 -53.83 -64.31 23.87
C ALA A 193 -54.03 -64.47 25.38
N SER B 18 -50.21 -106.38 4.11
CA SER B 18 -50.42 -104.95 4.09
C SER B 18 -50.47 -104.38 5.51
N HIS B 19 -50.08 -105.18 6.49
CA HIS B 19 -50.11 -104.76 7.89
C HIS B 19 -48.98 -103.77 8.21
N ILE B 20 -49.30 -102.75 9.00
CA ILE B 20 -48.34 -101.72 9.38
C ILE B 20 -48.39 -101.39 10.87
N THR B 21 -47.32 -100.78 11.37
CA THR B 21 -47.30 -100.28 12.74
C THR B 21 -47.58 -98.79 12.71
N ILE B 22 -48.47 -98.36 13.58
CA ILE B 22 -48.89 -96.97 13.65
C ILE B 22 -48.48 -96.44 15.01
N ASN B 23 -47.71 -95.35 15.03
CA ASN B 23 -47.34 -94.74 16.31
C ASN B 23 -48.43 -93.87 16.84
N VAL B 24 -48.70 -94.03 18.13
CA VAL B 24 -49.59 -93.13 18.85
C VAL B 24 -48.82 -92.51 20.00
N THR B 26 -48.57 -89.84 22.99
CA THR B 26 -49.38 -89.10 23.93
C THR B 26 -48.51 -88.12 24.70
N VAL B 27 -48.80 -86.83 24.60
CA VAL B 27 -48.18 -85.85 25.47
C VAL B 27 -49.04 -85.70 26.72
N ILE B 28 -48.41 -85.70 27.88
CA ILE B 28 -49.13 -85.71 29.14
C ILE B 28 -48.81 -84.49 30.00
N ASP B 29 -49.83 -83.74 30.42
CA ASP B 29 -49.62 -82.66 31.38
C ASP B 29 -49.54 -83.29 32.77
N VAL B 30 -48.33 -83.70 33.15
CA VAL B 30 -48.12 -84.41 34.41
C VAL B 30 -48.45 -83.53 35.62
N ALA B 31 -48.12 -82.25 35.52
CA ALA B 31 -48.38 -81.32 36.63
C ALA B 31 -49.88 -81.21 36.91
N ALA B 32 -50.65 -80.96 35.86
CA ALA B 32 -52.10 -80.78 35.98
C ALA B 32 -52.79 -82.03 36.52
N ILE B 33 -52.33 -83.20 36.10
CA ILE B 33 -52.90 -84.46 36.58
C ILE B 33 -52.67 -84.62 38.07
N ILE B 34 -51.45 -84.32 38.52
CA ILE B 34 -51.08 -84.46 39.91
C ILE B 34 -51.80 -83.42 40.78
N ASP B 35 -51.85 -82.19 40.31
CA ASP B 35 -52.55 -81.12 41.03
C ASP B 35 -54.04 -81.38 41.18
N GLU B 36 -54.70 -81.75 40.09
CA GLU B 36 -56.14 -81.97 40.12
C GLU B 36 -56.52 -83.15 41.01
N LEU B 37 -55.66 -84.16 41.06
CA LEU B 37 -55.89 -85.32 41.91
C LEU B 37 -55.88 -84.93 43.39
N LYS B 38 -54.92 -84.09 43.79
CA LYS B 38 -54.82 -83.69 45.18
C LYS B 38 -55.86 -82.63 45.52
N ALA B 39 -56.24 -81.83 44.53
CA ALA B 39 -57.29 -80.83 44.71
C ALA B 39 -58.67 -81.50 44.72
N GLN B 40 -58.69 -82.79 44.44
CA GLN B 40 -59.91 -83.56 44.35
C GLN B 40 -59.92 -84.63 45.45
N GLU B 41 -58.85 -84.66 46.24
CA GLU B 41 -58.78 -85.51 47.43
C GLU B 41 -58.43 -86.96 47.08
N LYS B 42 -58.30 -87.23 45.78
CA LYS B 42 -57.98 -88.58 45.33
C LYS B 42 -56.49 -88.90 45.50
N LYS B 43 -56.20 -90.03 46.14
CA LYS B 43 -54.83 -90.48 46.31
C LYS B 43 -54.24 -90.88 44.97
N LEU B 44 -52.93 -90.71 44.84
CA LEU B 44 -52.21 -91.18 43.66
C LEU B 44 -51.70 -92.59 43.92
N GLY B 45 -52.06 -93.54 43.04
CA GLY B 45 -51.67 -94.93 43.20
C GLY B 45 -50.17 -95.11 43.38
N GLN B 46 -49.79 -95.96 44.34
CA GLN B 46 -48.38 -96.12 44.67
C GLN B 46 -47.83 -97.48 44.27
N THR B 47 -48.69 -98.32 43.71
CA THR B 47 -48.29 -99.61 43.18
C THR B 47 -48.71 -99.66 41.70
N PRO B 48 -47.93 -100.36 40.84
CA PRO B 48 -48.28 -100.43 39.42
C PRO B 48 -49.69 -100.97 39.20
N ASP B 49 -50.08 -101.93 40.03
CA ASP B 49 -51.39 -102.57 39.91
C ASP B 49 -52.49 -101.73 40.55
N THR B 50 -52.09 -100.67 41.26
CA THR B 50 -53.08 -99.81 41.91
C THR B 50 -53.12 -98.39 41.32
N ALA B 51 -52.81 -98.28 40.02
CA ALA B 51 -52.84 -96.99 39.33
C ALA B 51 -54.21 -96.33 39.45
N THR B 52 -54.19 -95.01 39.61
CA THR B 52 -55.42 -94.24 39.74
C THR B 52 -56.03 -93.90 38.38
N SER B 53 -57.27 -94.31 38.17
CA SER B 53 -58.02 -93.90 36.98
C SER B 53 -58.17 -92.40 36.94
N ILE B 54 -57.70 -91.78 35.86
CA ILE B 54 -57.82 -90.35 35.72
C ILE B 54 -58.62 -90.02 34.46
N GLY B 55 -59.14 -88.80 34.39
CA GLY B 55 -59.87 -88.39 33.22
C GLY B 55 -58.86 -88.23 32.10
N HIS B 56 -59.33 -88.07 30.87
CA HIS B 56 -58.40 -87.84 29.80
C HIS B 56 -58.37 -86.37 29.38
N LYS B 57 -58.62 -85.48 30.34
CA LYS B 57 -58.53 -84.05 30.05
C LYS B 57 -57.09 -83.59 29.73
N TYR B 58 -56.10 -84.23 30.32
CA TYR B 58 -54.73 -83.75 30.20
C TYR B 58 -53.88 -84.66 29.31
N ILE B 59 -54.56 -85.28 28.36
CA ILE B 59 -54.03 -86.32 27.49
C ILE B 59 -54.11 -85.84 26.06
N TYR B 60 -52.96 -85.64 25.39
CA TYR B 60 -52.98 -85.10 24.03
C TYR B 60 -52.27 -86.01 23.04
N SER B 62 -51.15 -87.67 19.32
CA SER B 62 -50.78 -87.45 17.92
C SER B 62 -50.43 -88.80 17.31
N SER B 63 -50.17 -88.82 16.01
CA SER B 63 -49.81 -90.07 15.35
C SER B 63 -48.88 -89.87 14.16
N ASP B 64 -48.31 -90.95 13.66
CA ASP B 64 -47.57 -90.92 12.41
C ASP B 64 -48.33 -91.68 11.32
N ASP B 65 -49.56 -92.08 11.64
CA ASP B 65 -50.35 -92.98 10.80
C ASP B 65 -50.31 -92.62 9.31
N PRO B 66 -49.57 -93.41 8.52
CA PRO B 66 -49.43 -93.25 7.07
C PRO B 66 -50.77 -93.27 6.37
N ARG B 67 -51.72 -94.03 6.89
CA ARG B 67 -53.03 -94.15 6.26
C ARG B 67 -53.94 -92.96 6.60
N GLY B 68 -53.41 -92.01 7.38
CA GLY B 68 -54.20 -90.86 7.81
C GLY B 68 -54.84 -91.00 9.19
N TRP B 69 -55.12 -89.86 9.80
CA TRP B 69 -55.68 -89.76 11.14
C TRP B 69 -56.22 -88.36 11.42
N SER B 70 -56.98 -88.19 12.49
CA SER B 70 -57.39 -86.87 12.94
C SER B 70 -57.49 -86.77 14.46
N VAL B 71 -57.16 -85.60 15.01
CA VAL B 71 -57.12 -85.48 16.47
C VAL B 71 -58.24 -84.71 17.09
N GLY B 72 -58.73 -85.30 18.16
CA GLY B 72 -60.04 -85.03 18.69
C GLY B 72 -60.23 -83.61 19.13
N ASN B 73 -61.43 -83.09 18.88
CA ASN B 73 -61.74 -81.73 19.25
C ASN B 73 -61.59 -81.69 20.75
N ASP B 74 -62.04 -82.76 21.40
CA ASP B 74 -61.69 -83.08 22.78
C ASP B 74 -60.29 -83.73 22.96
N PRO B 75 -59.61 -83.45 24.16
CA PRO B 75 -58.44 -84.31 24.39
C PRO B 75 -58.90 -85.73 24.73
N GLY B 76 -58.03 -86.71 24.65
CA GLY B 76 -58.39 -88.06 25.01
C GLY B 76 -59.08 -88.79 23.89
N ASN B 77 -59.17 -88.11 22.77
CA ASN B 77 -59.70 -88.70 21.54
C ASN B 77 -58.69 -88.71 20.42
N ILE B 78 -58.78 -89.74 19.57
CA ILE B 78 -58.06 -89.76 18.31
C ILE B 78 -58.80 -90.68 17.38
N THR B 79 -58.75 -90.37 16.09
CA THR B 79 -59.27 -91.26 15.07
C THR B 79 -58.13 -91.66 14.18
N LEU B 80 -57.92 -92.97 14.05
CA LEU B 80 -56.83 -93.50 13.25
C LEU B 80 -57.38 -94.35 12.11
N ASN B 81 -56.81 -94.22 10.91
CA ASN B 81 -57.11 -95.14 9.83
C ASN B 81 -56.23 -96.37 9.97
N ALA B 82 -56.85 -97.49 10.26
CA ALA B 82 -56.10 -98.72 10.40
C ALA B 82 -56.97 -99.88 9.98
N HIS B 83 -56.32 -100.95 9.56
CA HIS B 83 -56.99 -102.18 9.21
C HIS B 83 -56.69 -103.23 10.26
N VAL B 84 -57.57 -104.21 10.35
CA VAL B 84 -57.37 -105.35 11.22
C VAL B 84 -56.02 -105.98 10.91
N GLY B 85 -55.23 -106.26 11.93
CA GLY B 85 -53.89 -106.77 11.71
C GLY B 85 -52.83 -105.69 11.84
N ASP B 86 -53.25 -104.43 11.75
CA ASP B 86 -52.33 -103.33 12.05
C ASP B 86 -52.01 -103.33 13.53
N THR B 87 -50.85 -102.76 13.88
CA THR B 87 -50.41 -102.63 15.25
C THR B 87 -50.34 -101.16 15.66
N LEU B 88 -50.96 -100.82 16.79
CA LEU B 88 -50.79 -99.50 17.37
C LEU B 88 -49.66 -99.54 18.39
N SER B 89 -48.68 -98.65 18.26
CA SER B 89 -47.60 -98.63 19.24
C SER B 89 -47.70 -97.33 20.06
N PHE B 90 -47.91 -97.44 21.36
CA PHE B 90 -48.18 -96.28 22.21
C PHE B 90 -46.93 -95.80 22.93
N PHE B 91 -46.63 -94.52 22.76
CA PHE B 91 -45.49 -93.86 23.37
C PHE B 91 -46.00 -92.67 24.21
N CYS B 92 -45.21 -92.18 25.16
CA CYS B 92 -45.63 -90.92 25.79
C CYS B 92 -44.49 -90.08 26.35
N ALA B 93 -44.79 -88.82 26.67
CA ALA B 93 -43.84 -87.96 27.39
C ALA B 93 -44.58 -86.78 28.00
N SER B 94 -43.98 -86.18 29.03
CA SER B 94 -44.53 -84.96 29.62
C SER B 94 -44.44 -83.78 28.65
N THR B 95 -45.02 -82.65 29.03
CA THR B 95 -44.99 -81.43 28.20
C THR B 95 -43.58 -80.82 28.13
N SER B 96 -42.69 -81.29 28.99
CA SER B 96 -41.30 -80.84 28.94
C SER B 96 -40.40 -81.97 28.43
N ASP B 97 -40.98 -82.88 27.65
CA ASP B 97 -40.21 -84.00 27.09
C ASP B 97 -39.50 -84.83 28.18
N ASN B 98 -40.14 -85.00 29.33
CA ASN B 98 -39.60 -85.79 30.45
C ASN B 98 -38.34 -85.23 31.08
N SER B 99 -38.12 -83.93 30.94
CA SER B 99 -36.91 -83.31 31.47
C SER B 99 -37.20 -82.63 32.82
N GLU B 100 -38.46 -82.41 33.14
CA GLU B 100 -38.83 -81.96 34.47
C GLU B 100 -39.75 -83.01 35.10
N TYR B 101 -41.06 -82.84 34.94
CA TYR B 101 -41.98 -83.95 35.20
C TYR B 101 -41.75 -85.00 34.12
N ALA B 102 -41.99 -86.26 34.43
CA ALA B 102 -41.79 -87.30 33.42
C ALA B 102 -42.89 -88.35 33.51
N ALA B 103 -43.04 -89.11 32.43
CA ALA B 103 -44.06 -90.15 32.35
C ALA B 103 -43.58 -91.30 31.47
N PHE B 104 -43.90 -92.52 31.87
CA PHE B 104 -43.56 -93.71 31.10
C PHE B 104 -44.72 -94.70 31.10
N ILE B 105 -45.15 -95.11 29.91
CA ILE B 105 -46.13 -96.19 29.78
C ILE B 105 -45.51 -97.52 30.20
N TYR B 106 -46.24 -98.31 30.98
CA TYR B 106 -45.76 -99.62 31.38
C TYR B 106 -46.78 -100.74 31.15
N ARG B 107 -47.98 -100.40 30.70
CA ARG B 107 -49.07 -101.37 30.56
C ARG B 107 -50.25 -100.82 29.75
N LEU B 108 -50.88 -101.71 28.98
CA LEU B 108 -52.17 -101.48 28.32
C LEU B 108 -53.11 -102.62 28.66
N THR B 109 -54.35 -102.32 29.00
CA THR B 109 -55.35 -103.37 29.28
C THR B 109 -56.67 -103.13 28.53
N GLY B 110 -57.43 -104.19 28.31
CA GLY B 110 -58.77 -104.09 27.78
C GLY B 110 -58.80 -103.98 26.28
N GLY B 111 -59.84 -103.34 25.75
CA GLY B 111 -59.91 -103.09 24.32
C GLY B 111 -60.80 -104.06 23.56
N ASP B 112 -61.07 -105.22 24.15
CA ASP B 112 -61.89 -106.25 23.50
C ASP B 112 -63.23 -105.66 23.09
N PRO B 113 -63.66 -105.89 21.84
CA PRO B 113 -63.02 -106.66 20.75
C PRO B 113 -62.18 -105.85 19.77
N HIS B 114 -62.01 -104.56 20.03
CA HIS B 114 -61.40 -103.66 19.04
C HIS B 114 -59.87 -103.69 19.03
N LEU B 115 -59.28 -103.76 20.22
CA LEU B 115 -57.84 -103.72 20.36
C LEU B 115 -57.36 -104.86 21.26
N ASP B 116 -56.21 -105.45 20.91
CA ASP B 116 -55.59 -106.48 21.75
C ASP B 116 -54.19 -106.04 22.23
N PRO B 117 -54.10 -105.50 23.44
CA PRO B 117 -52.83 -105.04 24.02
C PRO B 117 -51.76 -106.13 24.14
N SER B 118 -50.51 -105.73 23.98
CA SER B 118 -49.37 -106.59 24.33
C SER B 118 -48.76 -106.06 25.62
N HIS B 119 -47.65 -106.66 26.02
CA HIS B 119 -46.95 -106.21 27.21
C HIS B 119 -45.88 -105.21 26.88
N VAL B 120 -45.54 -104.38 27.86
CA VAL B 120 -44.62 -103.26 27.66
C VAL B 120 -43.28 -103.69 27.07
N GLU B 121 -42.70 -102.83 26.24
CA GLU B 121 -41.36 -103.07 25.74
C GLU B 121 -40.44 -101.94 26.11
N VAL B 122 -39.34 -102.28 26.77
CA VAL B 122 -38.37 -101.31 27.19
C VAL B 122 -37.24 -101.31 26.21
N ILE B 123 -37.11 -100.23 25.45
CA ILE B 123 -36.07 -100.10 24.44
C ILE B 123 -34.84 -99.48 25.08
N LYS B 124 -33.68 -100.12 24.90
CA LYS B 124 -32.41 -99.53 25.31
C LYS B 124 -31.55 -99.28 24.08
N LEU B 125 -31.24 -98.01 23.81
CA LEU B 125 -30.34 -97.70 22.70
C LEU B 125 -28.94 -97.44 23.26
N GLN B 126 -27.95 -98.20 22.78
CA GLN B 126 -26.57 -98.02 23.23
C GLN B 126 -26.12 -96.60 22.93
N ASN B 127 -26.45 -96.16 21.73
CA ASN B 127 -26.02 -94.84 21.27
C ASN B 127 -27.18 -94.03 20.70
N ALA B 128 -28.12 -93.71 21.57
CA ALA B 128 -29.17 -92.75 21.26
C ALA B 128 -28.59 -91.36 21.02
N ALA B 129 -29.21 -90.60 20.11
CA ALA B 129 -28.80 -89.23 19.84
C ALA B 129 -29.04 -88.37 21.07
N GLN B 130 -28.07 -87.52 21.40
CA GLN B 130 -28.13 -86.65 22.58
C GLN B 130 -27.52 -85.28 22.28
N PRO B 131 -28.18 -84.21 22.76
CA PRO B 131 -27.63 -82.86 22.65
C PRO B 131 -26.44 -82.69 23.61
N THR B 132 -25.50 -81.83 23.23
CA THR B 132 -24.36 -81.48 24.10
C THR B 132 -24.39 -80.01 24.43
N PRO B 133 -24.02 -79.67 25.65
CA PRO B 133 -23.89 -78.27 26.06
C PRO B 133 -22.71 -77.60 25.36
N SER B 134 -22.77 -76.30 25.14
CA SER B 134 -23.95 -75.48 25.46
C SER B 134 -24.77 -75.14 24.22
N ASN B 135 -24.38 -75.64 23.05
CA ASN B 135 -25.07 -75.32 21.80
C ASN B 135 -25.97 -76.41 21.21
N GLY B 136 -26.14 -77.53 21.91
CA GLY B 136 -26.89 -78.66 21.38
C GLY B 136 -26.16 -79.45 20.31
N TYR B 137 -25.80 -78.78 19.22
CA TYR B 137 -24.87 -79.33 18.24
C TYR B 137 -23.47 -78.92 18.66
N PRO B 138 -22.44 -79.72 18.30
CA PRO B 138 -22.56 -81.04 17.66
C PRO B 138 -23.15 -82.05 18.64
N PHE B 139 -24.12 -82.82 18.15
CA PHE B 139 -24.80 -83.80 18.98
C PHE B 139 -23.85 -84.94 19.30
N THR B 140 -24.23 -85.78 20.25
CA THR B 140 -23.40 -86.92 20.61
C THR B 140 -24.30 -88.13 20.74
N THR B 141 -23.74 -89.27 21.16
CA THR B 141 -24.59 -90.41 21.46
C THR B 141 -24.25 -91.02 22.82
N ALA B 142 -25.23 -91.71 23.40
CA ALA B 142 -25.11 -92.20 24.76
C ALA B 142 -26.29 -93.12 25.04
N PRO B 143 -26.15 -94.02 26.03
CA PRO B 143 -27.23 -94.94 26.38
C PRO B 143 -28.44 -94.24 26.99
N VAL B 144 -29.62 -94.54 26.45
CA VAL B 144 -30.88 -93.97 26.91
C VAL B 144 -31.96 -95.07 26.84
N ALA B 145 -32.87 -95.08 27.81
CA ALA B 145 -33.94 -96.08 27.79
C ALA B 145 -35.30 -95.45 27.45
N PHE B 146 -36.12 -96.21 26.72
CA PHE B 146 -37.46 -95.80 26.26
C PHE B 146 -38.45 -96.92 26.57
N SER B 147 -39.73 -96.59 26.75
CA SER B 147 -40.72 -97.66 26.82
C SER B 147 -41.88 -97.37 25.89
N SER B 148 -42.45 -98.44 25.34
CA SER B 148 -43.67 -98.32 24.57
C SER B 148 -44.46 -99.59 24.74
N CYS B 149 -45.71 -99.56 24.31
CA CYS B 149 -46.56 -100.74 24.43
C CYS B 149 -47.52 -100.83 23.25
N ASP B 150 -47.65 -102.04 22.69
CA ASP B 150 -48.50 -102.25 21.54
C ASP B 150 -49.90 -102.74 21.84
N ALA B 151 -50.78 -102.49 20.89
CA ALA B 151 -52.09 -103.13 20.84
C ALA B 151 -52.40 -103.47 19.39
N LYS B 152 -52.80 -104.71 19.14
CA LYS B 152 -53.13 -105.11 17.78
C LYS B 152 -54.56 -104.68 17.45
N VAL B 153 -54.77 -104.17 16.25
CA VAL B 153 -56.12 -103.82 15.82
C VAL B 153 -56.89 -105.08 15.47
N ALA B 154 -57.90 -105.41 16.27
CA ALA B 154 -58.67 -106.64 16.05
C ALA B 154 -59.97 -106.39 15.32
N GLN B 155 -60.50 -105.16 15.44
CA GLN B 155 -61.80 -104.85 14.85
C GLN B 155 -61.96 -103.34 14.79
N GLN B 156 -62.26 -102.84 13.60
CA GLN B 156 -62.51 -101.40 13.45
C GLN B 156 -63.67 -100.98 14.35
N GLY B 157 -63.72 -99.71 14.72
CA GLY B 157 -64.67 -99.25 15.71
C GLY B 157 -64.02 -98.43 16.82
N GLN B 158 -64.72 -98.26 17.91
CA GLN B 158 -64.19 -97.46 19.00
C GLN B 158 -64.03 -98.30 20.28
N ALA B 159 -62.78 -98.42 20.71
CA ALA B 159 -62.47 -99.24 21.84
C ALA B 159 -63.15 -98.64 23.11
N LYS B 160 -63.89 -99.14 24.16
N LYS B 160 -63.93 -99.17 24.09
CA LYS B 160 -64.57 -98.42 25.22
CA LYS B 160 -64.66 -98.47 25.13
C LYS B 160 -63.90 -98.78 26.52
C LYS B 160 -63.95 -98.79 26.40
N ASN B 161 -63.24 -99.92 26.49
N ASN B 161 -63.29 -99.93 26.39
CA ASN B 161 -62.74 -100.53 27.71
CA ASN B 161 -62.72 -100.42 27.64
C ASN B 161 -61.22 -100.58 27.74
C ASN B 161 -61.19 -100.48 27.71
N PHE B 162 -60.57 -99.59 27.12
N PHE B 162 -60.53 -99.59 26.98
CA PHE B 162 -59.13 -99.63 26.86
CA PHE B 162 -59.09 -99.62 26.80
C PHE B 162 -58.39 -98.62 27.73
C PHE B 162 -58.37 -98.62 27.72
N TYR B 163 -57.41 -99.11 28.49
CA TYR B 163 -56.69 -98.27 29.44
C TYR B 163 -55.19 -98.25 29.16
N VAL B 164 -54.63 -97.05 29.18
CA VAL B 164 -53.18 -96.85 29.11
C VAL B 164 -52.70 -96.57 30.53
N TRP B 165 -51.65 -97.26 30.97
CA TRP B 165 -51.15 -97.09 32.34
C TRP B 165 -49.76 -96.46 32.31
N ALA B 166 -49.52 -95.46 33.15
CA ALA B 166 -48.21 -94.79 33.17
C ALA B 166 -47.69 -94.49 34.57
N ALA B 167 -46.38 -94.52 34.72
CA ALA B 167 -45.73 -94.03 35.93
C ALA B 167 -45.39 -92.55 35.76
N LEU B 168 -45.76 -91.76 36.76
CA LEU B 168 -45.48 -90.33 36.74
C LEU B 168 -44.32 -90.01 37.68
N PHE B 169 -43.51 -89.04 37.30
CA PHE B 169 -42.32 -88.67 38.08
C PHE B 169 -42.21 -87.17 38.24
N THR B 170 -41.56 -86.74 39.31
CA THR B 170 -41.31 -85.32 39.54
C THR B 170 -39.81 -85.07 39.64
N LEU B 171 -39.41 -83.81 39.51
CA LEU B 171 -38.01 -83.44 39.64
C LEU B 171 -37.78 -82.82 41.03
N ASP B 172 -36.91 -83.44 41.83
CA ASP B 172 -36.70 -82.95 43.21
C ASP B 172 -36.00 -81.59 43.28
N ASP B 173 -35.79 -81.11 44.49
CA ASP B 173 -35.23 -79.77 44.72
C ASP B 173 -33.82 -79.60 44.14
N SER B 174 -33.04 -80.70 44.13
CA SER B 174 -31.67 -80.64 43.63
C SER B 174 -31.60 -80.46 42.11
N GLY B 175 -32.71 -80.68 41.42
CA GLY B 175 -32.78 -80.50 39.98
C GLY B 175 -31.99 -81.53 39.18
N GLU B 176 -31.51 -82.56 39.86
CA GLU B 176 -30.66 -83.56 39.22
C GLU B 176 -31.27 -84.95 39.16
N LYS B 177 -32.29 -85.19 39.96
CA LYS B 177 -32.90 -86.51 40.08
C LYS B 177 -34.41 -86.46 39.95
N GLN B 178 -34.97 -87.45 39.25
CA GLN B 178 -36.41 -87.57 39.13
C GLN B 178 -36.91 -88.68 40.04
N VAL B 179 -38.01 -88.41 40.74
CA VAL B 179 -38.52 -89.36 41.72
C VAL B 179 -39.95 -89.79 41.39
N LEU B 180 -40.26 -91.05 41.72
CA LEU B 180 -41.57 -91.63 41.47
C LEU B 180 -42.67 -90.92 42.25
N ALA B 181 -43.63 -90.34 41.52
CA ALA B 181 -44.80 -89.71 42.14
C ALA B 181 -45.90 -90.74 42.35
N GLY B 182 -46.09 -91.61 41.37
CA GLY B 182 -47.10 -92.64 41.45
C GLY B 182 -47.51 -93.18 40.10
N TYR B 183 -48.64 -93.90 40.07
CA TYR B 183 -49.11 -94.54 38.86
C TYR B 183 -50.52 -94.10 38.52
N VAL B 184 -50.78 -93.89 37.23
CA VAL B 184 -52.12 -93.54 36.78
C VAL B 184 -52.50 -94.38 35.56
N LYS B 185 -53.78 -94.43 35.29
CA LYS B 185 -54.28 -94.99 34.03
C LYS B 185 -55.43 -94.14 33.55
N TRP B 186 -55.54 -93.98 32.24
CA TRP B 186 -56.63 -93.23 31.62
C TRP B 186 -57.20 -94.08 30.51
N ASP B 187 -58.42 -93.76 30.10
CA ASP B 187 -59.10 -94.55 29.08
C ASP B 187 -59.31 -93.73 27.81
N PRO B 188 -58.29 -93.70 26.94
CA PRO B 188 -58.42 -92.86 25.75
C PRO B 188 -59.52 -93.37 24.84
N THR B 189 -60.23 -92.45 24.18
CA THR B 189 -61.17 -92.81 23.13
C THR B 189 -60.40 -93.04 21.85
N VAL B 190 -60.27 -94.28 21.42
CA VAL B 190 -59.54 -94.58 20.20
C VAL B 190 -60.47 -95.13 19.12
N ASN B 191 -60.67 -94.35 18.07
CA ASN B 191 -61.47 -94.77 16.93
C ASN B 191 -60.59 -95.30 15.81
N VAL B 192 -60.72 -96.60 15.54
CA VAL B 192 -60.09 -97.22 14.40
C VAL B 192 -61.14 -97.28 13.29
N ALA B 193 -60.85 -96.60 12.17
CA ALA B 193 -61.80 -96.50 11.08
C ALA B 193 -61.17 -96.83 9.73
N SER C 18 -17.65 -57.00 35.34
CA SER C 18 -17.89 -55.71 34.71
C SER C 18 -18.27 -55.86 33.24
N HIS C 19 -19.56 -55.66 32.95
CA HIS C 19 -20.07 -55.79 31.60
C HIS C 19 -20.48 -54.44 31.04
N ILE C 20 -20.21 -54.22 29.75
CA ILE C 20 -20.47 -52.93 29.11
C ILE C 20 -21.29 -53.06 27.84
N THR C 21 -21.81 -51.91 27.37
CA THR C 21 -22.49 -51.85 26.10
C THR C 21 -21.55 -51.24 25.07
N ILE C 22 -21.47 -51.87 23.90
CA ILE C 22 -20.59 -51.43 22.84
C ILE C 22 -21.41 -50.93 21.64
N ASN C 23 -21.20 -49.69 21.21
CA ASN C 23 -21.90 -49.20 20.01
C ASN C 23 -21.27 -49.74 18.73
N VAL C 24 -22.10 -50.31 17.86
CA VAL C 24 -21.69 -50.59 16.50
C VAL C 24 -22.48 -49.69 15.57
N THR C 26 -23.21 -48.33 11.84
CA THR C 26 -23.12 -48.69 10.44
C THR C 26 -23.52 -47.52 9.53
N VAL C 27 -22.60 -47.10 8.66
CA VAL C 27 -22.93 -46.15 7.62
C VAL C 27 -23.23 -46.91 6.34
N ILE C 28 -24.31 -46.51 5.68
CA ILE C 28 -24.88 -47.23 4.56
C ILE C 28 -24.96 -46.38 3.32
N ASP C 29 -24.48 -46.90 2.19
CA ASP C 29 -24.59 -46.21 0.90
C ASP C 29 -25.92 -46.60 0.27
N VAL C 30 -26.97 -45.83 0.57
CA VAL C 30 -28.34 -46.23 0.25
C VAL C 30 -28.59 -46.20 -1.25
N ALA C 31 -28.07 -45.18 -1.94
CA ALA C 31 -28.28 -45.06 -3.38
C ALA C 31 -27.60 -46.22 -4.12
N ALA C 32 -26.42 -46.61 -3.68
CA ALA C 32 -25.69 -47.71 -4.28
C ALA C 32 -26.42 -49.04 -4.11
N ILE C 33 -26.96 -49.27 -2.91
CA ILE C 33 -27.75 -50.48 -2.67
C ILE C 33 -28.96 -50.52 -3.59
N ILE C 34 -29.72 -49.41 -3.64
CA ILE C 34 -30.92 -49.35 -4.47
C ILE C 34 -30.61 -49.49 -5.96
N ASP C 35 -29.58 -48.79 -6.43
CA ASP C 35 -29.24 -48.82 -7.85
C ASP C 35 -28.72 -50.19 -8.26
N GLU C 36 -27.98 -50.85 -7.36
CA GLU C 36 -27.50 -52.20 -7.60
C GLU C 36 -28.66 -53.19 -7.68
N LEU C 37 -29.69 -52.99 -6.86
CA LEU C 37 -30.84 -53.88 -6.83
C LEU C 37 -31.59 -53.87 -8.15
N LYS C 38 -31.54 -52.75 -8.87
CA LYS C 38 -32.16 -52.67 -10.18
C LYS C 38 -31.25 -53.26 -11.26
N ALA C 39 -29.94 -53.10 -11.10
CA ALA C 39 -28.97 -53.70 -12.01
C ALA C 39 -29.13 -55.22 -12.07
N GLN C 40 -29.41 -55.83 -10.92
CA GLN C 40 -29.66 -57.25 -10.83
C GLN C 40 -31.13 -57.58 -11.04
N GLU C 41 -31.92 -56.54 -11.30
CA GLU C 41 -33.36 -56.67 -11.53
C GLU C 41 -34.06 -57.40 -10.39
N LYS C 42 -33.58 -57.21 -9.16
CA LYS C 42 -34.27 -57.78 -8.01
C LYS C 42 -35.23 -56.75 -7.42
N LYS C 43 -36.18 -57.25 -6.64
CA LYS C 43 -37.21 -56.40 -6.06
C LYS C 43 -36.81 -55.90 -4.68
N LEU C 44 -37.10 -54.65 -4.40
CA LEU C 44 -36.91 -54.08 -3.08
C LEU C 44 -38.15 -54.41 -2.23
N GLY C 45 -37.97 -55.25 -1.21
CA GLY C 45 -39.08 -55.69 -0.38
C GLY C 45 -39.89 -54.55 0.19
N GLN C 46 -41.21 -54.74 0.29
CA GLN C 46 -42.10 -53.64 0.64
C GLN C 46 -42.75 -53.80 2.00
N THR C 47 -42.46 -54.90 2.68
CA THR C 47 -42.91 -55.10 4.05
C THR C 47 -41.70 -55.50 4.90
N PRO C 48 -41.81 -55.33 6.22
CA PRO C 48 -40.67 -55.59 7.09
C PRO C 48 -40.22 -57.04 6.99
N ASP C 49 -41.17 -57.96 6.88
CA ASP C 49 -40.89 -59.38 6.69
C ASP C 49 -40.22 -59.75 5.34
N THR C 50 -40.51 -58.98 4.30
CA THR C 50 -40.05 -59.28 2.94
C THR C 50 -38.77 -58.54 2.54
N ALA C 51 -38.08 -58.03 3.55
CA ALA C 51 -36.85 -57.28 3.39
C ALA C 51 -35.93 -58.05 2.46
N THR C 52 -35.36 -57.35 1.50
CA THR C 52 -34.48 -57.96 0.53
C THR C 52 -33.08 -58.17 1.06
N SER C 53 -32.63 -59.42 1.00
CA SER C 53 -31.28 -59.79 1.40
C SER C 53 -30.25 -59.13 0.46
N ILE C 54 -29.31 -58.38 1.01
CA ILE C 54 -28.30 -57.71 0.20
C ILE C 54 -26.88 -58.11 0.63
N GLY C 55 -25.89 -57.80 -0.21
CA GLY C 55 -24.51 -58.04 0.15
C GLY C 55 -24.09 -57.00 1.16
N HIS C 56 -22.87 -57.07 1.67
CA HIS C 56 -22.42 -56.01 2.57
C HIS C 56 -21.26 -55.21 1.96
N LYS C 57 -21.33 -55.06 0.65
CA LYS C 57 -20.40 -54.21 -0.10
C LYS C 57 -20.54 -52.72 0.25
N TYR C 58 -21.73 -52.30 0.66
CA TYR C 58 -21.99 -50.88 0.87
C TYR C 58 -22.41 -50.53 2.30
N ILE C 59 -21.92 -51.31 3.26
CA ILE C 59 -22.13 -50.98 4.65
C ILE C 59 -20.78 -50.90 5.36
N TYR C 60 -20.61 -49.82 6.12
CA TYR C 60 -19.30 -49.51 6.69
C TYR C 60 -19.42 -49.33 8.19
N SER C 62 -18.19 -48.98 12.26
CA SER C 62 -17.23 -48.43 13.21
C SER C 62 -17.74 -48.72 14.61
N SER C 63 -16.93 -48.46 15.62
CA SER C 63 -17.37 -48.73 17.00
C SER C 63 -16.80 -47.74 18.01
N ASP C 64 -17.40 -47.70 19.19
CA ASP C 64 -16.82 -46.96 20.32
C ASP C 64 -16.11 -47.91 21.31
N ASP C 65 -16.07 -49.18 20.96
CA ASP C 65 -15.64 -50.27 21.85
C ASP C 65 -14.43 -49.90 22.71
N PRO C 66 -14.66 -49.65 24.01
CA PRO C 66 -13.60 -49.24 24.93
C PRO C 66 -12.58 -50.35 25.16
N ARG C 67 -12.95 -51.59 24.83
CA ARG C 67 -12.01 -52.70 24.93
C ARG C 67 -11.12 -52.76 23.69
N GLY C 68 -11.41 -51.90 22.71
CA GLY C 68 -10.69 -51.93 21.46
C GLY C 68 -11.35 -52.77 20.39
N TRP C 69 -11.05 -52.47 19.14
CA TRP C 69 -11.71 -53.06 17.98
C TRP C 69 -10.90 -52.75 16.72
N SER C 70 -11.29 -53.34 15.60
CA SER C 70 -10.67 -52.99 14.31
C SER C 70 -11.49 -53.39 13.07
N VAL C 71 -11.30 -52.66 11.98
CA VAL C 71 -11.95 -53.00 10.71
C VAL C 71 -10.95 -53.50 9.68
N GLY C 72 -11.26 -54.66 9.10
CA GLY C 72 -10.37 -55.37 8.19
C GLY C 72 -10.43 -54.88 6.76
N ASN C 73 -9.77 -55.60 5.86
CA ASN C 73 -9.76 -55.19 4.48
C ASN C 73 -11.05 -55.62 3.82
N ASP C 74 -12.16 -55.20 4.43
CA ASP C 74 -13.47 -55.32 3.83
C ASP C 74 -14.46 -54.35 4.48
N PRO C 75 -15.52 -54.06 3.75
CA PRO C 75 -16.76 -53.51 4.32
C PRO C 75 -17.61 -54.69 4.78
N GLY C 76 -18.57 -54.44 5.65
CA GLY C 76 -19.37 -55.55 6.17
C GLY C 76 -18.64 -56.48 7.12
N ASN C 77 -17.47 -56.06 7.58
CA ASN C 77 -16.72 -56.82 8.59
C ASN C 77 -16.25 -55.93 9.73
N ILE C 78 -16.20 -56.50 10.94
CA ILE C 78 -15.69 -55.77 12.09
C ILE C 78 -15.24 -56.76 13.17
N THR C 79 -14.20 -56.38 13.90
CA THR C 79 -13.70 -57.17 15.02
C THR C 79 -13.84 -56.38 16.30
N LEU C 80 -14.56 -56.92 17.27
CA LEU C 80 -14.76 -56.23 18.53
C LEU C 80 -14.18 -57.02 19.69
N ASN C 81 -13.45 -56.36 20.58
CA ASN C 81 -13.08 -56.98 21.85
C ASN C 81 -14.27 -56.90 22.78
N ALA C 82 -14.81 -58.06 23.13
CA ALA C 82 -16.02 -58.10 23.93
C ALA C 82 -16.04 -59.36 24.78
N HIS C 83 -16.45 -59.22 26.03
CA HIS C 83 -16.63 -60.37 26.92
C HIS C 83 -18.08 -60.86 26.86
N VAL C 84 -18.27 -62.17 27.10
CA VAL C 84 -19.60 -62.71 27.26
C VAL C 84 -20.36 -61.89 28.30
N GLY C 85 -21.62 -61.58 28.02
CA GLY C 85 -22.39 -60.72 28.90
C GLY C 85 -22.33 -59.26 28.51
N ASP C 86 -21.43 -58.91 27.59
CA ASP C 86 -21.44 -57.55 27.02
C ASP C 86 -22.63 -57.43 26.07
N THR C 87 -23.02 -56.20 25.77
CA THR C 87 -24.12 -55.95 24.84
C THR C 87 -23.61 -55.14 23.64
N LEU C 88 -23.86 -55.62 22.42
CA LEU C 88 -23.62 -54.82 21.23
C LEU C 88 -24.88 -54.04 20.91
N SER C 89 -24.73 -52.75 20.66
CA SER C 89 -25.87 -51.91 20.29
C SER C 89 -25.68 -51.38 18.86
N PHE C 90 -26.56 -51.77 17.95
CA PHE C 90 -26.38 -51.46 16.54
C PHE C 90 -27.13 -50.20 16.13
N PHE C 91 -26.39 -49.23 15.61
CA PHE C 91 -26.92 -47.96 15.09
C PHE C 91 -26.63 -47.83 13.60
N CYS C 92 -27.29 -46.87 12.97
CA CYS C 92 -27.23 -46.78 11.53
C CYS C 92 -27.58 -45.40 10.94
N ALA C 93 -26.98 -45.07 9.79
CA ALA C 93 -27.33 -43.86 9.04
C ALA C 93 -26.82 -43.94 7.60
N SER C 94 -27.43 -43.16 6.71
CA SER C 94 -26.94 -43.03 5.34
C SER C 94 -25.66 -42.18 5.30
N THR C 95 -25.01 -42.13 4.13
CA THR C 95 -23.79 -41.34 3.97
C THR C 95 -24.09 -39.83 4.05
N SER C 96 -25.36 -39.46 4.01
CA SER C 96 -25.76 -38.06 4.14
C SER C 96 -26.33 -37.80 5.53
N ASP C 97 -26.01 -38.69 6.46
CA ASP C 97 -26.53 -38.64 7.82
C ASP C 97 -28.07 -38.61 7.84
N ASN C 98 -28.68 -39.38 6.94
CA ASN C 98 -30.14 -39.45 6.80
C ASN C 98 -30.78 -38.13 6.36
N SER C 99 -30.01 -37.24 5.73
CA SER C 99 -30.57 -35.94 5.32
C SER C 99 -31.14 -36.00 3.90
N GLU C 100 -30.74 -37.01 3.13
CA GLU C 100 -31.26 -37.13 1.77
C GLU C 100 -31.88 -38.51 1.66
N TYR C 101 -31.10 -39.52 1.32
CA TYR C 101 -31.55 -40.88 1.60
C TYR C 101 -31.43 -41.10 3.10
N ALA C 102 -32.28 -41.96 3.67
CA ALA C 102 -32.18 -42.30 5.09
C ALA C 102 -32.36 -43.80 5.31
N ALA C 103 -31.85 -44.28 6.45
CA ALA C 103 -31.97 -45.67 6.84
C ALA C 103 -32.20 -45.81 8.34
N PHE C 104 -32.98 -46.80 8.72
CA PHE C 104 -33.28 -47.07 10.12
C PHE C 104 -33.32 -48.57 10.34
N ILE C 105 -32.56 -49.06 11.32
CA ILE C 105 -32.66 -50.46 11.72
C ILE C 105 -33.95 -50.69 12.51
N TYR C 106 -34.63 -51.78 12.21
CA TYR C 106 -35.85 -52.15 12.94
C TYR C 106 -35.80 -53.57 13.50
N ARG C 107 -34.75 -54.33 13.19
CA ARG C 107 -34.68 -55.73 13.58
C ARG C 107 -33.29 -56.33 13.45
N LEU C 108 -32.98 -57.28 14.34
CA LEU C 108 -31.81 -58.14 14.23
C LEU C 108 -32.29 -59.58 14.43
N THR C 109 -31.77 -60.53 13.65
CA THR C 109 -32.11 -61.95 13.80
C THR C 109 -30.87 -62.83 13.76
N GLY C 110 -30.98 -64.02 14.33
CA GLY C 110 -29.93 -65.01 14.23
C GLY C 110 -28.73 -64.73 15.08
N GLY C 111 -27.59 -65.28 14.66
CA GLY C 111 -26.33 -65.07 15.33
C GLY C 111 -26.15 -66.04 16.54
N ASP C 112 -26.93 -67.13 16.94
N ASP C 112 -26.92 -67.02 17.09
CA ASP C 112 -26.57 -68.18 17.87
CA ASP C 112 -26.47 -68.05 18.03
C ASP C 112 -25.39 -68.98 17.29
C ASP C 112 -25.45 -68.97 17.37
N PRO C 113 -24.48 -69.36 18.17
CA PRO C 113 -24.46 -69.12 19.62
C PRO C 113 -23.74 -67.87 20.12
N HIS C 114 -23.23 -67.05 19.22
CA HIS C 114 -22.36 -65.93 19.61
C HIS C 114 -23.13 -64.70 20.07
N LEU C 115 -24.20 -64.37 19.35
CA LEU C 115 -24.99 -63.18 19.66
C LEU C 115 -26.46 -63.52 19.91
N ASP C 116 -27.04 -62.90 20.93
CA ASP C 116 -28.49 -62.99 21.14
C ASP C 116 -29.18 -61.63 20.96
N PRO C 117 -29.80 -61.41 19.80
CA PRO C 117 -30.50 -60.15 19.49
C PRO C 117 -31.68 -59.87 20.42
N SER C 118 -31.95 -58.58 20.61
CA SER C 118 -33.16 -58.15 21.29
C SER C 118 -34.02 -57.45 20.26
N HIS C 119 -35.16 -56.90 20.71
CA HIS C 119 -36.04 -56.19 19.79
C HIS C 119 -35.64 -54.72 19.75
N VAL C 120 -36.02 -54.04 18.66
CA VAL C 120 -35.63 -52.64 18.43
C VAL C 120 -36.04 -51.69 19.56
N GLU C 121 -35.15 -50.78 19.90
CA GLU C 121 -35.53 -49.71 20.80
C GLU C 121 -35.66 -48.40 20.04
N VAL C 122 -36.82 -47.79 20.13
CA VAL C 122 -37.00 -46.45 19.57
C VAL C 122 -36.69 -45.42 20.65
N ILE C 123 -35.64 -44.65 20.40
CA ILE C 123 -35.22 -43.63 21.36
C ILE C 123 -35.91 -42.34 20.95
N LYS C 124 -36.63 -41.74 21.87
CA LYS C 124 -37.24 -40.45 21.57
C LYS C 124 -36.72 -39.42 22.55
N LEU C 125 -35.81 -38.57 22.08
CA LEU C 125 -35.30 -37.52 22.95
C LEU C 125 -36.17 -36.30 22.75
N GLN C 126 -36.66 -35.71 23.84
CA GLN C 126 -37.49 -34.51 23.74
C GLN C 126 -36.63 -33.31 23.42
N ASN C 127 -35.37 -33.36 23.84
CA ASN C 127 -34.47 -32.25 23.60
C ASN C 127 -33.10 -32.69 23.07
N ALA C 128 -33.13 -33.32 21.91
CA ALA C 128 -31.90 -33.66 21.18
C ALA C 128 -31.22 -32.40 20.67
N ALA C 129 -29.88 -32.38 20.64
CA ALA C 129 -29.19 -31.21 20.09
C ALA C 129 -29.49 -31.09 18.60
N GLN C 130 -29.73 -29.88 18.14
CA GLN C 130 -30.07 -29.56 16.76
C GLN C 130 -29.36 -28.29 16.32
N PRO C 131 -28.73 -28.30 15.14
CA PRO C 131 -28.14 -27.08 14.58
C PRO C 131 -29.24 -26.09 14.20
N THR C 132 -28.92 -24.80 14.15
CA THR C 132 -29.86 -23.79 13.67
C THR C 132 -29.25 -23.03 12.48
N PRO C 133 -30.04 -22.56 11.54
CA PRO C 133 -29.48 -21.77 10.43
C PRO C 133 -29.14 -20.38 10.94
N SER C 134 -28.21 -19.68 10.33
CA SER C 134 -27.47 -20.09 9.17
C SER C 134 -26.07 -20.59 9.54
N ASN C 135 -25.73 -20.57 10.81
CA ASN C 135 -24.38 -20.88 11.27
C ASN C 135 -24.13 -22.16 12.09
N GLY C 136 -25.18 -22.91 12.39
CA GLY C 136 -25.11 -24.10 13.22
C GLY C 136 -25.24 -23.74 14.69
N TYR C 137 -24.28 -22.96 15.18
CA TYR C 137 -24.41 -22.31 16.47
C TYR C 137 -25.20 -21.03 16.23
N PRO C 138 -25.94 -20.54 17.23
CA PRO C 138 -26.18 -21.24 18.50
C PRO C 138 -27.07 -22.46 18.27
N PHE C 139 -26.70 -23.58 18.88
CA PHE C 139 -27.48 -24.79 18.74
C PHE C 139 -28.74 -24.67 19.59
N THR C 140 -29.75 -25.46 19.27
CA THR C 140 -30.95 -25.52 20.09
C THR C 140 -31.22 -26.97 20.46
N THR C 141 -32.37 -27.24 21.07
CA THR C 141 -32.80 -28.62 21.28
C THR C 141 -34.23 -28.79 20.80
N ALA C 142 -34.54 -30.01 20.36
CA ALA C 142 -35.85 -30.28 19.78
C ALA C 142 -36.10 -31.78 19.79
N PRO C 143 -37.38 -32.21 19.69
CA PRO C 143 -37.62 -33.65 19.74
C PRO C 143 -37.17 -34.36 18.47
N VAL C 144 -36.47 -35.47 18.65
CA VAL C 144 -35.96 -36.27 17.54
C VAL C 144 -36.07 -37.73 17.96
N ALA C 145 -36.41 -38.59 17.01
CA ALA C 145 -36.46 -40.03 17.29
C ALA C 145 -35.33 -40.77 16.60
N PHE C 146 -34.84 -41.81 17.25
CA PHE C 146 -33.71 -42.60 16.77
C PHE C 146 -34.08 -44.06 16.93
N SER C 147 -33.39 -44.97 16.24
CA SER C 147 -33.58 -46.38 16.56
C SER C 147 -32.26 -47.10 16.65
N SER C 148 -32.24 -48.09 17.53
CA SER C 148 -31.11 -48.97 17.69
C SER C 148 -31.65 -50.34 18.07
N CYS C 149 -30.84 -51.36 17.85
CA CYS C 149 -31.20 -52.70 18.26
C CYS C 149 -30.02 -53.38 18.91
N ASP C 150 -30.27 -54.05 20.04
CA ASP C 150 -29.20 -54.66 20.81
C ASP C 150 -28.99 -56.14 20.52
N ALA C 151 -27.82 -56.63 20.90
CA ALA C 151 -27.52 -58.05 20.82
C ALA C 151 -26.53 -58.41 21.93
N LYS C 152 -26.93 -59.34 22.79
CA LYS C 152 -26.10 -59.73 23.91
C LYS C 152 -25.00 -60.68 23.45
N VAL C 153 -23.80 -60.48 23.96
CA VAL C 153 -22.67 -61.33 23.62
C VAL C 153 -22.75 -62.61 24.44
N ALA C 154 -23.13 -63.71 23.79
CA ALA C 154 -23.31 -65.00 24.47
C ALA C 154 -22.05 -65.88 24.40
N GLN C 155 -21.30 -65.76 23.32
CA GLN C 155 -20.08 -66.55 23.17
C GLN C 155 -19.10 -65.84 22.25
N GLN C 156 -17.82 -65.83 22.63
CA GLN C 156 -16.80 -65.23 21.79
C GLN C 156 -16.66 -66.03 20.50
N GLY C 157 -16.17 -65.38 19.44
CA GLY C 157 -16.08 -66.00 18.14
C GLY C 157 -16.70 -65.19 17.02
N GLN C 158 -17.01 -65.84 15.90
CA GLN C 158 -17.60 -65.16 14.76
C GLN C 158 -19.04 -65.60 14.52
N ALA C 159 -19.95 -64.64 14.42
CA ALA C 159 -21.36 -64.98 14.25
C ALA C 159 -21.66 -65.20 12.77
N LYS C 160 -21.91 -66.46 12.42
N LYS C 160 -21.82 -66.38 12.16
CA LYS C 160 -22.21 -66.86 11.04
CA LYS C 160 -22.17 -66.54 10.74
C LYS C 160 -23.51 -66.35 10.42
C LYS C 160 -23.55 -66.06 10.30
N ASN C 161 -24.59 -66.38 11.18
N ASN C 161 -24.54 -66.27 11.17
CA ASN C 161 -25.91 -66.17 10.59
CA ASN C 161 -25.95 -66.34 10.85
C ASN C 161 -26.67 -65.11 11.35
C ASN C 161 -26.77 -65.12 11.25
N PHE C 162 -26.14 -63.90 11.28
N PHE C 162 -26.09 -63.98 11.42
CA PHE C 162 -26.67 -62.76 12.00
CA PHE C 162 -26.65 -62.78 12.03
C PHE C 162 -27.07 -61.70 11.00
C PHE C 162 -27.07 -61.71 11.02
N TYR C 163 -28.33 -61.26 11.09
CA TYR C 163 -28.85 -60.34 10.11
C TYR C 163 -29.29 -59.02 10.72
N VAL C 164 -28.89 -57.94 10.09
CA VAL C 164 -29.38 -56.61 10.43
C VAL C 164 -30.43 -56.23 9.40
N TRP C 165 -31.59 -55.76 9.86
CA TRP C 165 -32.69 -55.38 8.96
C TRP C 165 -32.95 -53.88 9.03
N ALA C 166 -33.04 -53.23 7.88
CA ALA C 166 -33.26 -51.78 7.92
C ALA C 166 -34.27 -51.30 6.88
N ALA C 167 -34.98 -50.24 7.21
CA ALA C 167 -35.86 -49.60 6.22
C ALA C 167 -35.10 -48.48 5.51
N LEU C 168 -35.30 -48.35 4.20
CA LEU C 168 -34.63 -47.32 3.41
C LEU C 168 -35.60 -46.28 2.89
N PHE C 169 -35.16 -45.03 2.90
CA PHE C 169 -36.00 -43.91 2.50
C PHE C 169 -35.28 -43.01 1.49
N THR C 170 -36.08 -42.37 0.63
CA THR C 170 -35.59 -41.40 -0.32
C THR C 170 -36.35 -40.08 -0.15
N LEU C 171 -35.76 -39.00 -0.63
CA LEU C 171 -36.38 -37.69 -0.66
C LEU C 171 -37.43 -37.64 -1.78
N ASP C 172 -38.61 -37.06 -1.54
CA ASP C 172 -39.62 -37.03 -2.59
C ASP C 172 -39.55 -35.71 -3.35
N ASP C 173 -40.53 -35.44 -4.21
CA ASP C 173 -40.43 -34.30 -5.13
C ASP C 173 -40.65 -32.95 -4.44
N SER C 174 -40.94 -32.96 -3.14
CA SER C 174 -41.01 -31.69 -2.41
C SER C 174 -39.61 -31.26 -1.96
N GLY C 175 -38.70 -32.22 -1.86
CA GLY C 175 -37.38 -31.95 -1.29
C GLY C 175 -37.41 -31.83 0.23
N GLU C 176 -38.59 -31.99 0.79
CA GLU C 176 -38.82 -31.72 2.22
C GLU C 176 -39.25 -32.96 2.97
N LYS C 177 -39.58 -34.01 2.23
N LYS C 177 -39.54 -34.02 2.23
CA LYS C 177 -40.15 -35.22 2.82
CA LYS C 177 -40.15 -35.21 2.81
C LYS C 177 -39.44 -36.50 2.37
C LYS C 177 -39.49 -36.52 2.36
N GLN C 178 -39.20 -37.40 3.31
CA GLN C 178 -38.64 -38.70 2.99
C GLN C 178 -39.71 -39.77 2.95
N VAL C 179 -39.72 -40.56 1.88
CA VAL C 179 -40.74 -41.61 1.73
C VAL C 179 -40.06 -42.98 1.68
N LEU C 180 -40.76 -43.98 2.19
CA LEU C 180 -40.25 -45.35 2.25
C LEU C 180 -39.90 -45.91 0.87
N ALA C 181 -38.66 -46.35 0.69
CA ALA C 181 -38.26 -47.01 -0.55
C ALA C 181 -38.47 -48.50 -0.42
N GLY C 182 -38.13 -49.04 0.74
CA GLY C 182 -38.25 -50.46 0.96
C GLY C 182 -37.42 -50.97 2.12
N TYR C 183 -37.38 -52.29 2.23
CA TYR C 183 -36.73 -52.97 3.33
C TYR C 183 -35.60 -53.88 2.86
N VAL C 184 -34.44 -53.80 3.51
CA VAL C 184 -33.32 -54.66 3.18
C VAL C 184 -32.76 -55.32 4.43
N LYS C 185 -32.00 -56.40 4.21
CA LYS C 185 -31.28 -57.02 5.29
C LYS C 185 -29.91 -57.46 4.80
N TRP C 186 -28.91 -57.29 5.64
CA TRP C 186 -27.58 -57.76 5.31
C TRP C 186 -27.05 -58.57 6.47
N ASP C 187 -26.00 -59.35 6.21
CA ASP C 187 -25.43 -60.19 7.24
C ASP C 187 -23.97 -59.80 7.45
N PRO C 188 -23.74 -58.84 8.35
CA PRO C 188 -22.37 -58.40 8.61
C PRO C 188 -21.60 -59.49 9.31
N THR C 189 -20.29 -59.50 9.15
CA THR C 189 -19.45 -60.44 9.85
C THR C 189 -18.96 -59.81 11.14
N VAL C 190 -19.49 -60.27 12.27
CA VAL C 190 -19.10 -59.66 13.53
C VAL C 190 -18.24 -60.64 14.34
N ASN C 191 -16.96 -60.31 14.45
CA ASN C 191 -16.02 -61.09 15.25
C ASN C 191 -15.96 -60.56 16.68
N VAL C 192 -16.39 -61.39 17.62
CA VAL C 192 -16.25 -61.05 19.03
C VAL C 192 -15.02 -61.76 19.61
N ALA C 193 -13.93 -61.01 19.74
CA ALA C 193 -12.67 -61.56 20.22
C ALA C 193 -12.53 -61.44 21.73
N SER D 18 -18.98 -34.51 -16.23
CA SER D 18 -19.87 -33.69 -15.42
C SER D 18 -19.45 -33.73 -13.95
N HIS D 19 -19.56 -32.58 -13.29
CA HIS D 19 -19.16 -32.46 -11.89
C HIS D 19 -20.21 -33.09 -11.00
N ILE D 20 -19.77 -33.70 -9.90
CA ILE D 20 -20.71 -34.34 -8.99
C ILE D 20 -20.42 -33.95 -7.55
N THR D 21 -21.38 -34.27 -6.69
CA THR D 21 -21.24 -34.10 -5.25
C THR D 21 -20.94 -35.44 -4.61
N ILE D 22 -19.95 -35.45 -3.72
CA ILE D 22 -19.50 -36.66 -3.04
C ILE D 22 -19.72 -36.53 -1.54
N ASN D 23 -20.46 -37.46 -0.95
CA ASN D 23 -20.64 -37.43 0.49
C ASN D 23 -19.44 -38.00 1.26
N VAL D 24 -18.98 -37.28 2.26
CA VAL D 24 -17.98 -37.81 3.17
C VAL D 24 -18.60 -37.84 4.55
N THR D 26 -18.38 -38.88 8.43
CA THR D 26 -17.43 -39.17 9.50
C THR D 26 -18.16 -39.63 10.77
N VAL D 27 -17.89 -40.86 11.20
CA VAL D 27 -18.35 -41.32 12.51
C VAL D 27 -17.33 -40.95 13.58
N ILE D 28 -17.82 -40.40 14.70
CA ILE D 28 -16.97 -39.85 15.75
C ILE D 28 -17.16 -40.58 17.09
N ASP D 29 -16.08 -41.08 17.68
CA ASP D 29 -16.10 -41.62 19.03
C ASP D 29 -15.98 -40.49 20.05
N VAL D 30 -17.10 -39.85 20.37
CA VAL D 30 -17.13 -38.63 21.18
C VAL D 30 -16.62 -38.85 22.62
N ALA D 31 -16.95 -39.99 23.22
CA ALA D 31 -16.50 -40.31 24.57
C ALA D 31 -14.99 -40.45 24.62
N ALA D 32 -14.42 -41.17 23.66
CA ALA D 32 -12.97 -41.35 23.58
C ALA D 32 -12.25 -40.04 23.33
N ILE D 33 -12.88 -39.15 22.58
CA ILE D 33 -12.28 -37.86 22.29
C ILE D 33 -12.26 -37.01 23.55
N ILE D 34 -13.39 -36.99 24.27
CA ILE D 34 -13.47 -36.23 25.50
C ILE D 34 -12.52 -36.77 26.57
N ASP D 35 -12.46 -38.10 26.69
CA ASP D 35 -11.60 -38.76 27.68
C ASP D 35 -10.12 -38.46 27.45
N GLU D 36 -9.66 -38.65 26.22
CA GLU D 36 -8.26 -38.42 25.87
C GLU D 36 -7.82 -36.98 26.13
N LEU D 37 -8.70 -36.02 25.87
CA LEU D 37 -8.40 -34.62 26.14
C LEU D 37 -8.17 -34.37 27.62
N LYS D 38 -8.86 -35.14 28.46
CA LYS D 38 -8.67 -35.06 29.90
C LYS D 38 -7.38 -35.74 30.31
N ALA D 39 -7.16 -36.94 29.75
CA ALA D 39 -5.97 -37.71 30.02
C ALA D 39 -4.72 -36.97 29.56
N GLN D 40 -4.83 -36.31 28.42
CA GLN D 40 -3.72 -35.54 27.87
C GLN D 40 -3.76 -34.10 28.35
N GLU D 41 -4.52 -33.86 29.41
CA GLU D 41 -4.49 -32.60 30.15
C GLU D 41 -4.74 -31.39 29.26
N LYS D 42 -5.82 -31.43 28.50
CA LYS D 42 -6.16 -30.38 27.54
C LYS D 42 -7.54 -29.76 27.75
N LYS D 43 -7.73 -28.59 27.12
CA LYS D 43 -8.93 -27.78 27.28
C LYS D 43 -9.93 -28.00 26.15
N LEU D 44 -11.18 -28.31 26.51
CA LEU D 44 -12.26 -28.39 25.53
C LEU D 44 -12.80 -26.98 25.28
N GLY D 45 -12.58 -26.45 24.08
CA GLY D 45 -12.95 -25.07 23.76
C GLY D 45 -14.43 -24.81 23.93
N GLN D 46 -14.78 -23.60 24.39
CA GLN D 46 -16.18 -23.31 24.73
C GLN D 46 -16.84 -22.34 23.78
N THR D 47 -16.07 -21.84 22.80
CA THR D 47 -16.63 -21.03 21.74
C THR D 47 -16.27 -21.66 20.40
N PRO D 48 -17.10 -21.44 19.37
CA PRO D 48 -16.79 -22.00 18.04
C PRO D 48 -15.40 -21.62 17.52
N ASP D 49 -14.94 -20.41 17.85
CA ASP D 49 -13.66 -19.93 17.37
C ASP D 49 -12.49 -20.52 18.16
N THR D 50 -12.78 -21.01 19.36
CA THR D 50 -11.72 -21.55 20.21
C THR D 50 -11.78 -23.07 20.29
N ALA D 51 -12.21 -23.71 19.20
CA ALA D 51 -12.28 -25.16 19.15
C ALA D 51 -10.90 -25.80 19.40
N THR D 52 -10.89 -26.87 20.17
CA THR D 52 -9.66 -27.59 20.51
C THR D 52 -9.19 -28.51 19.40
N SER D 53 -7.93 -28.36 19.00
CA SER D 53 -7.31 -29.30 18.06
C SER D 53 -7.18 -30.67 18.70
N ILE D 54 -7.73 -31.68 18.04
CA ILE D 54 -7.59 -33.03 18.54
C ILE D 54 -6.93 -33.85 17.44
N GLY D 55 -6.68 -35.12 17.71
CA GLY D 55 -6.10 -35.98 16.70
C GLY D 55 -7.15 -36.41 15.70
N HIS D 56 -6.76 -37.23 14.75
CA HIS D 56 -7.72 -37.82 13.83
C HIS D 56 -7.77 -39.33 14.04
N LYS D 57 -7.63 -39.75 15.30
CA LYS D 57 -7.60 -41.16 15.66
C LYS D 57 -9.00 -41.75 15.87
N TYR D 58 -9.90 -40.95 16.42
CA TYR D 58 -11.26 -41.41 16.75
C TYR D 58 -12.26 -40.90 15.71
N ILE D 59 -11.73 -40.78 14.49
CA ILE D 59 -12.40 -40.19 13.34
C ILE D 59 -12.49 -41.28 12.28
N TYR D 60 -13.69 -41.71 11.93
CA TYR D 60 -13.81 -42.82 10.97
C TYR D 60 -14.64 -42.44 9.76
N SER D 62 -16.24 -42.67 5.83
CA SER D 62 -16.69 -43.43 4.67
C SER D 62 -17.31 -42.45 3.67
N SER D 63 -17.71 -42.97 2.53
CA SER D 63 -18.16 -42.13 1.43
C SER D 63 -19.19 -42.85 0.57
N ASP D 64 -19.94 -42.08 -0.22
CA ASP D 64 -20.78 -42.64 -1.26
C ASP D 64 -20.15 -42.46 -2.65
N ASP D 65 -18.88 -42.05 -2.69
CA ASP D 65 -18.21 -41.65 -3.93
C ASP D 65 -18.41 -42.65 -5.07
N PRO D 66 -19.23 -42.27 -6.08
CA PRO D 66 -19.50 -43.22 -7.16
C PRO D 66 -18.36 -43.30 -8.17
N ARG D 67 -17.37 -42.41 -8.08
CA ARG D 67 -16.14 -42.54 -8.87
C ARG D 67 -15.21 -43.55 -8.22
N GLY D 68 -15.60 -44.05 -7.04
CA GLY D 68 -14.78 -44.97 -6.28
C GLY D 68 -14.01 -44.29 -5.17
N TRP D 69 -13.68 -45.05 -4.13
CA TRP D 69 -12.94 -44.50 -2.99
C TRP D 69 -12.34 -45.63 -2.19
N SER D 70 -11.40 -45.31 -1.31
CA SER D 70 -10.82 -46.32 -0.44
C SER D 70 -10.40 -45.73 0.90
N VAL D 71 -10.32 -46.59 1.91
CA VAL D 71 -9.92 -46.18 3.25
C VAL D 71 -8.60 -46.83 3.66
N GLY D 72 -7.67 -46.01 4.15
CA GLY D 72 -6.36 -46.46 4.61
C GLY D 72 -6.30 -47.15 5.96
N ASN D 73 -5.21 -47.87 6.19
CA ASN D 73 -4.96 -48.51 7.48
C ASN D 73 -4.83 -47.49 8.60
N ASP D 74 -4.18 -46.37 8.31
CA ASP D 74 -4.02 -45.27 9.28
C ASP D 74 -5.37 -44.62 9.61
N PRO D 75 -5.50 -44.16 10.92
CA PRO D 75 -6.82 -43.55 11.20
C PRO D 75 -7.02 -42.16 10.59
N GLY D 76 -8.28 -41.77 10.39
CA GLY D 76 -8.63 -40.46 9.88
C GLY D 76 -8.06 -40.14 8.51
N ASN D 77 -8.08 -41.14 7.63
CA ASN D 77 -7.58 -41.02 6.28
C ASN D 77 -8.64 -41.50 5.31
N ILE D 78 -8.70 -40.88 4.15
CA ILE D 78 -9.57 -41.40 3.11
C ILE D 78 -9.03 -40.97 1.76
N THR D 79 -9.22 -41.85 0.79
CA THR D 79 -8.88 -41.53 -0.58
C THR D 79 -10.15 -41.56 -1.42
N LEU D 80 -10.41 -40.43 -2.07
CA LEU D 80 -11.61 -40.27 -2.90
C LEU D 80 -11.18 -40.02 -4.32
N ASN D 81 -11.71 -40.79 -5.27
CA ASN D 81 -11.59 -40.38 -6.66
C ASN D 81 -12.48 -39.17 -6.90
N ALA D 82 -11.89 -38.08 -7.40
CA ALA D 82 -12.65 -36.85 -7.64
C ALA D 82 -11.99 -35.98 -8.67
N HIS D 83 -12.80 -35.37 -9.53
CA HIS D 83 -12.32 -34.40 -10.49
C HIS D 83 -12.34 -33.00 -9.90
N VAL D 84 -11.43 -32.15 -10.39
CA VAL D 84 -11.51 -30.73 -10.12
C VAL D 84 -12.90 -30.25 -10.55
N GLY D 85 -13.58 -29.53 -9.67
CA GLY D 85 -14.96 -29.12 -9.92
C GLY D 85 -15.98 -29.94 -9.15
N ASP D 86 -15.57 -31.11 -8.66
CA ASP D 86 -16.47 -31.91 -7.86
C ASP D 86 -16.65 -31.22 -6.52
N THR D 87 -17.65 -31.62 -5.77
CA THR D 87 -17.87 -31.03 -4.47
C THR D 87 -17.90 -32.14 -3.42
N LEU D 88 -17.13 -31.97 -2.35
CA LEU D 88 -17.19 -32.89 -1.22
C LEU D 88 -18.20 -32.36 -0.20
N SER D 89 -19.10 -33.19 0.29
CA SER D 89 -20.00 -32.74 1.36
C SER D 89 -19.74 -33.51 2.64
N PHE D 90 -19.32 -32.83 3.68
CA PHE D 90 -18.90 -33.47 4.92
C PHE D 90 -20.04 -33.56 5.94
N PHE D 91 -20.36 -34.78 6.35
CA PHE D 91 -21.41 -35.04 7.33
C PHE D 91 -20.77 -35.72 8.55
N CYS D 92 -21.45 -35.73 9.69
CA CYS D 92 -20.95 -36.58 10.78
C CYS D 92 -21.99 -37.03 11.77
N ALA D 93 -21.60 -38.00 12.58
CA ALA D 93 -22.46 -38.52 13.63
C ALA D 93 -21.61 -39.24 14.68
N SER D 94 -22.09 -39.26 15.92
CA SER D 94 -21.42 -40.06 16.95
C SER D 94 -21.69 -41.54 16.69
N THR D 95 -21.06 -42.41 17.48
CA THR D 95 -21.23 -43.85 17.30
C THR D 95 -22.63 -44.34 17.70
N SER D 96 -23.40 -43.46 18.32
CA SER D 96 -24.80 -43.77 18.68
C SER D 96 -25.78 -43.02 17.76
N ASP D 97 -25.29 -42.58 16.60
CA ASP D 97 -26.10 -41.79 15.69
C ASP D 97 -26.67 -40.56 16.39
N ASN D 98 -25.84 -39.91 17.20
CA ASN D 98 -26.23 -38.68 17.91
C ASN D 98 -27.39 -38.88 18.90
N SER D 99 -27.64 -40.13 19.28
CA SER D 99 -28.74 -40.40 20.22
C SER D 99 -28.27 -40.36 21.68
N GLU D 100 -26.97 -40.38 21.93
CA GLU D 100 -26.49 -40.24 23.31
C GLU D 100 -25.45 -39.10 23.39
N TYR D 101 -24.20 -39.40 23.08
CA TYR D 101 -23.28 -38.34 22.69
C TYR D 101 -23.70 -37.87 21.29
N ALA D 102 -23.43 -36.61 20.93
CA ALA D 102 -23.74 -36.13 19.58
C ALA D 102 -22.65 -35.20 19.07
N ALA D 103 -22.54 -35.10 17.74
CA ALA D 103 -21.62 -34.15 17.11
C ALA D 103 -22.24 -33.49 15.89
N PHE D 104 -21.90 -32.22 15.67
CA PHE D 104 -22.36 -31.51 14.49
C PHE D 104 -21.23 -30.68 13.90
N ILE D 105 -20.96 -30.87 12.61
CA ILE D 105 -19.97 -30.04 11.92
C ILE D 105 -20.55 -28.65 11.73
N TYR D 106 -19.74 -27.62 11.98
CA TYR D 106 -20.23 -26.26 11.77
C TYR D 106 -19.26 -25.42 10.93
N ARG D 107 -18.13 -25.99 10.56
CA ARG D 107 -17.08 -25.23 9.88
C ARG D 107 -15.99 -26.15 9.29
N LEU D 108 -15.46 -25.77 8.12
CA LEU D 108 -14.25 -26.33 7.53
C LEU D 108 -13.32 -25.19 7.19
N THR D 109 -12.02 -25.37 7.39
CA THR D 109 -11.06 -24.34 6.99
C THR D 109 -9.86 -24.97 6.33
N GLY D 110 -9.16 -24.17 5.51
CA GLY D 110 -7.88 -24.57 4.97
C GLY D 110 -8.01 -25.46 3.75
N GLY D 111 -7.01 -26.30 3.50
CA GLY D 111 -7.07 -27.23 2.38
C GLY D 111 -6.48 -26.72 1.06
N ASP D 112 -6.08 -25.44 1.05
N ASP D 112 -6.22 -25.43 0.90
CA ASP D 112 -5.48 -24.82 -0.13
CA ASP D 112 -5.66 -24.96 -0.35
C ASP D 112 -4.17 -25.53 -0.48
C ASP D 112 -4.23 -25.48 -0.54
N PRO D 113 -3.95 -25.85 -1.76
CA PRO D 113 -4.73 -25.60 -2.98
C PRO D 113 -5.71 -26.71 -3.39
N HIS D 114 -5.77 -27.80 -2.62
CA HIS D 114 -6.55 -28.94 -3.05
C HIS D 114 -8.05 -28.80 -2.81
N LEU D 115 -8.43 -28.25 -1.66
CA LEU D 115 -9.83 -28.08 -1.30
C LEU D 115 -10.15 -26.62 -1.00
N ASP D 116 -11.36 -26.19 -1.35
CA ASP D 116 -11.83 -24.86 -0.97
C ASP D 116 -13.16 -24.96 -0.22
N PRO D 117 -13.10 -24.93 1.13
CA PRO D 117 -14.30 -25.04 1.97
C PRO D 117 -15.34 -23.96 1.70
N SER D 118 -16.61 -24.33 1.84
CA SER D 118 -17.69 -23.35 1.88
C SER D 118 -18.17 -23.25 3.33
N HIS D 119 -19.23 -22.48 3.57
CA HIS D 119 -19.78 -22.35 4.93
C HIS D 119 -20.88 -23.39 5.17
N VAL D 120 -21.14 -23.67 6.44
CA VAL D 120 -22.05 -24.75 6.82
C VAL D 120 -23.45 -24.57 6.25
N GLU D 121 -24.03 -25.68 5.81
CA GLU D 121 -25.40 -25.77 5.35
C GLU D 121 -26.27 -26.48 6.41
N VAL D 122 -27.20 -25.73 6.99
CA VAL D 122 -28.16 -26.33 7.91
C VAL D 122 -29.46 -26.63 7.20
N ILE D 123 -29.81 -27.90 7.15
CA ILE D 123 -31.01 -28.36 6.48
C ILE D 123 -32.04 -28.73 7.52
N LYS D 124 -33.28 -28.28 7.35
CA LYS D 124 -34.37 -28.78 8.17
C LYS D 124 -35.40 -29.49 7.29
N LEU D 125 -35.53 -30.80 7.43
CA LEU D 125 -36.60 -31.51 6.74
C LEU D 125 -37.84 -31.43 7.63
N GLN D 126 -38.90 -30.77 7.17
CA GLN D 126 -40.11 -30.70 7.98
C GLN D 126 -40.74 -32.10 8.14
N ASN D 127 -40.53 -32.94 7.15
CA ASN D 127 -41.06 -34.30 7.18
C ASN D 127 -39.97 -35.33 6.94
N ALA D 128 -38.93 -35.28 7.76
CA ALA D 128 -37.91 -36.33 7.79
C ALA D 128 -38.53 -37.67 8.23
N ALA D 129 -38.04 -38.77 7.68
CA ALA D 129 -38.51 -40.09 8.11
C ALA D 129 -38.06 -40.34 9.56
N GLN D 130 -38.97 -40.87 10.36
CA GLN D 130 -38.72 -41.15 11.76
C GLN D 130 -39.33 -42.49 12.16
N PRO D 131 -38.63 -43.26 13.00
CA PRO D 131 -39.23 -44.47 13.55
C PRO D 131 -40.29 -44.12 14.59
N THR D 132 -41.26 -45.01 14.77
CA THR D 132 -42.29 -44.85 15.79
C THR D 132 -42.13 -45.96 16.82
N PRO D 133 -42.40 -45.68 18.10
CA PRO D 133 -42.47 -46.77 19.06
C PRO D 133 -43.73 -47.60 18.83
N SER D 134 -43.67 -48.91 19.06
CA SER D 134 -42.49 -49.53 19.67
C SER D 134 -41.71 -50.42 18.72
N ASN D 135 -42.17 -50.51 17.47
CA ASN D 135 -41.52 -51.41 16.51
C ASN D 135 -40.74 -50.70 15.40
N GLY D 136 -40.62 -49.38 15.49
CA GLY D 136 -39.97 -48.62 14.42
C GLY D 136 -40.92 -48.40 13.25
N TYR D 137 -41.35 -49.50 12.63
CA TYR D 137 -42.40 -49.45 11.62
C TYR D 137 -43.76 -49.50 12.32
N PRO D 138 -44.80 -48.92 11.72
CA PRO D 138 -44.74 -48.10 10.51
C PRO D 138 -44.14 -46.74 10.84
N PHE D 139 -43.22 -46.29 10.00
CA PHE D 139 -42.51 -45.05 10.24
C PHE D 139 -43.42 -43.84 10.05
N THR D 140 -42.99 -42.68 10.54
CA THR D 140 -43.76 -41.47 10.34
C THR D 140 -42.83 -40.41 9.80
N THR D 141 -43.31 -39.18 9.72
CA THR D 141 -42.43 -38.07 9.36
C THR D 141 -42.58 -36.96 10.40
N ALA D 142 -41.52 -36.19 10.60
CA ALA D 142 -41.48 -35.15 11.61
C ALA D 142 -40.26 -34.26 11.36
N PRO D 143 -40.23 -33.06 11.96
CA PRO D 143 -39.12 -32.17 11.63
C PRO D 143 -37.82 -32.60 12.28
N VAL D 144 -36.75 -32.61 11.49
CA VAL D 144 -35.41 -32.88 12.02
C VAL D 144 -34.43 -31.95 11.29
N ALA D 145 -33.43 -31.43 12.00
CA ALA D 145 -32.40 -30.61 11.41
C ALA D 145 -31.10 -31.40 11.25
N PHE D 146 -30.31 -31.02 10.25
CA PHE D 146 -29.07 -31.69 9.92
C PHE D 146 -28.05 -30.63 9.55
N SER D 147 -26.77 -30.90 9.71
CA SER D 147 -25.81 -29.94 9.18
C SER D 147 -24.73 -30.65 8.42
N SER D 148 -24.26 -30.00 7.36
CA SER D 148 -23.12 -30.49 6.58
C SER D 148 -22.32 -29.31 6.09
N CYS D 149 -21.14 -29.57 5.56
CA CYS D 149 -20.31 -28.49 5.05
C CYS D 149 -19.53 -28.94 3.83
N ASP D 150 -19.56 -28.13 2.78
CA ASP D 150 -18.93 -28.50 1.51
C ASP D 150 -17.50 -27.99 1.42
N ALA D 151 -16.70 -28.69 0.60
CA ALA D 151 -15.44 -28.15 0.10
C ALA D 151 -15.39 -28.49 -1.37
N LYS D 152 -15.15 -27.49 -2.22
CA LYS D 152 -14.99 -27.76 -3.64
C LYS D 152 -13.60 -28.35 -3.88
N VAL D 153 -13.53 -29.35 -4.77
CA VAL D 153 -12.25 -29.91 -5.17
C VAL D 153 -11.54 -28.99 -6.17
N ALA D 154 -10.43 -28.39 -5.76
CA ALA D 154 -9.73 -27.40 -6.59
C ALA D 154 -8.47 -27.95 -7.25
N GLN D 155 -7.93 -29.03 -6.72
CA GLN D 155 -6.69 -29.61 -7.27
C GLN D 155 -6.51 -31.03 -6.73
N GLN D 156 -6.24 -31.99 -7.61
CA GLN D 156 -6.08 -33.36 -7.14
C GLN D 156 -4.80 -33.48 -6.33
N GLY D 157 -4.87 -34.20 -5.23
CA GLY D 157 -3.73 -34.32 -4.35
C GLY D 157 -4.16 -34.53 -2.92
N GLN D 158 -3.22 -34.39 -2.01
CA GLN D 158 -3.49 -34.60 -0.60
C GLN D 158 -3.59 -33.27 0.13
N ALA D 159 -4.78 -32.99 0.64
CA ALA D 159 -5.03 -31.73 1.32
C ALA D 159 -4.25 -31.72 2.69
N LYS D 160 -3.50 -30.68 3.00
N LYS D 160 -3.33 -30.89 3.16
CA LYS D 160 -2.56 -30.71 4.12
CA LYS D 160 -2.59 -31.17 4.39
C LYS D 160 -3.02 -30.02 5.42
C LYS D 160 -3.01 -30.30 5.56
N ASN D 161 -3.56 -28.83 5.29
N ASN D 161 -3.61 -29.18 5.22
CA ASN D 161 -3.89 -27.96 6.42
CA ASN D 161 -3.89 -28.08 6.14
C ASN D 161 -5.41 -27.81 6.51
C ASN D 161 -5.39 -27.92 6.38
N PHE D 162 -6.11 -28.87 6.11
N PHE D 162 -6.12 -29.00 6.11
CA PHE D 162 -7.56 -28.94 6.12
CA PHE D 162 -7.58 -29.00 6.11
C PHE D 162 -8.08 -29.36 7.48
C PHE D 162 -8.11 -29.41 7.47
N TYR D 163 -8.96 -28.56 8.05
CA TYR D 163 -9.57 -28.84 9.35
C TYR D 163 -11.10 -28.93 9.25
N VAL D 164 -11.66 -29.91 9.95
CA VAL D 164 -13.09 -30.08 10.15
C VAL D 164 -13.41 -29.64 11.58
N TRP D 165 -14.38 -28.74 11.76
CA TRP D 165 -14.74 -28.28 13.11
C TRP D 165 -16.12 -28.77 13.51
N ALA D 166 -16.24 -29.32 14.73
CA ALA D 166 -17.53 -29.81 15.19
C ALA D 166 -17.82 -29.45 16.64
N ALA D 167 -19.10 -29.25 16.93
CA ALA D 167 -19.59 -29.09 18.28
C ALA D 167 -19.93 -30.47 18.83
N LEU D 168 -19.57 -30.72 20.08
CA LEU D 168 -19.81 -32.03 20.73
C LEU D 168 -20.84 -31.89 21.84
N PHE D 169 -21.66 -32.92 22.01
CA PHE D 169 -22.76 -32.85 22.97
C PHE D 169 -22.79 -34.11 23.82
N THR D 170 -23.17 -33.94 25.08
CA THR D 170 -23.43 -35.09 25.94
C THR D 170 -24.90 -35.08 26.34
N LEU D 171 -25.44 -36.26 26.60
CA LEU D 171 -26.77 -36.41 27.16
C LEU D 171 -26.71 -36.20 28.66
N ASP D 172 -27.38 -35.17 29.17
CA ASP D 172 -27.29 -34.90 30.61
C ASP D 172 -28.03 -35.98 31.41
N ASP D 173 -28.15 -35.80 32.71
CA ASP D 173 -28.78 -36.82 33.56
C ASP D 173 -30.28 -36.96 33.28
N SER D 174 -30.92 -35.85 32.92
CA SER D 174 -32.36 -35.87 32.62
C SER D 174 -32.71 -36.87 31.52
N GLY D 175 -31.71 -37.28 30.74
CA GLY D 175 -31.88 -38.33 29.75
C GLY D 175 -32.70 -37.94 28.53
N GLU D 176 -33.13 -36.69 28.49
CA GLU D 176 -33.98 -36.21 27.41
C GLU D 176 -33.31 -35.08 26.63
N LYS D 177 -32.27 -34.51 27.23
CA LYS D 177 -31.69 -33.27 26.74
C LYS D 177 -30.20 -33.39 26.51
N GLN D 178 -29.74 -32.97 25.33
CA GLN D 178 -28.31 -33.03 25.02
C GLN D 178 -27.71 -31.66 25.19
N VAL D 179 -26.54 -31.61 25.83
CA VAL D 179 -25.92 -30.34 26.18
C VAL D 179 -24.52 -30.20 25.63
N LEU D 180 -24.18 -28.97 25.23
CA LEU D 180 -22.86 -28.65 24.69
C LEU D 180 -21.72 -28.97 25.65
N ALA D 181 -20.85 -29.88 25.24
CA ALA D 181 -19.62 -30.17 25.96
C ALA D 181 -18.53 -29.22 25.54
N GLY D 182 -18.55 -28.83 24.26
CA GLY D 182 -17.58 -27.91 23.73
C GLY D 182 -17.31 -28.13 22.25
N TYR D 183 -16.25 -27.49 21.76
CA TYR D 183 -15.89 -27.48 20.36
C TYR D 183 -14.52 -28.07 20.11
N VAL D 184 -14.40 -28.85 19.04
CA VAL D 184 -13.13 -29.47 18.64
C VAL D 184 -12.95 -29.33 17.14
N LYS D 185 -11.71 -29.48 16.68
CA LYS D 185 -11.42 -29.54 15.26
C LYS D 185 -10.34 -30.60 15.00
N TRP D 186 -10.45 -31.32 13.90
CA TRP D 186 -9.46 -32.34 13.58
C TRP D 186 -8.98 -32.13 12.15
N ASP D 187 -7.82 -32.69 11.84
CA ASP D 187 -7.22 -32.53 10.53
C ASP D 187 -7.15 -33.87 9.79
N PRO D 188 -8.26 -34.26 9.12
CA PRO D 188 -8.23 -35.54 8.42
C PRO D 188 -7.29 -35.47 7.22
N THR D 189 -6.79 -36.62 6.79
CA THR D 189 -5.99 -36.70 5.60
C THR D 189 -6.88 -37.09 4.45
N VAL D 190 -7.08 -36.17 3.53
CA VAL D 190 -8.05 -36.35 2.45
C VAL D 190 -7.33 -36.30 1.11
N ASN D 191 -7.19 -37.45 0.47
CA ASN D 191 -6.58 -37.53 -0.85
C ASN D 191 -7.64 -37.53 -1.93
N VAL D 192 -7.66 -36.48 -2.76
CA VAL D 192 -8.56 -36.46 -3.90
C VAL D 192 -7.75 -36.78 -5.16
N ALA D 193 -8.12 -37.88 -5.82
CA ALA D 193 -7.28 -38.49 -6.84
C ALA D 193 -7.98 -38.72 -8.18
N SER E 18 21.73 11.10 13.42
CA SER E 18 21.49 9.96 12.54
C SER E 18 20.38 10.30 11.54
N HIS E 19 20.76 10.76 10.36
CA HIS E 19 19.79 11.04 9.31
C HIS E 19 19.31 9.71 8.72
N ILE E 20 18.01 9.55 8.57
CA ILE E 20 17.50 8.31 8.00
C ILE E 20 16.59 8.53 6.81
N THR E 21 16.27 7.43 6.15
CA THR E 21 15.31 7.40 5.07
C THR E 21 13.97 6.90 5.59
N ILE E 22 12.90 7.63 5.30
CA ILE E 22 11.54 7.25 5.68
C ILE E 22 10.69 6.99 4.45
N ASN E 23 10.11 5.80 4.34
CA ASN E 23 9.22 5.50 3.23
C ASN E 23 7.84 6.07 3.49
N VAL E 24 7.32 6.79 2.51
CA VAL E 24 5.92 7.20 2.53
C VAL E 24 5.24 6.53 1.35
N THR E 26 1.91 5.69 -0.77
CA THR E 26 0.60 6.24 -1.06
C THR E 26 -0.23 5.26 -1.88
N VAL E 27 -1.35 4.81 -1.34
CA VAL E 27 -2.30 4.03 -2.11
C VAL E 27 -3.32 4.96 -2.74
N ILE E 28 -3.57 4.75 -4.02
CA ILE E 28 -4.40 5.65 -4.82
C ILE E 28 -5.59 4.93 -5.40
N ASP E 29 -6.79 5.46 -5.16
CA ASP E 29 -8.01 4.98 -5.82
C ASP E 29 -8.12 5.60 -7.23
N VAL E 30 -7.42 5.00 -8.18
CA VAL E 30 -7.32 5.52 -9.54
C VAL E 30 -8.67 5.64 -10.24
N ALA E 31 -9.49 4.59 -10.14
CA ALA E 31 -10.80 4.56 -10.77
C ALA E 31 -11.67 5.71 -10.26
N ALA E 32 -11.64 5.95 -8.96
CA ALA E 32 -12.43 7.03 -8.36
C ALA E 32 -11.97 8.40 -8.84
N ILE E 33 -10.66 8.56 -8.95
CA ILE E 33 -10.10 9.83 -9.40
C ILE E 33 -10.55 10.09 -10.84
N ILE E 34 -10.44 9.06 -11.66
CA ILE E 34 -10.83 9.19 -13.05
C ILE E 34 -12.33 9.46 -13.17
N ASP E 35 -13.14 8.67 -12.48
CA ASP E 35 -14.60 8.83 -12.49
C ASP E 35 -15.04 10.19 -11.95
N GLU E 36 -14.31 10.71 -10.96
CA GLU E 36 -14.60 12.03 -10.40
C GLU E 36 -14.32 13.14 -11.41
N LEU E 37 -13.21 12.99 -12.16
CA LEU E 37 -12.85 13.95 -13.19
C LEU E 37 -13.89 13.98 -14.32
N LYS E 38 -14.37 12.80 -14.71
CA LYS E 38 -15.40 12.71 -15.74
C LYS E 38 -16.67 13.43 -15.30
N ALA E 39 -17.05 13.22 -14.04
CA ALA E 39 -18.29 13.77 -13.50
C ALA E 39 -18.23 15.27 -13.34
N GLN E 40 -17.04 15.80 -13.13
CA GLN E 40 -16.90 17.24 -12.97
C GLN E 40 -16.49 17.88 -14.31
N GLU E 41 -16.38 17.03 -15.33
CA GLU E 41 -16.03 17.42 -16.70
C GLU E 41 -14.67 18.06 -16.83
N LYS E 42 -13.70 17.55 -16.08
CA LYS E 42 -12.33 18.00 -16.23
C LYS E 42 -11.63 17.06 -17.16
N LYS E 43 -10.57 17.57 -17.77
CA LYS E 43 -9.73 16.78 -18.62
C LYS E 43 -8.63 16.17 -17.77
N LEU E 44 -8.22 14.96 -18.13
CA LEU E 44 -7.02 14.39 -17.56
C LEU E 44 -5.84 14.92 -18.35
N GLY E 45 -4.80 15.39 -17.67
CA GLY E 45 -3.64 15.95 -18.34
C GLY E 45 -2.95 14.93 -19.23
N GLN E 46 -2.53 15.32 -20.43
CA GLN E 46 -2.00 14.36 -21.40
C GLN E 46 -0.48 14.41 -21.55
N THR E 47 0.18 15.35 -20.86
CA THR E 47 1.64 15.38 -20.81
C THR E 47 2.10 15.54 -19.36
N PRO E 48 3.33 15.09 -19.04
CA PRO E 48 3.84 15.20 -17.67
C PRO E 48 3.72 16.62 -17.09
N ASP E 49 3.99 17.63 -17.91
CA ASP E 49 3.94 19.01 -17.44
C ASP E 49 2.52 19.54 -17.25
N THR E 50 1.53 18.93 -17.90
CA THR E 50 0.16 19.40 -17.75
C THR E 50 -0.70 18.52 -16.84
N ALA E 51 -0.06 17.82 -15.90
CA ALA E 51 -0.76 16.99 -14.94
C ALA E 51 -1.93 17.75 -14.31
N THR E 52 -3.08 17.09 -14.26
CA THR E 52 -4.29 17.67 -13.71
C THR E 52 -4.27 17.71 -12.18
N SER E 53 -4.34 18.90 -11.62
CA SER E 53 -4.39 19.05 -10.17
C SER E 53 -5.68 18.47 -9.61
N ILE E 54 -5.56 17.47 -8.76
CA ILE E 54 -6.72 16.82 -8.14
C ILE E 54 -6.69 17.05 -6.62
N GLY E 55 -7.72 16.59 -5.94
CA GLY E 55 -7.74 16.72 -4.49
C GLY E 55 -6.85 15.64 -3.88
N HIS E 56 -6.88 15.54 -2.56
CA HIS E 56 -6.21 14.42 -1.93
C HIS E 56 -7.23 13.54 -1.22
N LYS E 57 -8.44 13.50 -1.79
CA LYS E 57 -9.55 12.74 -1.24
C LYS E 57 -9.41 11.22 -1.47
N TYR E 58 -8.70 10.86 -2.53
CA TYR E 58 -8.59 9.47 -2.93
C TYR E 58 -7.16 8.96 -2.81
N ILE E 59 -6.39 9.54 -1.91
CA ILE E 59 -5.04 9.07 -1.67
C ILE E 59 -4.84 8.79 -0.19
N TYR E 60 -4.23 7.64 0.10
CA TYR E 60 -4.16 7.11 1.45
C TYR E 60 -2.74 6.74 1.76
N SER E 62 0.64 5.68 4.15
CA SER E 62 1.17 4.93 5.28
C SER E 62 2.69 5.10 5.27
N SER E 63 3.38 4.61 6.31
CA SER E 63 4.82 4.81 6.40
C SER E 63 5.53 3.66 7.12
N ASP E 64 6.85 3.57 6.95
CA ASP E 64 7.66 2.67 7.75
C ASP E 64 8.38 3.44 8.85
N ASP E 65 8.07 4.74 8.97
CA ASP E 65 8.85 5.68 9.79
C ASP E 65 9.19 5.09 11.15
N PRO E 66 10.47 4.74 11.35
CA PRO E 66 11.02 4.20 12.59
C PRO E 66 10.90 5.17 13.78
N ARG E 67 10.86 6.46 13.49
CA ARG E 67 10.75 7.43 14.59
C ARG E 67 9.31 7.52 15.09
N GLY E 68 8.42 6.80 14.42
CA GLY E 68 7.00 6.88 14.70
C GLY E 68 6.25 7.74 13.70
N TRP E 69 4.95 7.50 13.56
CA TRP E 69 4.09 8.30 12.69
C TRP E 69 2.63 8.04 13.03
N SER E 70 1.73 8.86 12.50
CA SER E 70 0.29 8.58 12.54
C SER E 70 -0.41 9.18 11.32
N VAL E 71 -1.58 8.65 10.97
CA VAL E 71 -2.33 9.21 9.85
C VAL E 71 -3.68 9.75 10.32
N GLY E 72 -3.90 11.04 10.10
CA GLY E 72 -5.11 11.71 10.52
C GLY E 72 -6.37 11.09 9.93
N ASN E 73 -7.52 11.55 10.42
CA ASN E 73 -8.79 10.97 10.01
C ASN E 73 -9.17 11.27 8.56
N ASP E 74 -8.48 12.23 7.97
CA ASP E 74 -8.69 12.58 6.57
C ASP E 74 -7.77 11.80 5.64
N PRO E 75 -8.24 11.51 4.41
CA PRO E 75 -7.31 11.11 3.36
C PRO E 75 -6.37 12.28 3.03
N GLY E 76 -5.24 12.00 2.39
CA GLY E 76 -4.32 13.04 1.99
C GLY E 76 -3.55 13.71 3.11
N ASN E 77 -3.59 13.12 4.30
CA ASN E 77 -2.86 13.66 5.45
C ASN E 77 -1.95 12.63 6.11
N ILE E 78 -0.81 13.08 6.62
CA ILE E 78 0.04 12.20 7.41
C ILE E 78 0.90 13.02 8.36
N THR E 79 1.26 12.43 9.48
CA THR E 79 2.17 13.09 10.41
C THR E 79 3.36 12.16 10.62
N LEU E 80 4.54 12.70 10.37
CA LEU E 80 5.75 11.92 10.41
C LEU E 80 6.71 12.49 11.44
N ASN E 81 7.18 11.68 12.36
CA ASN E 81 8.31 12.10 13.17
C ASN E 81 9.56 12.08 12.31
N ALA E 82 10.20 13.24 12.16
CA ALA E 82 11.39 13.31 11.31
C ALA E 82 12.25 14.51 11.66
N HIS E 83 13.56 14.32 11.61
CA HIS E 83 14.51 15.39 11.87
C HIS E 83 14.95 16.04 10.57
N VAL E 84 15.39 17.29 10.66
CA VAL E 84 16.07 17.95 9.56
C VAL E 84 17.22 17.09 9.05
N GLY E 85 17.25 16.82 7.75
CA GLY E 85 18.29 15.98 7.16
C GLY E 85 17.85 14.54 6.91
N ASP E 86 16.68 14.17 7.44
CA ASP E 86 16.05 12.92 7.07
C ASP E 86 15.57 13.00 5.63
N THR E 87 15.45 11.85 4.98
CA THR E 87 14.91 11.79 3.63
C THR E 87 13.57 11.08 3.62
N LEU E 88 12.57 11.67 2.97
CA LEU E 88 11.32 10.96 2.75
C LEU E 88 11.36 10.40 1.33
N SER E 89 11.06 9.12 1.17
CA SER E 89 10.95 8.51 -0.16
C SER E 89 9.49 8.17 -0.44
N PHE E 90 8.95 8.72 -1.52
CA PHE E 90 7.53 8.55 -1.83
C PHE E 90 7.31 7.45 -2.86
N PHE E 91 6.51 6.45 -2.49
CA PHE E 91 6.16 5.34 -3.36
C PHE E 91 4.66 5.40 -3.59
N CYS E 92 4.16 4.75 -4.63
CA CYS E 92 2.71 4.65 -4.76
C CYS E 92 2.26 3.41 -5.51
N ALA E 93 0.96 3.13 -5.43
CA ALA E 93 0.35 2.02 -6.13
C ALA E 93 -1.15 2.18 -6.08
N SER E 94 -1.83 1.66 -7.09
CA SER E 94 -3.29 1.66 -7.07
C SER E 94 -3.84 0.69 -6.01
N THR E 95 -5.15 0.69 -5.80
CA THR E 95 -5.71 -0.22 -4.79
C THR E 95 -5.65 -1.68 -5.24
N SER E 96 -5.33 -1.91 -6.52
CA SER E 96 -5.11 -3.27 -7.02
C SER E 96 -3.64 -3.59 -7.13
N ASP E 97 -2.82 -2.86 -6.38
CA ASP E 97 -1.37 -3.00 -6.48
C ASP E 97 -0.92 -2.92 -7.95
N ASN E 98 -1.46 -1.95 -8.68
CA ASN E 98 -1.15 -1.71 -10.10
C ASN E 98 -1.45 -2.88 -11.05
N SER E 99 -2.33 -3.80 -10.64
CA SER E 99 -2.61 -4.97 -11.47
C SER E 99 -3.78 -4.74 -12.41
N GLU E 100 -4.61 -3.74 -12.13
CA GLU E 100 -5.69 -3.40 -13.06
C GLU E 100 -5.46 -1.97 -13.51
N TYR E 101 -5.92 -1.00 -12.73
CA TYR E 101 -5.45 0.37 -12.87
C TYR E 101 -4.07 0.42 -12.25
N ALA E 102 -3.25 1.36 -12.69
CA ALA E 102 -1.91 1.52 -12.14
C ALA E 102 -1.52 2.99 -12.04
N ALA E 103 -0.64 3.30 -11.10
CA ALA E 103 -0.10 4.64 -10.95
C ALA E 103 1.41 4.61 -10.69
N PHE E 104 2.14 5.58 -11.24
CA PHE E 104 3.57 5.74 -10.97
C PHE E 104 3.94 7.19 -10.72
N ILE E 105 4.62 7.46 -9.61
CA ILE E 105 5.11 8.81 -9.33
C ILE E 105 6.28 9.17 -10.26
N TYR E 106 6.32 10.40 -10.73
CA TYR E 106 7.42 10.79 -11.61
C TYR E 106 8.03 12.13 -11.23
N ARG E 107 7.43 12.80 -10.24
CA ARG E 107 7.87 14.13 -9.85
C ARG E 107 7.32 14.56 -8.50
N LEU E 108 8.13 15.35 -7.80
CA LEU E 108 7.72 16.07 -6.60
C LEU E 108 8.12 17.53 -6.79
N THR E 109 7.24 18.46 -6.44
CA THR E 109 7.58 19.89 -6.49
C THR E 109 7.14 20.65 -5.25
N GLY E 110 7.77 21.78 -4.99
CA GLY E 110 7.37 22.64 -3.90
C GLY E 110 7.78 22.17 -2.51
N GLY E 111 7.01 22.61 -1.52
CA GLY E 111 7.21 22.23 -0.14
C GLY E 111 8.20 23.01 0.70
N ASP E 112 8.84 24.03 0.14
CA ASP E 112 9.73 24.87 0.94
C ASP E 112 8.91 25.75 1.92
N PRO E 113 9.44 26.08 3.19
CA PRO E 113 10.80 25.60 3.47
C PRO E 113 10.90 24.21 4.06
N HIS E 114 9.77 23.57 4.28
CA HIS E 114 9.74 22.26 4.92
C HIS E 114 10.36 21.05 4.19
N LEU E 115 10.07 20.93 2.90
CA LEU E 115 10.53 19.82 2.09
C LEU E 115 11.26 20.30 0.84
N ASP E 116 12.37 19.63 0.53
CA ASP E 116 13.11 19.88 -0.71
C ASP E 116 13.11 18.62 -1.58
N PRO E 117 12.21 18.56 -2.57
CA PRO E 117 12.12 17.42 -3.49
C PRO E 117 13.39 17.17 -4.31
N SER E 118 13.66 15.90 -4.65
CA SER E 118 14.67 15.53 -5.63
C SER E 118 13.99 15.05 -6.91
N HIS E 119 14.76 14.48 -7.84
CA HIS E 119 14.21 14.00 -9.10
C HIS E 119 13.91 12.50 -9.01
N VAL E 120 12.99 12.02 -9.84
CA VAL E 120 12.46 10.65 -9.68
C VAL E 120 13.59 9.63 -9.79
N GLU E 121 13.46 8.55 -9.02
CA GLU E 121 14.41 7.45 -9.05
C GLU E 121 13.76 6.22 -9.70
N VAL E 122 14.27 5.77 -10.85
CA VAL E 122 13.71 4.56 -11.44
C VAL E 122 14.62 3.37 -11.16
N ILE E 123 14.08 2.38 -10.49
CA ILE E 123 14.86 1.18 -10.14
C ILE E 123 14.46 0.02 -11.04
N LYS E 124 15.44 -0.73 -11.52
CA LYS E 124 15.15 -1.95 -12.27
C LYS E 124 15.84 -3.13 -11.63
N LEU E 125 15.10 -3.90 -10.83
CA LEU E 125 15.62 -5.15 -10.28
C LEU E 125 15.62 -6.20 -11.39
N GLN E 126 16.78 -6.75 -11.72
CA GLN E 126 16.80 -7.79 -12.74
C GLN E 126 16.15 -9.06 -12.20
N ASN E 127 16.19 -9.27 -10.88
CA ASN E 127 15.53 -10.43 -10.28
C ASN E 127 14.64 -10.09 -9.08
N ALA E 128 13.60 -9.30 -9.34
CA ALA E 128 12.59 -9.02 -8.33
C ALA E 128 11.80 -10.29 -8.03
N ALA E 129 11.39 -10.47 -6.77
CA ALA E 129 10.51 -11.59 -6.41
C ALA E 129 9.20 -11.51 -7.20
N GLN E 130 8.73 -12.66 -7.69
CA GLN E 130 7.50 -12.73 -8.48
C GLN E 130 6.71 -14.00 -8.16
N PRO E 131 5.38 -13.89 -7.98
CA PRO E 131 4.57 -15.09 -7.75
C PRO E 131 4.37 -15.89 -9.03
N THR E 132 4.19 -17.20 -8.94
CA THR E 132 3.88 -17.99 -10.14
C THR E 132 2.50 -18.63 -10.09
N PRO E 133 1.87 -18.81 -11.25
CA PRO E 133 0.66 -19.63 -11.32
C PRO E 133 1.02 -21.07 -10.93
N SER E 134 0.13 -21.75 -10.22
CA SER E 134 -1.18 -21.22 -9.88
C SER E 134 -1.29 -20.91 -8.38
N ASN E 135 -0.29 -21.32 -7.60
CA ASN E 135 -0.38 -21.18 -6.14
C ASN E 135 0.41 -20.03 -5.54
N GLY E 136 1.00 -19.20 -6.39
CA GLY E 136 1.85 -18.11 -5.91
C GLY E 136 3.23 -18.65 -5.55
N TYR E 137 3.27 -19.54 -4.56
CA TYR E 137 4.45 -20.36 -4.35
C TYR E 137 4.40 -21.53 -5.35
N PRO E 138 5.57 -22.06 -5.75
CA PRO E 138 6.91 -21.53 -5.51
C PRO E 138 7.14 -20.24 -6.31
N PHE E 139 7.69 -19.24 -5.63
CA PHE E 139 7.94 -17.96 -6.25
C PHE E 139 9.14 -18.03 -7.19
N THR E 140 9.25 -17.06 -8.09
CA THR E 140 10.39 -17.00 -9.00
C THR E 140 10.93 -15.56 -8.99
N THR E 141 11.97 -15.27 -9.77
CA THR E 141 12.46 -13.90 -9.88
C THR E 141 12.54 -13.51 -11.35
N ALA E 142 12.42 -12.21 -11.63
CA ALA E 142 12.30 -11.71 -12.99
C ALA E 142 12.52 -10.19 -12.97
N PRO E 143 12.76 -9.59 -14.16
CA PRO E 143 12.92 -8.12 -14.17
C PRO E 143 11.61 -7.37 -13.92
N VAL E 144 11.64 -6.44 -12.96
CA VAL E 144 10.52 -5.54 -12.71
C VAL E 144 11.12 -4.16 -12.46
N ALA E 145 10.42 -3.13 -12.94
CA ALA E 145 10.83 -1.74 -12.72
C ALA E 145 9.92 -1.02 -11.70
N PHE E 146 10.49 -0.10 -10.94
CA PHE E 146 9.78 0.63 -9.90
C PHE E 146 10.16 2.12 -9.94
N SER E 147 9.29 2.99 -9.47
CA SER E 147 9.71 4.38 -9.34
C SER E 147 9.41 4.90 -7.97
N SER E 148 10.24 5.83 -7.51
CA SER E 148 10.00 6.55 -6.29
C SER E 148 10.66 7.91 -6.41
N CYS E 149 10.35 8.81 -5.49
CA CYS E 149 10.93 10.16 -5.51
C CYS E 149 11.17 10.64 -4.09
N ASP E 150 12.33 11.24 -3.85
CA ASP E 150 12.68 11.70 -2.51
C ASP E 150 12.40 13.18 -2.28
N ALA E 151 12.28 13.54 -1.00
CA ALA E 151 12.27 14.92 -0.59
C ALA E 151 13.06 15.00 0.71
N LYS E 152 14.03 15.89 0.78
CA LYS E 152 14.79 16.03 2.00
C LYS E 152 13.99 16.86 3.00
N VAL E 153 14.04 16.48 4.27
CA VAL E 153 13.38 17.25 5.32
C VAL E 153 14.27 18.46 5.67
N ALA E 154 13.75 19.66 5.40
CA ALA E 154 14.53 20.89 5.60
C ALA E 154 14.05 21.71 6.80
N GLN E 155 12.81 21.53 7.19
CA GLN E 155 12.29 22.25 8.36
C GLN E 155 11.05 21.55 8.90
N GLN E 156 10.99 21.36 10.20
CA GLN E 156 9.80 20.74 10.78
C GLN E 156 8.62 21.68 10.68
N GLY E 157 7.43 21.10 10.61
CA GLY E 157 6.21 21.86 10.37
C GLY E 157 5.37 21.18 9.30
N GLN E 158 4.45 21.94 8.71
CA GLN E 158 3.56 21.41 7.70
C GLN E 158 3.91 21.96 6.31
N ALA E 159 4.34 21.09 5.41
CA ALA E 159 4.63 21.51 4.04
C ALA E 159 3.36 21.99 3.34
N LYS E 160 3.42 23.10 2.61
CA LYS E 160 2.19 23.78 2.21
C LYS E 160 1.77 23.56 0.76
N ASN E 161 2.66 23.91 -0.16
CA ASN E 161 2.38 23.81 -1.58
C ASN E 161 3.35 22.78 -2.16
N PHE E 162 3.17 21.56 -1.67
CA PHE E 162 3.97 20.39 -2.01
C PHE E 162 3.11 19.46 -2.88
N TYR E 163 3.56 19.16 -4.08
CA TYR E 163 2.77 18.32 -4.98
C TYR E 163 3.47 17.02 -5.37
N VAL E 164 2.69 15.95 -5.42
CA VAL E 164 3.13 14.64 -5.88
C VAL E 164 2.51 14.43 -7.26
N TRP E 165 3.33 14.09 -8.26
CA TRP E 165 2.87 13.95 -9.64
C TRP E 165 2.92 12.50 -10.08
N ALA E 166 1.81 11.98 -10.62
CA ALA E 166 1.76 10.57 -11.02
C ALA E 166 1.15 10.34 -12.38
N ALA E 167 1.60 9.29 -13.04
CA ALA E 167 0.98 8.87 -14.28
C ALA E 167 -0.03 7.77 -13.96
N LEU E 168 -1.22 7.86 -14.54
CA LEU E 168 -2.28 6.89 -14.31
C LEU E 168 -2.50 6.00 -15.54
N PHE E 169 -2.79 4.72 -15.31
CA PHE E 169 -2.96 3.78 -16.40
C PHE E 169 -4.24 2.97 -16.23
N THR E 170 -4.86 2.57 -17.34
CA THR E 170 -5.98 1.64 -17.30
C THR E 170 -5.60 0.31 -17.96
N LEU E 171 -6.31 -0.76 -17.61
CA LEU E 171 -6.11 -2.06 -18.25
C LEU E 171 -7.04 -2.17 -19.45
N ASP E 172 -6.51 -2.49 -20.63
CA ASP E 172 -7.38 -2.54 -21.81
C ASP E 172 -8.17 -3.86 -21.90
N ASP E 173 -9.02 -3.96 -22.92
CA ASP E 173 -9.96 -5.08 -23.03
C ASP E 173 -9.30 -6.42 -23.29
N SER E 174 -8.07 -6.40 -23.77
CA SER E 174 -7.33 -7.66 -23.96
C SER E 174 -6.98 -8.26 -22.61
N GLY E 175 -6.97 -7.43 -21.56
CA GLY E 175 -6.62 -7.86 -20.23
C GLY E 175 -5.14 -8.08 -19.98
N GLU E 176 -4.29 -7.67 -20.93
CA GLU E 176 -2.86 -7.96 -20.85
C GLU E 176 -1.98 -6.72 -20.91
N LYS E 177 -2.56 -5.60 -21.32
CA LYS E 177 -1.76 -4.40 -21.51
C LYS E 177 -2.36 -3.21 -20.80
N GLN E 178 -1.51 -2.44 -20.12
CA GLN E 178 -1.96 -1.21 -19.48
C GLN E 178 -1.60 -0.01 -20.34
N VAL E 179 -2.52 0.94 -20.47
CA VAL E 179 -2.31 2.08 -21.35
C VAL E 179 -2.46 3.39 -20.57
N LEU E 180 -1.69 4.39 -20.96
CA LEU E 180 -1.68 5.68 -20.27
C LEU E 180 -3.03 6.38 -20.37
N ALA E 181 -3.64 6.65 -19.22
CA ALA E 181 -4.83 7.48 -19.19
C ALA E 181 -4.45 8.95 -19.16
N GLY E 182 -3.38 9.27 -18.44
CA GLY E 182 -2.98 10.65 -18.28
C GLY E 182 -2.23 10.92 -16.99
N TYR E 183 -2.11 12.21 -16.65
CA TYR E 183 -1.25 12.66 -15.57
C TYR E 183 -2.02 13.52 -14.55
N VAL E 184 -1.81 13.21 -13.27
CA VAL E 184 -2.42 13.97 -12.18
C VAL E 184 -1.36 14.40 -11.20
N LYS E 185 -1.70 15.40 -10.39
CA LYS E 185 -0.90 15.76 -9.23
C LYS E 185 -1.82 16.11 -8.07
N TRP E 186 -1.44 15.71 -6.86
CA TRP E 186 -2.21 16.07 -5.66
C TRP E 186 -1.31 16.76 -4.66
N ASP E 187 -1.91 17.46 -3.71
CA ASP E 187 -1.13 18.19 -2.72
C ASP E 187 -1.36 17.61 -1.31
N PRO E 188 -0.63 16.54 -0.98
CA PRO E 188 -0.83 15.90 0.32
C PRO E 188 -0.40 16.82 1.44
N THR E 189 -1.05 16.71 2.59
CA THR E 189 -0.64 17.45 3.76
C THR E 189 0.30 16.56 4.56
N VAL E 190 1.56 16.99 4.65
CA VAL E 190 2.61 16.22 5.30
C VAL E 190 3.14 17.00 6.48
N ASN E 191 2.84 16.52 7.68
CA ASN E 191 3.36 17.15 8.89
C ASN E 191 4.62 16.45 9.35
N VAL E 192 5.68 17.23 9.50
CA VAL E 192 6.94 16.71 10.01
C VAL E 192 7.11 17.21 11.45
N ALA E 193 7.27 16.28 12.39
CA ALA E 193 7.29 16.65 13.81
C ALA E 193 8.51 16.12 14.54
N SER F 18 -27.03 -6.10 -5.73
CA SER F 18 -25.84 -5.40 -6.22
C SER F 18 -24.57 -6.09 -5.75
N HIS F 19 -24.01 -6.95 -6.60
CA HIS F 19 -22.76 -7.64 -6.24
C HIS F 19 -21.55 -6.99 -6.88
N ILE F 20 -20.73 -6.34 -6.06
CA ILE F 20 -19.51 -5.71 -6.54
C ILE F 20 -18.26 -6.35 -5.96
N THR F 21 -17.13 -6.08 -6.60
CA THR F 21 -15.84 -6.48 -6.07
C THR F 21 -15.19 -5.27 -5.42
N ILE F 22 -14.75 -5.44 -4.18
CA ILE F 22 -14.14 -4.37 -3.42
C ILE F 22 -12.65 -4.67 -3.21
N ASN F 23 -11.77 -3.75 -3.61
CA ASN F 23 -10.35 -3.97 -3.41
C ASN F 23 -9.98 -3.58 -2.00
N VAL F 24 -9.21 -4.44 -1.35
CA VAL F 24 -8.64 -4.12 -0.05
C VAL F 24 -7.13 -4.22 -0.17
N THR F 26 -3.39 -3.76 1.26
CA THR F 26 -2.68 -3.74 2.52
C THR F 26 -1.24 -3.34 2.32
N VAL F 27 -0.81 -2.29 3.02
CA VAL F 27 0.59 -1.92 3.01
C VAL F 27 1.24 -2.51 4.25
N ILE F 28 2.40 -3.13 4.06
CA ILE F 28 3.04 -3.89 5.10
C ILE F 28 4.42 -3.32 5.42
N ASP F 29 4.68 -3.04 6.70
CA ASP F 29 6.02 -2.62 7.14
C ASP F 29 6.86 -3.86 7.40
N VAL F 30 7.49 -4.36 6.35
CA VAL F 30 8.13 -5.66 6.38
C VAL F 30 9.36 -5.69 7.30
N ALA F 31 10.13 -4.61 7.29
CA ALA F 31 11.30 -4.51 8.15
C ALA F 31 10.91 -4.55 9.63
N ALA F 32 9.84 -3.85 9.98
CA ALA F 32 9.41 -3.85 11.38
C ALA F 32 8.96 -5.23 11.81
N ILE F 33 8.20 -5.91 10.94
CA ILE F 33 7.72 -7.24 11.24
C ILE F 33 8.91 -8.18 11.47
N ILE F 34 9.89 -8.14 10.56
CA ILE F 34 11.02 -9.04 10.65
C ILE F 34 11.88 -8.77 11.90
N ASP F 35 12.06 -7.49 12.22
CA ASP F 35 12.91 -7.10 13.34
C ASP F 35 12.23 -7.30 14.68
N GLU F 36 10.91 -7.30 14.71
CA GLU F 36 10.21 -7.60 15.94
C GLU F 36 10.18 -9.11 16.19
N LEU F 37 10.09 -9.89 15.12
CA LEU F 37 10.10 -11.34 15.24
C LEU F 37 11.45 -11.79 15.77
N LYS F 38 12.49 -11.03 15.41
CA LYS F 38 13.85 -11.30 15.85
C LYS F 38 14.07 -10.87 17.31
N ALA F 39 13.38 -9.81 17.72
CA ALA F 39 13.47 -9.36 19.11
C ALA F 39 12.65 -10.26 20.04
N GLN F 40 11.54 -10.78 19.53
CA GLN F 40 10.72 -11.72 20.29
C GLN F 40 11.33 -13.12 20.30
N GLU F 41 12.49 -13.26 19.65
CA GLU F 41 13.17 -14.54 19.49
C GLU F 41 12.23 -15.59 18.88
N LYS F 42 11.50 -15.19 17.84
CA LYS F 42 10.54 -16.10 17.21
C LYS F 42 10.96 -16.48 15.79
N LYS F 43 10.65 -17.71 15.40
CA LYS F 43 11.04 -18.25 14.10
C LYS F 43 10.19 -17.81 12.93
N LEU F 44 10.83 -17.21 11.93
CA LEU F 44 10.13 -16.91 10.68
C LEU F 44 9.89 -18.20 9.89
N GLY F 45 8.61 -18.55 9.67
CA GLY F 45 8.26 -19.79 9.02
C GLY F 45 8.90 -19.95 7.65
N GLN F 46 9.33 -21.17 7.31
CA GLN F 46 10.10 -21.34 6.09
C GLN F 46 9.39 -22.16 5.05
N THR F 47 8.16 -22.56 5.34
CA THR F 47 7.29 -23.18 4.34
C THR F 47 5.92 -22.49 4.40
N PRO F 48 5.19 -22.49 3.28
CA PRO F 48 3.87 -21.83 3.20
C PRO F 48 2.91 -22.25 4.32
N ASP F 49 2.91 -23.53 4.68
CA ASP F 49 2.00 -23.97 5.72
C ASP F 49 2.53 -23.72 7.13
N THR F 50 3.80 -23.35 7.25
CA THR F 50 4.36 -23.03 8.56
C THR F 50 4.53 -21.52 8.76
N ALA F 51 3.76 -20.73 8.03
CA ALA F 51 3.80 -19.27 8.20
C ALA F 51 3.62 -18.87 9.65
N THR F 52 4.40 -17.89 10.10
CA THR F 52 4.38 -17.45 11.49
C THR F 52 3.25 -16.45 11.77
N SER F 53 2.42 -16.73 12.78
CA SER F 53 1.41 -15.77 13.17
C SER F 53 2.09 -14.52 13.69
N ILE F 54 1.78 -13.38 13.08
CA ILE F 54 2.28 -12.10 13.59
C ILE F 54 1.09 -11.27 14.04
N GLY F 55 1.34 -10.13 14.67
CA GLY F 55 0.24 -9.27 15.05
C GLY F 55 -0.22 -8.49 13.82
N HIS F 56 -1.22 -7.63 13.99
CA HIS F 56 -1.58 -6.74 12.90
C HIS F 56 -1.19 -5.29 13.21
N LYS F 57 -0.05 -5.10 13.88
CA LYS F 57 0.45 -3.76 14.19
C LYS F 57 1.16 -3.04 13.02
N TYR F 58 1.70 -3.80 12.08
CA TYR F 58 2.44 -3.19 10.98
C TYR F 58 1.73 -3.41 9.65
N ILE F 59 0.40 -3.33 9.72
CA ILE F 59 -0.52 -3.72 8.65
C ILE F 59 -1.46 -2.55 8.39
N TYR F 60 -1.37 -1.91 7.23
CA TYR F 60 -2.18 -0.70 6.99
C TYR F 60 -3.07 -0.82 5.76
N SER F 62 -6.21 -0.08 3.02
CA SER F 62 -6.94 0.92 2.24
C SER F 62 -7.95 0.18 1.41
N SER F 63 -8.85 0.93 0.75
CA SER F 63 -9.83 0.31 -0.13
C SER F 63 -10.28 1.24 -1.26
N ASP F 64 -10.91 0.67 -2.28
CA ASP F 64 -11.53 1.45 -3.36
C ASP F 64 -13.05 1.47 -3.20
N ASP F 65 -13.55 0.87 -2.11
CA ASP F 65 -14.97 0.59 -1.89
C ASP F 65 -15.88 1.78 -2.21
N PRO F 66 -16.60 1.68 -3.34
CA PRO F 66 -17.54 2.71 -3.82
C PRO F 66 -18.68 2.95 -2.84
N ARG F 67 -19.04 1.95 -2.05
CA ARG F 67 -20.07 2.10 -1.03
C ARG F 67 -19.52 2.83 0.20
N GLY F 68 -18.22 3.10 0.19
CA GLY F 68 -17.57 3.84 1.25
C GLY F 68 -16.94 2.97 2.33
N TRP F 69 -15.97 3.54 3.05
CA TRP F 69 -15.19 2.78 4.03
C TRP F 69 -14.42 3.71 4.97
N SER F 70 -13.85 3.14 6.03
CA SER F 70 -12.99 3.91 6.94
C SER F 70 -12.03 3.02 7.72
N VAL F 71 -11.03 3.64 8.37
CA VAL F 71 -10.06 2.89 9.16
C VAL F 71 -10.27 3.06 10.67
N ASP F 74 -6.76 2.05 14.79
CA ASP F 74 -5.58 1.21 14.88
C ASP F 74 -5.14 0.63 13.53
N PRO F 75 -3.87 0.24 13.43
CA PRO F 75 -3.49 -0.56 12.26
C PRO F 75 -4.16 -1.91 12.38
N GLY F 76 -4.28 -2.60 11.27
CA GLY F 76 -4.84 -3.94 11.22
C GLY F 76 -6.36 -3.95 11.32
N ASN F 77 -6.98 -2.78 11.12
CA ASN F 77 -8.44 -2.62 11.18
C ASN F 77 -8.99 -1.92 9.95
N ILE F 78 -10.13 -2.37 9.45
CA ILE F 78 -10.84 -1.59 8.45
C ILE F 78 -12.35 -1.83 8.54
N THR F 79 -13.11 -0.82 8.20
CA THR F 79 -14.56 -0.95 8.09
C THR F 79 -14.94 -0.74 6.63
N LEU F 80 -15.65 -1.71 6.06
CA LEU F 80 -16.10 -1.64 4.68
C LEU F 80 -17.62 -1.72 4.60
N ASN F 81 -18.24 -0.76 3.91
CA ASN F 81 -19.65 -0.90 3.57
C ASN F 81 -19.79 -1.91 2.46
N ALA F 82 -20.44 -3.03 2.74
CA ALA F 82 -20.55 -4.10 1.77
C ALA F 82 -21.77 -4.94 2.08
N HIS F 83 -22.37 -5.51 1.04
CA HIS F 83 -23.54 -6.36 1.18
C HIS F 83 -23.15 -7.82 1.04
N VAL F 84 -23.94 -8.70 1.65
CA VAL F 84 -23.79 -10.13 1.44
C VAL F 84 -23.80 -10.39 -0.07
N GLY F 85 -22.79 -11.11 -0.55
CA GLY F 85 -22.68 -11.36 -1.98
C GLY F 85 -21.59 -10.54 -2.67
N ASP F 86 -21.18 -9.42 -2.05
CA ASP F 86 -20.00 -8.71 -2.54
C ASP F 86 -18.73 -9.57 -2.41
N THR F 87 -17.72 -9.27 -3.22
CA THR F 87 -16.43 -9.93 -3.12
C THR F 87 -15.36 -8.94 -2.67
N LEU F 88 -14.62 -9.28 -1.62
CA LEU F 88 -13.44 -8.50 -1.26
C LEU F 88 -12.23 -9.12 -1.92
N SER F 89 -11.38 -8.30 -2.53
CA SER F 89 -10.19 -8.77 -3.19
C SER F 89 -8.98 -8.15 -2.50
N PHE F 90 -8.16 -8.99 -1.88
CA PHE F 90 -7.04 -8.53 -1.07
C PHE F 90 -5.73 -8.49 -1.87
N PHE F 91 -5.06 -7.34 -1.81
CA PHE F 91 -3.81 -7.08 -2.50
C PHE F 91 -2.81 -6.63 -1.43
N CYS F 92 -1.51 -6.69 -1.71
CA CYS F 92 -0.56 -6.09 -0.78
C CYS F 92 0.77 -5.68 -1.39
N ALA F 93 1.51 -4.90 -0.64
CA ALA F 93 2.83 -4.42 -1.03
C ALA F 93 3.56 -3.91 0.19
N SER F 94 4.89 -3.91 0.13
CA SER F 94 5.70 -3.33 1.19
C SER F 94 5.57 -1.82 1.15
N THR F 95 6.13 -1.14 2.17
CA THR F 95 6.12 0.32 2.19
C THR F 95 7.00 0.91 1.07
N SER F 96 7.84 0.07 0.45
CA SER F 96 8.65 0.50 -0.70
C SER F 96 8.04 0.01 -2.00
N ASP F 97 6.75 -0.32 -1.94
CA ASP F 97 6.04 -0.85 -3.11
C ASP F 97 6.81 -2.06 -3.66
N ASN F 98 7.31 -2.90 -2.75
CA ASN F 98 8.03 -4.13 -3.09
C ASN F 98 9.34 -3.91 -3.86
N SER F 99 9.95 -2.73 -3.74
CA SER F 99 11.18 -2.48 -4.50
C SER F 99 12.41 -2.78 -3.65
N GLU F 100 12.21 -2.93 -2.34
CA GLU F 100 13.30 -3.28 -1.44
C GLU F 100 12.92 -4.58 -0.72
N TYR F 101 12.28 -4.48 0.44
CA TYR F 101 11.55 -5.62 0.94
C TYR F 101 10.32 -5.80 0.06
N ALA F 102 9.79 -7.02 0.00
CA ALA F 102 8.58 -7.30 -0.77
C ALA F 102 7.66 -8.27 -0.05
N ALA F 103 6.38 -8.21 -0.39
CA ALA F 103 5.41 -9.15 0.16
C ALA F 103 4.41 -9.56 -0.89
N PHE F 104 3.99 -10.83 -0.83
CA PHE F 104 2.94 -11.34 -1.71
C PHE F 104 1.99 -12.23 -0.95
N ILE F 105 0.70 -11.89 -0.97
CA ILE F 105 -0.33 -12.76 -0.40
C ILE F 105 -0.46 -14.06 -1.18
N TYR F 106 -0.52 -15.21 -0.50
CA TYR F 106 -0.71 -16.47 -1.22
C TYR F 106 -1.92 -17.27 -0.71
N ARG F 107 -2.57 -16.79 0.35
CA ARG F 107 -3.63 -17.58 0.98
C ARG F 107 -4.48 -16.73 1.94
N LEU F 108 -5.76 -17.05 2.03
CA LEU F 108 -6.68 -16.49 3.03
C LEU F 108 -7.41 -17.67 3.68
N THR F 109 -7.53 -17.68 5.00
CA THR F 109 -8.27 -18.73 5.70
C THR F 109 -9.21 -18.13 6.74
N GLY F 110 -10.24 -18.90 7.11
CA GLY F 110 -11.15 -18.52 8.17
C GLY F 110 -12.20 -17.51 7.71
N GLY F 111 -12.69 -16.71 8.64
CA GLY F 111 -13.67 -15.69 8.31
C GLY F 111 -15.10 -16.05 8.62
N ASP F 112 -15.35 -17.35 8.82
CA ASP F 112 -16.71 -17.84 9.08
C ASP F 112 -17.28 -17.20 10.34
N PRO F 113 -18.54 -16.70 10.28
CA PRO F 113 -19.52 -16.72 9.18
C PRO F 113 -19.55 -15.50 8.25
N HIS F 114 -18.69 -14.51 8.50
CA HIS F 114 -18.70 -13.26 7.75
C HIS F 114 -18.06 -13.32 6.35
N LEU F 115 -16.91 -13.98 6.24
CA LEU F 115 -16.20 -14.06 4.97
C LEU F 115 -15.90 -15.50 4.54
N ASP F 116 -15.89 -15.72 3.23
CA ASP F 116 -15.55 -17.01 2.66
C ASP F 116 -14.43 -16.86 1.65
N PRO F 117 -13.19 -17.09 2.10
CA PRO F 117 -11.97 -17.01 1.29
C PRO F 117 -12.03 -17.88 0.04
N SER F 118 -11.45 -17.41 -1.06
CA SER F 118 -11.19 -18.26 -2.20
C SER F 118 -9.70 -18.52 -2.25
N HIS F 119 -9.22 -19.13 -3.34
CA HIS F 119 -7.81 -19.45 -3.51
C HIS F 119 -7.08 -18.35 -4.28
N VAL F 120 -5.77 -18.24 -4.08
CA VAL F 120 -5.01 -17.11 -4.62
C VAL F 120 -5.11 -17.05 -6.14
N GLU F 121 -5.17 -15.83 -6.65
CA GLU F 121 -5.20 -15.56 -8.07
C GLU F 121 -3.89 -14.88 -8.46
N VAL F 122 -3.17 -15.50 -9.39
CA VAL F 122 -1.91 -14.94 -9.83
C VAL F 122 -2.13 -14.32 -11.20
N ILE F 123 -1.97 -13.00 -11.27
CA ILE F 123 -2.17 -12.25 -12.49
C ILE F 123 -0.84 -12.04 -13.20
N LYS F 124 -0.76 -12.45 -14.46
CA LYS F 124 0.41 -12.18 -15.28
C LYS F 124 0.05 -11.24 -16.43
N LEU F 125 0.52 -10.01 -16.37
CA LEU F 125 0.29 -9.05 -17.44
C LEU F 125 1.50 -9.07 -18.33
N GLN F 126 1.34 -9.44 -19.60
N GLN F 126 1.33 -9.43 -19.60
CA GLN F 126 2.47 -9.49 -20.52
CA GLN F 126 2.46 -9.50 -20.51
C GLN F 126 2.97 -8.08 -20.79
C GLN F 126 2.97 -8.08 -20.82
N ASN F 127 2.08 -7.10 -20.74
CA ASN F 127 2.47 -5.72 -20.99
C ASN F 127 2.00 -4.75 -19.91
N ALA F 128 2.49 -4.98 -18.69
CA ALA F 128 2.21 -4.08 -17.57
C ALA F 128 2.93 -2.76 -17.78
N ALA F 129 2.31 -1.66 -17.35
CA ALA F 129 2.97 -0.36 -17.46
C ALA F 129 4.20 -0.33 -16.55
N GLN F 130 5.29 0.26 -17.05
CA GLN F 130 6.56 0.27 -16.35
C GLN F 130 7.25 1.60 -16.55
N PRO F 131 7.85 2.15 -15.49
CA PRO F 131 8.57 3.40 -15.68
C PRO F 131 9.91 3.11 -16.38
N THR F 132 10.47 4.08 -17.09
CA THR F 132 11.77 3.93 -17.72
C THR F 132 12.76 4.91 -17.14
N PRO F 133 14.04 4.52 -17.05
CA PRO F 133 15.10 5.44 -16.63
C PRO F 133 15.30 6.55 -17.67
N SER F 134 15.66 7.76 -17.25
CA SER F 134 15.77 8.07 -15.83
C SER F 134 14.77 9.16 -15.43
N ASN F 135 13.72 9.33 -16.24
CA ASN F 135 12.68 10.32 -15.94
C ASN F 135 11.30 9.70 -15.66
N GLY F 136 11.22 8.37 -15.66
CA GLY F 136 9.94 7.69 -15.48
C GLY F 136 9.14 7.67 -16.78
N TYR F 137 8.79 8.84 -17.28
CA TYR F 137 8.24 8.93 -18.62
C TYR F 137 9.42 9.03 -19.59
N PRO F 138 9.24 8.63 -20.86
CA PRO F 138 8.07 7.91 -21.39
C PRO F 138 7.97 6.50 -20.79
N PHE F 139 6.75 6.11 -20.43
CA PHE F 139 6.52 4.80 -19.84
C PHE F 139 6.47 3.73 -20.93
N THR F 140 6.86 2.51 -20.58
CA THR F 140 6.83 1.41 -21.53
C THR F 140 5.97 0.30 -20.95
N THR F 141 5.90 -0.84 -21.63
CA THR F 141 5.20 -2.00 -21.08
C THR F 141 6.11 -3.22 -21.06
N ALA F 142 5.87 -4.14 -20.13
CA ALA F 142 6.70 -5.33 -20.00
C ALA F 142 5.99 -6.34 -19.09
N PRO F 143 6.45 -7.60 -19.10
CA PRO F 143 5.77 -8.60 -18.25
C PRO F 143 5.99 -8.41 -16.74
N VAL F 144 4.90 -8.43 -15.99
CA VAL F 144 4.95 -8.35 -14.52
C VAL F 144 3.88 -9.26 -13.95
N ALA F 145 4.21 -9.96 -12.85
CA ALA F 145 3.26 -10.84 -12.18
C ALA F 145 2.78 -10.20 -10.87
N PHE F 146 1.54 -10.49 -10.51
CA PHE F 146 0.89 -9.90 -9.34
C PHE F 146 0.12 -11.02 -8.63
N SER F 147 -0.16 -10.87 -7.34
CA SER F 147 -1.06 -11.83 -6.69
C SER F 147 -2.12 -11.14 -5.84
N SER F 148 -3.29 -11.74 -5.78
CA SER F 148 -4.38 -11.25 -4.94
C SER F 148 -5.21 -12.45 -4.52
N CYS F 149 -6.00 -12.30 -3.47
CA CYS F 149 -6.87 -13.37 -3.07
C CYS F 149 -8.22 -12.82 -2.62
N ASP F 150 -9.29 -13.47 -3.05
CA ASP F 150 -10.67 -13.04 -2.81
C ASP F 150 -11.30 -13.71 -1.62
N ALA F 151 -12.27 -13.02 -1.02
CA ALA F 151 -13.16 -13.63 -0.06
C ALA F 151 -14.55 -13.05 -0.27
N LYS F 152 -15.56 -13.90 -0.33
CA LYS F 152 -16.94 -13.44 -0.52
C LYS F 152 -17.53 -12.97 0.80
N VAL F 153 -18.27 -11.86 0.77
CA VAL F 153 -18.92 -11.41 1.98
C VAL F 153 -20.11 -12.32 2.20
N ALA F 154 -20.12 -13.05 3.31
CA ALA F 154 -21.21 -14.00 3.59
C ALA F 154 -22.18 -13.51 4.68
N GLN F 155 -21.73 -12.56 5.49
CA GLN F 155 -22.56 -12.03 6.57
C GLN F 155 -21.98 -10.72 7.09
N GLN F 156 -22.81 -9.71 7.27
CA GLN F 156 -22.36 -8.45 7.86
C GLN F 156 -21.94 -8.67 9.31
N GLY F 157 -21.00 -7.86 9.77
CA GLY F 157 -20.45 -8.03 11.11
C GLY F 157 -18.93 -8.01 11.08
N GLN F 158 -18.33 -8.39 12.19
CA GLN F 158 -16.88 -8.32 12.32
C GLN F 158 -16.21 -9.68 12.17
N ALA F 159 -15.49 -9.86 11.07
CA ALA F 159 -14.69 -11.05 10.91
C ALA F 159 -13.51 -10.99 11.89
N LYS F 160 -13.40 -11.97 12.77
CA LYS F 160 -12.34 -11.96 13.78
C LYS F 160 -11.43 -13.18 13.69
N ASN F 161 -11.87 -14.19 12.93
CA ASN F 161 -11.13 -15.43 12.80
C ASN F 161 -10.56 -15.60 11.38
N PHE F 162 -10.18 -14.48 10.80
CA PHE F 162 -9.81 -14.40 9.39
C PHE F 162 -8.32 -14.11 9.25
N TYR F 163 -7.61 -14.91 8.46
CA TYR F 163 -6.16 -14.76 8.33
C TYR F 163 -5.70 -14.49 6.91
N VAL F 164 -4.80 -13.53 6.77
CA VAL F 164 -4.09 -13.27 5.52
C VAL F 164 -2.66 -13.84 5.56
N TRP F 165 -2.30 -14.65 4.56
CA TRP F 165 -1.00 -15.29 4.53
C TRP F 165 -0.11 -14.71 3.44
N ALA F 166 1.11 -14.30 3.79
CA ALA F 166 1.99 -13.69 2.80
C ALA F 166 3.45 -14.15 2.89
N ALA F 167 4.11 -14.21 1.75
CA ALA F 167 5.53 -14.48 1.70
C ALA F 167 6.29 -13.16 1.75
N LEU F 168 7.32 -13.09 2.58
CA LEU F 168 8.15 -11.90 2.74
C LEU F 168 9.51 -12.09 2.07
N PHE F 169 9.99 -11.04 1.41
CA PHE F 169 11.25 -11.07 0.67
C PHE F 169 12.18 -9.92 1.05
N THR F 170 13.49 -10.15 0.95
CA THR F 170 14.46 -9.09 1.21
C THR F 170 15.39 -8.96 0.00
N LEU F 171 15.90 -7.75 -0.22
CA LEU F 171 16.81 -7.47 -1.31
C LEU F 171 18.23 -7.82 -0.86
N ASP F 172 18.95 -8.60 -1.66
CA ASP F 172 20.29 -9.03 -1.25
C ASP F 172 21.34 -7.98 -1.62
N ASP F 173 22.61 -8.26 -1.34
CA ASP F 173 23.64 -7.24 -1.48
C ASP F 173 23.91 -6.83 -2.92
N SER F 174 23.57 -7.70 -3.87
CA SER F 174 23.70 -7.36 -5.29
C SER F 174 22.80 -6.17 -5.64
N GLY F 175 21.76 -5.96 -4.84
CA GLY F 175 20.78 -4.91 -5.09
C GLY F 175 19.98 -5.19 -6.35
N GLU F 176 20.01 -6.44 -6.82
CA GLU F 176 19.30 -6.80 -8.04
C GLU F 176 18.35 -7.98 -7.83
N LYS F 177 18.45 -8.61 -6.67
CA LYS F 177 17.71 -9.85 -6.47
C LYS F 177 17.05 -9.89 -5.10
N GLN F 178 15.78 -10.30 -5.09
CA GLN F 178 15.07 -10.44 -3.84
C GLN F 178 15.01 -11.91 -3.44
N VAL F 179 15.28 -12.18 -2.16
CA VAL F 179 15.30 -13.54 -1.67
C VAL F 179 14.26 -13.73 -0.55
N LEU F 180 13.73 -14.94 -0.46
CA LEU F 180 12.67 -15.25 0.50
C LEU F 180 13.17 -15.11 1.92
N ALA F 181 12.40 -14.43 2.77
CA ALA F 181 12.78 -14.32 4.17
C ALA F 181 12.00 -15.35 4.98
N GLY F 182 10.73 -15.52 4.62
CA GLY F 182 9.89 -16.49 5.27
C GLY F 182 8.43 -16.21 4.96
N TYR F 183 7.56 -16.92 5.66
CA TYR F 183 6.11 -16.77 5.49
C TYR F 183 5.47 -16.32 6.81
N VAL F 184 4.55 -15.36 6.74
CA VAL F 184 3.79 -14.91 7.92
C VAL F 184 2.29 -14.90 7.65
N LYS F 185 1.50 -14.88 8.73
CA LYS F 185 0.07 -14.69 8.58
C LYS F 185 -0.41 -13.74 9.65
N TRP F 186 -1.29 -12.82 9.28
CA TRP F 186 -1.86 -11.90 10.25
C TRP F 186 -3.37 -12.00 10.21
N ASP F 187 -4.01 -11.50 11.26
CA ASP F 187 -5.46 -11.60 11.34
C ASP F 187 -6.06 -10.20 11.45
N PRO F 188 -6.28 -9.56 10.31
CA PRO F 188 -6.82 -8.20 10.30
C PRO F 188 -8.26 -8.23 10.78
N THR F 189 -8.69 -7.18 11.45
CA THR F 189 -10.09 -7.06 11.80
C THR F 189 -10.82 -6.38 10.66
N VAL F 190 -11.69 -7.12 9.99
CA VAL F 190 -12.43 -6.56 8.87
C VAL F 190 -13.88 -6.44 9.27
N ASN F 191 -14.33 -5.20 9.44
CA ASN F 191 -15.72 -4.92 9.75
C ASN F 191 -16.52 -4.74 8.48
N VAL F 192 -17.48 -5.64 8.24
CA VAL F 192 -18.36 -5.48 7.09
C VAL F 192 -19.69 -4.86 7.55
N ALA F 193 -19.96 -3.64 7.08
CA ALA F 193 -21.09 -2.85 7.56
C ALA F 193 -21.85 -2.18 6.42
N SER G 18 35.51 18.99 -13.15
CA SER G 18 34.23 18.45 -12.70
C SER G 18 33.21 19.58 -12.46
N HIS G 19 32.76 19.71 -11.21
CA HIS G 19 31.58 20.52 -10.90
C HIS G 19 31.89 21.88 -10.27
N ILE G 20 31.35 22.93 -10.89
CA ILE G 20 31.53 24.29 -10.40
C ILE G 20 30.20 24.95 -10.04
N THR G 21 30.28 26.11 -9.39
CA THR G 21 29.11 26.95 -9.19
C THR G 21 29.17 28.15 -10.14
N ILE G 22 28.10 28.33 -10.90
CA ILE G 22 27.98 29.42 -11.86
C ILE G 22 26.98 30.43 -11.30
N ASN G 23 27.38 31.71 -11.22
CA ASN G 23 26.43 32.73 -10.80
C ASN G 23 25.54 33.13 -11.97
N VAL G 24 24.24 33.13 -11.75
CA VAL G 24 23.32 33.73 -12.72
C VAL G 24 22.70 34.95 -12.09
N THR G 26 20.29 38.15 -12.34
CA THR G 26 19.18 38.73 -13.10
C THR G 26 18.93 40.18 -12.72
N VAL G 27 18.98 41.09 -13.68
CA VAL G 27 18.58 42.46 -13.44
C VAL G 27 17.11 42.62 -13.84
N ILE G 28 16.33 43.23 -12.96
CA ILE G 28 14.89 43.30 -13.15
C ILE G 28 14.39 44.73 -13.27
N ASP G 29 13.61 45.01 -14.30
CA ASP G 29 12.97 46.33 -14.43
C ASP G 29 11.66 46.28 -13.60
N VAL G 30 11.77 46.53 -12.30
CA VAL G 30 10.66 46.36 -11.36
C VAL G 30 9.52 47.33 -11.68
N ALA G 31 9.89 48.56 -12.00
CA ALA G 31 8.92 49.58 -12.35
C ALA G 31 8.04 49.10 -13.50
N ALA G 32 8.68 48.58 -14.56
CA ALA G 32 7.93 48.16 -15.75
C ALA G 32 6.98 46.99 -15.45
N ILE G 33 7.46 46.02 -14.68
CA ILE G 33 6.63 44.87 -14.32
C ILE G 33 5.40 45.31 -13.52
N ILE G 34 5.60 46.20 -12.56
CA ILE G 34 4.49 46.65 -11.72
C ILE G 34 3.46 47.42 -12.56
N ASP G 35 3.94 48.26 -13.46
CA ASP G 35 3.06 49.10 -14.28
C ASP G 35 2.31 48.30 -15.34
N GLU G 36 2.98 47.34 -15.96
CA GLU G 36 2.30 46.51 -16.93
C GLU G 36 1.20 45.69 -16.27
N LEU G 37 1.48 45.18 -15.06
CA LEU G 37 0.45 44.47 -14.30
C LEU G 37 -0.74 45.38 -14.03
N LYS G 38 -0.48 46.62 -13.61
CA LYS G 38 -1.56 47.60 -13.43
C LYS G 38 -2.30 47.85 -14.74
N ALA G 39 -1.56 48.20 -15.79
CA ALA G 39 -2.15 48.47 -17.10
C ALA G 39 -3.01 47.30 -17.62
N GLN G 40 -2.63 46.07 -17.31
CA GLN G 40 -3.37 44.91 -17.79
C GLN G 40 -4.38 44.42 -16.76
N GLU G 41 -4.51 45.19 -15.68
CA GLU G 41 -5.41 44.87 -14.58
C GLU G 41 -5.23 43.46 -14.03
N LYS G 42 -3.99 42.97 -14.02
CA LYS G 42 -3.70 41.69 -13.37
C LYS G 42 -3.28 41.91 -11.93
N LYS G 43 -3.70 41.03 -11.03
CA LYS G 43 -3.38 41.18 -9.61
C LYS G 43 -1.93 40.83 -9.28
N LEU G 44 -1.26 41.74 -8.59
CA LEU G 44 0.07 41.48 -8.04
C LEU G 44 -0.07 40.71 -6.74
N GLY G 45 0.40 39.46 -6.72
CA GLY G 45 0.24 38.59 -5.56
C GLY G 45 0.77 39.18 -4.27
N GLN G 46 0.04 38.97 -3.18
CA GLN G 46 0.41 39.61 -1.91
C GLN G 46 0.91 38.64 -0.84
N THR G 47 0.99 37.35 -1.17
CA THR G 47 1.65 36.37 -0.30
C THR G 47 2.70 35.63 -1.10
N PRO G 48 3.74 35.11 -0.42
CA PRO G 48 4.76 34.35 -1.14
C PRO G 48 4.23 33.22 -2.02
N ASP G 49 3.11 32.59 -1.64
CA ASP G 49 2.61 31.45 -2.39
C ASP G 49 1.68 31.87 -3.53
N THR G 50 1.25 33.12 -3.53
CA THR G 50 0.37 33.58 -4.59
C THR G 50 1.09 34.52 -5.55
N ALA G 51 2.41 34.35 -5.68
CA ALA G 51 3.21 35.15 -6.59
C ALA G 51 2.60 35.14 -8.00
N THR G 52 2.54 36.29 -8.64
CA THR G 52 1.99 36.42 -9.98
C THR G 52 2.97 35.98 -11.06
N SER G 53 2.52 35.10 -11.96
CA SER G 53 3.31 34.71 -13.11
C SER G 53 3.43 35.86 -14.11
N ILE G 54 4.66 36.29 -14.36
CA ILE G 54 4.91 37.33 -15.36
C ILE G 54 5.70 36.75 -16.52
N GLY G 55 5.81 37.51 -17.60
CA GLY G 55 6.62 37.08 -18.73
C GLY G 55 8.07 37.31 -18.34
N HIS G 56 9.01 37.10 -19.24
CA HIS G 56 10.36 37.44 -18.85
C HIS G 56 10.89 38.52 -19.78
N LYS G 57 9.99 39.44 -20.13
CA LYS G 57 10.29 40.62 -20.92
C LYS G 57 11.16 41.66 -20.17
N TYR G 58 11.02 41.73 -18.85
CA TYR G 58 11.78 42.74 -18.12
C TYR G 58 12.82 42.15 -17.18
N ILE G 59 13.36 41.00 -17.56
CA ILE G 59 14.45 40.42 -16.80
C ILE G 59 15.63 40.18 -17.74
N TYR G 60 16.81 40.53 -17.26
CA TYR G 60 18.00 40.52 -18.09
C TYR G 60 19.10 39.75 -17.39
N SER G 62 22.77 37.85 -16.74
N SER G 62 22.78 37.83 -16.75
CA SER G 62 24.21 37.76 -16.99
CA SER G 62 24.20 37.72 -17.03
C SER G 62 24.75 36.60 -16.17
C SER G 62 24.76 36.63 -16.14
N SER G 63 26.03 36.30 -16.36
CA SER G 63 26.66 35.21 -15.65
C SER G 63 28.15 35.44 -15.46
N ASP G 64 28.73 34.74 -14.50
CA ASP G 64 30.17 34.69 -14.31
C ASP G 64 30.78 33.39 -14.87
N ASP G 65 30.00 32.63 -15.64
CA ASP G 65 30.37 31.28 -16.07
C ASP G 65 31.75 31.22 -16.73
N PRO G 66 32.71 30.57 -16.05
CA PRO G 66 34.08 30.41 -16.58
C PRO G 66 34.12 29.55 -17.83
N ARG G 67 33.15 28.64 -17.98
CA ARG G 67 33.08 27.77 -19.15
C ARG G 67 32.56 28.53 -20.35
N GLY G 68 32.19 29.80 -20.13
CA GLY G 68 31.62 30.63 -21.18
C GLY G 68 30.11 30.64 -21.15
N TRP G 69 29.52 31.70 -21.70
CA TRP G 69 28.08 31.85 -21.76
C TRP G 69 27.73 32.90 -22.80
N SER G 70 26.45 33.01 -23.14
CA SER G 70 25.95 34.00 -24.09
C SER G 70 24.51 34.39 -23.78
N VAL G 71 24.12 35.62 -24.09
CA VAL G 71 22.73 36.02 -24.00
C VAL G 71 22.19 36.08 -25.41
N GLY G 72 21.11 35.34 -25.68
CA GLY G 72 20.62 35.22 -27.04
C GLY G 72 19.20 35.65 -27.28
N ASN G 73 19.02 36.51 -28.27
CA ASN G 73 17.70 36.85 -28.78
C ASN G 73 16.88 37.74 -27.87
N ASP G 74 16.64 37.27 -26.65
CA ASP G 74 15.59 37.82 -25.84
C ASP G 74 15.95 38.13 -24.41
N PRO G 75 15.18 39.13 -23.82
CA PRO G 75 15.31 39.18 -22.37
C PRO G 75 14.67 37.91 -21.84
N GLY G 76 15.11 37.48 -20.67
CA GLY G 76 14.62 36.25 -20.06
C GLY G 76 15.19 34.97 -20.66
N ASN G 77 16.23 35.12 -21.48
CA ASN G 77 16.95 33.97 -22.05
C ASN G 77 18.42 34.01 -21.67
N ILE G 78 19.03 32.83 -21.50
CA ILE G 78 20.48 32.75 -21.36
C ILE G 78 20.97 31.37 -21.80
N THR G 79 22.21 31.33 -22.28
CA THR G 79 22.85 30.07 -22.62
C THR G 79 24.14 29.91 -21.81
N LEU G 80 24.25 28.80 -21.10
CA LEU G 80 25.38 28.60 -20.21
C LEU G 80 26.10 27.32 -20.59
N ASN G 81 27.42 27.33 -20.54
CA ASN G 81 28.16 26.07 -20.66
C ASN G 81 28.27 25.46 -19.26
N ALA G 82 27.55 24.37 -19.04
CA ALA G 82 27.54 23.70 -17.75
C ALA G 82 27.38 22.20 -17.91
N HIS G 83 27.97 21.46 -16.98
CA HIS G 83 27.86 20.01 -16.98
C HIS G 83 26.87 19.57 -15.93
N VAL G 84 26.38 18.34 -16.05
CA VAL G 84 25.58 17.74 -15.01
C VAL G 84 26.38 17.76 -13.73
N GLY G 85 25.75 18.16 -12.63
CA GLY G 85 26.44 18.23 -11.34
C GLY G 85 26.92 19.64 -11.04
N ASP G 86 26.91 20.49 -12.06
CA ASP G 86 27.19 21.92 -11.86
C ASP G 86 26.07 22.57 -11.07
N THR G 87 26.40 23.62 -10.31
CA THR G 87 25.38 24.34 -9.56
C THR G 87 25.19 25.75 -10.12
N LEU G 88 23.95 26.09 -10.45
CA LEU G 88 23.60 27.45 -10.85
C LEU G 88 23.13 28.21 -9.63
N SER G 89 23.71 29.37 -9.38
CA SER G 89 23.32 30.17 -8.23
C SER G 89 22.66 31.47 -8.69
N PHE G 90 21.37 31.60 -8.41
CA PHE G 90 20.57 32.74 -8.90
C PHE G 90 20.55 33.93 -7.94
N PHE G 91 20.95 35.08 -8.47
CA PHE G 91 20.95 36.34 -7.74
C PHE G 91 20.09 37.33 -8.51
N CYS G 92 19.67 38.41 -7.87
CA CYS G 92 19.00 39.47 -8.62
C CYS G 92 19.11 40.85 -7.99
N ALA G 93 18.75 41.84 -8.79
CA ALA G 93 18.68 43.22 -8.34
C ALA G 93 17.85 44.03 -9.33
N SER G 94 17.24 45.10 -8.84
CA SER G 94 16.55 46.05 -9.72
C SER G 94 17.54 46.83 -10.57
N THR G 95 17.04 47.63 -11.51
CA THR G 95 17.95 48.41 -12.36
C THR G 95 18.63 49.54 -11.58
N SER G 96 18.18 49.79 -10.34
CA SER G 96 18.84 50.78 -9.48
C SER G 96 19.70 50.10 -8.40
N ASP G 97 20.02 48.83 -8.62
CA ASP G 97 20.74 48.04 -7.63
C ASP G 97 19.98 48.03 -6.30
N ASN G 98 18.67 47.89 -6.39
CA ASN G 98 17.79 47.84 -5.22
C ASN G 98 17.83 49.12 -4.37
N SER G 99 18.26 50.24 -4.94
CA SER G 99 18.31 51.49 -4.17
C SER G 99 17.04 52.32 -4.29
N GLU G 100 16.17 51.98 -5.23
CA GLU G 100 14.86 52.63 -5.31
C GLU G 100 13.78 51.56 -5.27
N TYR G 101 13.40 51.04 -6.44
CA TYR G 101 12.70 49.74 -6.46
C TYR G 101 13.70 48.66 -6.08
N ALA G 102 13.21 47.54 -5.55
CA ALA G 102 14.09 46.44 -5.16
C ALA G 102 13.43 45.08 -5.39
N ALA G 103 14.26 44.06 -5.57
CA ALA G 103 13.79 42.69 -5.72
C ALA G 103 14.69 41.73 -4.95
N PHE G 104 14.09 40.72 -4.36
CA PHE G 104 14.81 39.62 -3.72
C PHE G 104 14.21 38.29 -4.14
N ILE G 105 15.05 37.36 -4.58
CA ILE G 105 14.62 36.00 -4.88
C ILE G 105 14.38 35.26 -3.59
N TYR G 106 13.27 34.53 -3.49
CA TYR G 106 13.08 33.75 -2.28
C TYR G 106 12.82 32.27 -2.55
N ARG G 107 12.73 31.89 -3.83
CA ARG G 107 12.29 30.54 -4.18
C ARG G 107 12.54 30.21 -5.65
N LEU G 108 12.90 28.94 -5.92
CA LEU G 108 12.91 28.36 -7.25
C LEU G 108 12.11 27.08 -7.20
N THR G 109 11.33 26.82 -8.23
CA THR G 109 10.58 25.57 -8.32
C THR G 109 10.64 24.98 -9.73
N GLY G 110 10.36 23.68 -9.81
CA GLY G 110 10.26 22.98 -11.08
C GLY G 110 11.61 22.64 -11.68
N GLY G 111 11.68 22.63 -13.01
CA GLY G 111 12.93 22.37 -13.70
C GLY G 111 13.17 20.93 -14.13
N ASP G 112 12.43 20.01 -13.52
CA ASP G 112 12.53 18.59 -13.82
C ASP G 112 12.33 18.37 -15.32
N PRO G 113 13.22 17.61 -15.97
CA PRO G 113 14.37 16.87 -15.43
C PRO G 113 15.72 17.61 -15.53
N HIS G 114 15.72 18.85 -16.03
CA HIS G 114 16.94 19.57 -16.34
C HIS G 114 17.64 20.24 -15.13
N LEU G 115 16.86 20.83 -14.23
CA LEU G 115 17.38 21.52 -13.06
C LEU G 115 16.74 21.02 -11.77
N ASP G 116 17.53 20.95 -10.70
CA ASP G 116 17.00 20.60 -9.38
C ASP G 116 17.23 21.75 -8.39
N PRO G 117 16.19 22.57 -8.17
CA PRO G 117 16.24 23.73 -7.26
C PRO G 117 16.53 23.36 -5.82
N SER G 118 17.22 24.23 -5.11
CA SER G 118 17.33 24.12 -3.67
C SER G 118 16.53 25.23 -3.00
N HIS G 119 16.66 25.34 -1.68
CA HIS G 119 16.00 26.38 -0.91
C HIS G 119 16.91 27.61 -0.77
N VAL G 120 16.28 28.78 -0.63
CA VAL G 120 17.00 30.06 -0.60
C VAL G 120 18.04 30.11 0.53
N GLU G 121 19.18 30.74 0.26
N GLU G 121 19.16 30.79 0.27
CA GLU G 121 20.13 31.03 1.32
CA GLU G 121 20.12 31.04 1.30
C GLU G 121 20.16 32.55 1.54
C GLU G 121 20.21 32.55 1.56
N VAL G 122 19.90 32.94 2.78
CA VAL G 122 20.00 34.35 3.15
C VAL G 122 21.38 34.59 3.71
N ILE G 123 22.14 35.45 3.04
CA ILE G 123 23.50 35.72 3.45
C ILE G 123 23.53 37.00 4.26
N LYS G 124 24.09 36.93 5.45
CA LYS G 124 24.21 38.10 6.29
C LYS G 124 25.68 38.37 6.55
N LEU G 125 26.22 39.35 5.84
CA LEU G 125 27.60 39.77 6.06
C LEU G 125 27.62 40.77 7.19
N GLN G 126 28.37 40.43 8.25
CA GLN G 126 28.53 41.34 9.36
C GLN G 126 29.27 42.59 8.90
N ASN G 127 30.19 42.40 7.96
CA ASN G 127 31.00 43.53 7.50
C ASN G 127 31.09 43.60 6.00
N ALA G 128 29.95 43.80 5.35
CA ALA G 128 29.93 44.00 3.91
C ALA G 128 30.51 45.36 3.57
N ALA G 129 31.18 45.45 2.43
CA ALA G 129 31.73 46.73 1.98
C ALA G 129 30.58 47.72 1.72
N GLN G 130 30.75 48.98 2.14
CA GLN G 130 29.71 50.01 1.95
C GLN G 130 30.34 51.35 1.59
N PRO G 131 29.69 52.09 0.67
CA PRO G 131 30.16 53.44 0.34
C PRO G 131 29.82 54.38 1.47
N THR G 132 30.62 55.44 1.65
CA THR G 132 30.29 56.48 2.60
C THR G 132 30.12 57.83 1.88
N PRO G 133 29.19 58.67 2.36
CA PRO G 133 29.08 60.03 1.84
C PRO G 133 30.36 60.81 2.15
N SER G 134 30.77 61.73 1.27
CA SER G 134 30.04 62.06 0.07
C SER G 134 30.81 61.68 -1.20
N ASN G 135 31.88 60.92 -1.04
CA ASN G 135 32.75 60.61 -2.18
C ASN G 135 32.83 59.12 -2.51
N GLY G 136 32.06 58.29 -1.80
CA GLY G 136 32.20 56.86 -1.96
C GLY G 136 33.32 56.32 -1.08
N TYR G 137 34.56 56.70 -1.40
CA TYR G 137 35.71 56.41 -0.56
C TYR G 137 35.86 57.49 0.52
N PRO G 138 36.51 57.18 1.66
CA PRO G 138 36.96 55.85 2.10
C PRO G 138 35.78 54.94 2.41
N PHE G 139 35.82 53.73 1.87
CA PHE G 139 34.76 52.77 2.08
C PHE G 139 34.80 52.24 3.49
N THR G 140 33.65 51.79 4.00
CA THR G 140 33.59 51.22 5.34
C THR G 140 32.99 49.83 5.24
N THR G 141 32.63 49.24 6.39
CA THR G 141 31.94 47.95 6.38
C THR G 141 30.79 48.02 7.36
N ALA G 142 29.76 47.21 7.13
CA ALA G 142 28.57 47.26 7.96
C ALA G 142 27.69 46.05 7.64
N PRO G 143 26.75 45.73 8.54
CA PRO G 143 25.83 44.61 8.26
C PRO G 143 24.95 44.84 7.04
N VAL G 144 24.98 43.87 6.12
CA VAL G 144 24.07 43.84 4.98
C VAL G 144 23.63 42.39 4.75
N ALA G 145 22.39 42.20 4.34
CA ALA G 145 21.86 40.89 4.03
C ALA G 145 21.55 40.76 2.54
N PHE G 146 21.73 39.55 2.02
CA PHE G 146 21.54 39.29 0.60
C PHE G 146 20.77 37.97 0.46
N SER G 147 20.19 37.70 -0.70
CA SER G 147 19.62 36.37 -0.92
C SER G 147 19.98 35.80 -2.29
N SER G 148 20.10 34.48 -2.34
CA SER G 148 20.34 33.77 -3.57
C SER G 148 19.65 32.42 -3.48
N CYS G 149 19.41 31.79 -4.63
CA CYS G 149 18.89 30.43 -4.60
C CYS G 149 19.56 29.59 -5.69
N ASP G 150 19.90 28.36 -5.32
CA ASP G 150 20.64 27.47 -6.21
C ASP G 150 19.75 26.45 -6.91
N ALA G 151 20.18 26.05 -8.11
CA ALA G 151 19.58 24.90 -8.79
C ALA G 151 20.69 24.04 -9.40
N LYS G 152 20.64 22.73 -9.14
CA LYS G 152 21.68 21.83 -9.65
C LYS G 152 21.37 21.44 -11.09
N VAL G 153 22.39 21.40 -11.96
CA VAL G 153 22.14 20.97 -13.32
C VAL G 153 22.03 19.45 -13.29
N ALA G 154 20.90 18.94 -13.79
CA ALA G 154 20.65 17.51 -13.72
C ALA G 154 20.63 16.85 -15.11
N GLN G 155 20.45 17.65 -16.15
CA GLN G 155 20.40 17.14 -17.51
C GLN G 155 20.52 18.31 -18.47
N GLN G 156 21.41 18.20 -19.43
CA GLN G 156 21.64 19.30 -20.34
C GLN G 156 20.41 19.55 -21.20
N GLY G 157 20.29 20.76 -21.73
CA GLY G 157 19.12 21.14 -22.49
C GLY G 157 18.46 22.36 -21.88
N GLN G 158 17.18 22.53 -22.11
CA GLN G 158 16.50 23.72 -21.61
C GLN G 158 15.32 23.37 -20.71
N ALA G 159 15.34 23.87 -19.48
CA ALA G 159 14.27 23.62 -18.54
C ALA G 159 12.99 24.27 -19.01
N LYS G 160 11.88 23.53 -18.91
CA LYS G 160 10.59 24.02 -19.38
C LYS G 160 9.63 24.43 -18.27
N ASN G 161 9.90 23.96 -17.06
CA ASN G 161 8.97 24.18 -15.95
C ASN G 161 9.58 24.94 -14.78
N PHE G 162 10.61 25.72 -15.06
CA PHE G 162 11.44 26.31 -14.02
C PHE G 162 11.00 27.74 -13.70
N TYR G 163 10.70 28.00 -12.45
CA TYR G 163 10.26 29.34 -12.05
C TYR G 163 11.17 29.96 -10.99
N VAL G 164 11.49 31.23 -11.20
CA VAL G 164 12.18 32.04 -10.21
C VAL G 164 11.16 32.91 -9.50
N TRP G 165 11.13 32.86 -8.18
CA TRP G 165 10.16 33.62 -7.39
C TRP G 165 10.83 34.78 -6.67
N ALA G 166 10.27 35.98 -6.79
CA ALA G 166 10.86 37.16 -6.15
C ALA G 166 9.83 38.09 -5.52
N ALA G 167 10.21 38.70 -4.40
CA ALA G 167 9.43 39.78 -3.80
C ALA G 167 9.88 41.12 -4.35
N LEU G 168 8.93 41.99 -4.68
CA LEU G 168 9.21 43.31 -5.22
C LEU G 168 8.87 44.43 -4.22
N PHE G 169 9.70 45.47 -4.20
CA PHE G 169 9.53 46.56 -3.24
C PHE G 169 9.60 47.89 -3.95
N THR G 170 8.82 48.86 -3.45
CA THR G 170 8.92 50.23 -3.94
C THR G 170 9.50 51.12 -2.87
N LEU G 171 10.07 52.24 -3.27
CA LEU G 171 10.55 53.26 -2.34
C LEU G 171 9.42 54.21 -1.95
N ASP G 172 9.18 54.41 -0.65
CA ASP G 172 8.04 55.26 -0.27
C ASP G 172 8.40 56.75 -0.34
N ASP G 173 7.42 57.61 -0.09
CA ASP G 173 7.58 59.05 -0.32
C ASP G 173 8.70 59.67 0.51
N SER G 174 8.97 59.13 1.70
CA SER G 174 10.07 59.63 2.53
C SER G 174 11.42 59.45 1.84
N GLY G 175 11.47 58.56 0.84
CA GLY G 175 12.72 58.26 0.17
C GLY G 175 13.71 57.51 1.06
N GLU G 176 13.23 56.98 2.18
CA GLU G 176 14.10 56.28 3.14
C GLU G 176 13.72 54.81 3.34
N LYS G 177 12.47 54.48 3.02
CA LYS G 177 11.95 53.15 3.34
C LYS G 177 11.39 52.43 2.12
N GLN G 178 11.76 51.17 1.97
CA GLN G 178 11.18 50.35 0.90
C GLN G 178 10.08 49.48 1.46
N VAL G 179 8.98 49.40 0.71
CA VAL G 179 7.79 48.70 1.18
C VAL G 179 7.34 47.67 0.15
N LEU G 180 6.75 46.60 0.66
CA LEU G 180 6.39 45.45 -0.18
C LEU G 180 5.33 45.85 -1.20
N ALA G 181 5.64 45.61 -2.47
CA ALA G 181 4.67 45.81 -3.53
C ALA G 181 3.93 44.50 -3.74
N GLY G 182 4.66 43.38 -3.73
CA GLY G 182 4.04 42.08 -3.88
C GLY G 182 5.04 41.06 -4.37
N TYR G 183 4.56 39.90 -4.82
CA TYR G 183 5.41 38.80 -5.22
C TYR G 183 5.12 38.42 -6.65
N VAL G 184 6.18 38.11 -7.41
CA VAL G 184 6.05 37.64 -8.79
C VAL G 184 6.93 36.41 -9.00
N LYS G 185 6.63 35.67 -10.07
CA LYS G 185 7.49 34.58 -10.51
C LYS G 185 7.56 34.61 -12.03
N TRP G 186 8.70 34.21 -12.58
CA TRP G 186 8.86 34.13 -14.03
C TRP G 186 9.57 32.84 -14.42
N ASP G 187 9.43 32.44 -15.68
CA ASP G 187 10.04 31.20 -16.13
C ASP G 187 11.13 31.50 -17.14
N PRO G 188 12.35 31.72 -16.65
CA PRO G 188 13.43 32.10 -17.55
C PRO G 188 13.78 30.92 -18.45
N THR G 189 14.22 31.21 -19.68
CA THR G 189 14.72 30.19 -20.58
C THR G 189 16.20 29.99 -20.30
N VAL G 190 16.54 28.86 -19.69
CA VAL G 190 17.94 28.61 -19.32
C VAL G 190 18.52 27.44 -20.13
N ASN G 191 19.27 27.76 -21.18
CA ASN G 191 19.89 26.74 -22.04
C ASN G 191 21.25 26.30 -21.51
N VAL G 192 21.36 25.04 -21.12
CA VAL G 192 22.62 24.47 -20.67
C VAL G 192 23.25 23.60 -21.76
N ALA G 193 24.42 24.01 -22.23
CA ALA G 193 25.08 23.30 -23.33
C ALA G 193 26.46 22.77 -22.90
N SER H 18 9.63 67.08 -19.82
CA SER H 18 9.70 65.74 -20.41
C SER H 18 11.11 65.17 -20.34
N HIS H 19 11.97 65.79 -19.53
CA HIS H 19 13.29 65.23 -19.29
C HIS H 19 13.14 64.05 -18.35
N ILE H 20 13.84 62.95 -18.65
CA ILE H 20 13.73 61.77 -17.79
C ILE H 20 15.11 61.29 -17.34
N THR H 21 15.11 60.48 -16.28
CA THR H 21 16.32 59.82 -15.81
C THR H 21 16.29 58.35 -16.23
N ILE H 22 17.37 57.90 -16.84
CA ILE H 22 17.47 56.52 -17.33
C ILE H 22 18.48 55.74 -16.50
N ASN H 23 18.07 54.61 -15.92
CA ASN H 23 18.99 53.78 -15.15
C ASN H 23 19.84 52.93 -16.07
N VAL H 24 21.14 52.97 -15.87
CA VAL H 24 22.03 52.05 -16.56
C VAL H 24 22.68 51.18 -15.51
N THR H 26 25.02 48.08 -14.45
CA THR H 26 26.13 47.28 -14.93
C THR H 26 26.39 46.12 -13.98
N VAL H 27 26.28 44.91 -14.49
CA VAL H 27 26.75 43.73 -13.76
C VAL H 27 28.21 43.48 -14.13
N ILE H 28 29.04 43.28 -13.10
CA ILE H 28 30.49 43.15 -13.26
C ILE H 28 30.99 41.78 -12.82
N ASP H 29 31.77 41.12 -13.68
CA ASP H 29 32.40 39.85 -13.29
C ASP H 29 33.72 40.20 -12.59
N VAL H 30 33.65 40.43 -11.28
CA VAL H 30 34.78 40.99 -10.54
C VAL H 30 35.96 40.00 -10.48
N ALA H 31 35.63 38.73 -10.30
CA ALA H 31 36.65 37.68 -10.27
C ALA H 31 37.40 37.60 -11.59
N ALA H 32 36.67 37.69 -12.71
CA ALA H 32 37.32 37.63 -14.01
C ALA H 32 38.27 38.82 -14.21
N ILE H 33 37.81 40.01 -13.83
CA ILE H 33 38.65 41.20 -13.92
C ILE H 33 39.93 41.06 -13.09
N ILE H 34 39.79 40.57 -11.86
CA ILE H 34 40.95 40.40 -10.97
C ILE H 34 41.89 39.28 -11.46
N ASP H 35 41.31 38.15 -11.84
CA ASP H 35 42.10 37.02 -12.32
C ASP H 35 42.81 37.35 -13.63
N GLU H 36 42.29 38.31 -14.37
CA GLU H 36 42.92 38.67 -15.63
C GLU H 36 44.10 39.62 -15.41
N LEU H 37 44.00 40.50 -14.43
CA LEU H 37 45.19 41.23 -13.99
C LEU H 37 46.23 40.29 -13.35
N LYS H 38 45.78 39.39 -12.49
CA LYS H 38 46.70 38.49 -11.79
C LYS H 38 47.47 37.50 -12.67
N ALA H 39 46.78 36.90 -13.63
CA ALA H 39 47.39 35.99 -14.58
C ALA H 39 48.39 36.76 -15.43
N GLN H 40 48.03 37.98 -15.76
CA GLN H 40 48.87 38.88 -16.54
C GLN H 40 49.84 39.61 -15.60
N GLU H 41 49.72 39.34 -14.31
CA GLU H 41 50.62 39.92 -13.31
C GLU H 41 50.66 41.44 -13.38
N LYS H 42 49.51 42.09 -13.52
CA LYS H 42 49.48 43.54 -13.62
C LYS H 42 48.98 44.18 -12.32
N LYS H 43 49.41 45.41 -12.06
CA LYS H 43 49.13 46.06 -10.78
C LYS H 43 47.76 46.71 -10.73
N LEU H 44 46.97 46.24 -9.78
CA LEU H 44 45.65 46.79 -9.50
C LEU H 44 45.80 48.03 -8.61
N GLY H 45 45.35 49.18 -9.10
CA GLY H 45 45.51 50.43 -8.36
C GLY H 45 44.98 50.38 -6.95
N GLN H 46 45.64 51.11 -6.04
CA GLN H 46 45.32 51.02 -4.62
C GLN H 46 44.75 52.31 -4.02
N THR H 47 44.65 53.38 -4.82
CA THR H 47 43.96 54.60 -4.39
C THR H 47 42.92 54.95 -5.44
N PRO H 48 41.91 55.76 -5.07
CA PRO H 48 40.86 56.06 -6.06
C PRO H 48 41.38 56.76 -7.30
N ASP H 49 42.41 57.58 -7.13
CA ASP H 49 42.96 58.35 -8.24
C ASP H 49 43.86 57.50 -9.13
N THR H 50 44.31 56.34 -8.64
CA THR H 50 45.17 55.48 -9.44
C THR H 50 44.47 54.22 -9.91
N ALA H 51 43.16 54.30 -10.14
CA ALA H 51 42.40 53.17 -10.66
C ALA H 51 43.01 52.67 -11.96
N THR H 52 43.02 51.35 -12.12
CA THR H 52 43.59 50.69 -13.30
C THR H 52 42.58 50.60 -14.44
N SER H 53 42.96 51.08 -15.63
CA SER H 53 42.05 50.97 -16.75
C SER H 53 42.03 49.51 -17.18
N ILE H 54 40.84 48.97 -17.36
CA ILE H 54 40.64 47.59 -17.80
C ILE H 54 39.81 47.61 -19.06
N GLY H 55 39.64 46.45 -19.69
CA GLY H 55 38.77 46.38 -20.85
C GLY H 55 37.32 46.45 -20.42
N HIS H 56 36.41 46.28 -21.37
CA HIS H 56 35.00 46.18 -21.00
C HIS H 56 34.44 44.83 -21.39
N LYS H 57 35.31 43.82 -21.40
CA LYS H 57 34.88 42.45 -21.68
C LYS H 57 34.01 41.82 -20.57
N TYR H 58 34.20 42.23 -19.32
CA TYR H 58 33.42 41.62 -18.23
C TYR H 58 32.42 42.62 -17.61
N ILE H 59 31.86 43.44 -18.48
CA ILE H 59 30.96 44.54 -18.15
C ILE H 59 29.63 44.23 -18.86
N TYR H 60 28.53 44.08 -18.14
CA TYR H 60 27.25 43.70 -18.77
C TYR H 60 26.12 44.64 -18.37
N SER H 62 22.46 46.82 -18.55
CA SER H 62 21.02 46.75 -18.70
C SER H 62 20.43 48.13 -18.40
N SER H 63 19.16 48.34 -18.71
CA SER H 63 18.54 49.63 -18.42
C SER H 63 17.05 49.50 -18.13
N ASP H 64 16.46 50.55 -17.56
CA ASP H 64 15.01 50.65 -17.44
C ASP H 64 14.44 51.65 -18.45
N ASP H 65 15.29 52.14 -19.35
CA ASP H 65 14.95 53.22 -20.29
C ASP H 65 13.53 53.09 -20.87
N PRO H 66 12.61 53.96 -20.42
CA PRO H 66 11.22 53.95 -20.89
C PRO H 66 11.12 54.27 -22.38
N ARG H 67 12.13 54.95 -22.92
CA ARG H 67 12.16 55.31 -24.33
C ARG H 67 12.61 54.15 -25.21
N GLY H 68 13.00 53.04 -24.58
CA GLY H 68 13.46 51.88 -25.33
C GLY H 68 14.97 51.79 -25.35
N TRP H 69 15.50 50.58 -25.42
CA TRP H 69 16.94 50.37 -25.46
C TRP H 69 17.27 48.99 -26.01
N SER H 70 18.56 48.73 -26.22
CA SER H 70 19.02 47.42 -26.66
C SER H 70 20.50 47.22 -26.34
N VAL H 71 20.88 45.96 -26.16
CA VAL H 71 22.26 45.63 -25.79
C VAL H 71 22.90 44.66 -26.79
N ASP H 74 28.15 41.80 -27.94
CA ASP H 74 29.32 42.54 -27.46
C ASP H 74 29.14 42.97 -26.01
N PRO H 75 30.01 42.48 -25.12
CA PRO H 75 29.97 43.03 -23.76
C PRO H 75 30.60 44.44 -23.72
N GLY H 76 30.12 45.28 -22.81
CA GLY H 76 30.64 46.62 -22.64
C GLY H 76 29.97 47.61 -23.58
N ASN H 77 28.84 47.19 -24.15
CA ASN H 77 28.11 47.99 -25.12
C ASN H 77 26.62 48.11 -24.79
N ILE H 78 26.06 49.29 -25.04
CA ILE H 78 24.62 49.47 -24.92
C ILE H 78 24.12 50.61 -25.82
N THR H 79 22.86 50.49 -26.26
CA THR H 79 22.22 51.52 -27.05
C THR H 79 20.99 52.02 -26.31
N LEU H 80 20.94 53.32 -26.09
CA LEU H 80 19.88 53.92 -25.31
C LEU H 80 19.16 54.98 -26.14
N ASN H 81 17.83 54.90 -26.19
CA ASN H 81 17.06 56.01 -26.72
C ASN H 81 17.02 57.11 -25.66
N ALA H 82 17.58 58.26 -25.98
CA ALA H 82 17.67 59.34 -25.02
C ALA H 82 17.71 60.67 -25.73
N HIS H 83 17.09 61.69 -25.14
CA HIS H 83 17.12 63.03 -25.70
C HIS H 83 18.14 63.85 -24.96
N VAL H 84 18.77 64.79 -25.67
CA VAL H 84 19.59 65.79 -25.01
C VAL H 84 18.80 66.38 -23.85
N GLY H 85 19.42 66.44 -22.67
CA GLY H 85 18.70 66.82 -21.48
C GLY H 85 18.30 65.66 -20.57
N ASP H 86 18.24 64.44 -21.11
CA ASP H 86 18.01 63.28 -20.25
C ASP H 86 19.23 63.02 -19.36
N THR H 87 19.01 62.32 -18.26
CA THR H 87 20.09 61.94 -17.37
C THR H 87 20.28 60.44 -17.35
N LEU H 88 21.51 59.99 -17.54
CA LEU H 88 21.82 58.59 -17.31
C LEU H 88 22.36 58.40 -15.90
N SER H 89 21.79 57.45 -15.19
CA SER H 89 22.19 57.19 -13.82
C SER H 89 22.84 55.81 -13.76
N PHE H 90 24.14 55.75 -13.44
CA PHE H 90 24.90 54.50 -13.49
C PHE H 90 24.98 53.79 -12.15
N PHE H 91 24.58 52.52 -12.15
CA PHE H 91 24.57 51.66 -10.97
C PHE H 91 25.37 50.41 -11.29
N CYS H 92 25.88 49.74 -10.26
CA CYS H 92 26.59 48.49 -10.50
C CYS H 92 26.54 47.45 -9.37
N ALA H 93 26.72 46.19 -9.75
CA ALA H 93 26.89 45.11 -8.80
C ALA H 93 27.68 43.97 -9.43
N SER H 94 28.34 43.18 -8.60
CA SER H 94 28.98 41.94 -9.05
C SER H 94 27.94 40.88 -9.43
N THR H 95 28.41 39.78 -10.00
CA THR H 95 27.52 38.70 -10.44
C THR H 95 26.87 38.00 -9.26
N SER H 96 27.38 38.26 -8.06
CA SER H 96 26.79 37.73 -6.83
C SER H 96 26.00 38.78 -6.06
N ASP H 97 25.60 39.84 -6.75
CA ASP H 97 24.87 40.95 -6.12
C ASP H 97 25.65 41.51 -4.91
N ASN H 98 26.98 41.57 -5.08
CA ASN H 98 27.92 42.10 -4.09
C ASN H 98 27.94 41.30 -2.79
N SER H 99 27.53 40.03 -2.84
CA SER H 99 27.51 39.20 -1.63
C SER H 99 28.78 38.36 -1.44
N GLU H 100 29.62 38.26 -2.48
CA GLU H 100 30.93 37.65 -2.32
C GLU H 100 32.01 38.64 -2.76
N TYR H 101 32.31 38.70 -4.06
CA TYR H 101 32.99 39.88 -4.60
C TYR H 101 31.97 41.03 -4.64
N ALA H 102 32.43 42.27 -4.54
CA ALA H 102 31.55 43.43 -4.59
C ALA H 102 32.20 44.56 -5.39
N ALA H 103 31.37 45.43 -5.94
CA ALA H 103 31.88 46.59 -6.68
C ALA H 103 31.01 47.80 -6.39
N PHE H 104 31.63 48.97 -6.25
CA PHE H 104 30.87 50.22 -6.10
C PHE H 104 31.43 51.29 -7.04
N ILE H 105 30.54 51.98 -7.75
CA ILE H 105 30.95 53.09 -8.60
C ILE H 105 31.25 54.30 -7.72
N TYR H 106 32.35 55.02 -8.00
CA TYR H 106 32.60 56.24 -7.25
C TYR H 106 32.89 57.47 -8.12
N ARG H 107 32.94 57.27 -9.44
CA ARG H 107 33.33 58.37 -10.34
C ARG H 107 33.03 58.04 -11.80
N LEU H 108 32.69 59.09 -12.55
CA LEU H 108 32.60 59.02 -14.00
C LEU H 108 33.42 60.20 -14.54
N THR H 109 34.19 59.98 -15.60
CA THR H 109 34.94 61.05 -16.24
C THR H 109 34.78 61.01 -17.75
N GLY H 110 35.03 62.15 -18.39
CA GLY H 110 35.11 62.22 -19.84
C GLY H 110 33.77 62.31 -20.54
N GLY H 111 33.69 61.83 -21.76
CA GLY H 111 32.43 61.77 -22.48
C GLY H 111 32.07 62.94 -23.37
N ASP H 112 32.82 64.05 -23.27
CA ASP H 112 32.51 65.22 -24.09
C ASP H 112 32.66 64.87 -25.57
N PRO H 113 31.71 65.30 -26.42
CA PRO H 113 30.56 66.17 -26.12
C PRO H 113 29.25 65.44 -25.86
N HIS H 114 29.27 64.10 -25.89
CA HIS H 114 28.03 63.34 -25.82
C HIS H 114 27.44 63.26 -24.41
N LEU H 115 28.32 63.16 -23.42
CA LEU H 115 27.92 62.96 -22.02
C LEU H 115 28.67 63.91 -21.08
N ASP H 116 27.96 64.45 -20.09
CA ASP H 116 28.58 65.28 -19.05
C ASP H 116 28.38 64.64 -17.67
N PRO H 117 29.41 63.91 -17.19
CA PRO H 117 29.35 63.20 -15.91
C PRO H 117 29.16 64.14 -14.71
N SER H 118 28.48 63.67 -13.67
CA SER H 118 28.42 64.38 -12.40
C SER H 118 29.24 63.63 -11.35
N HIS H 119 29.14 64.08 -10.10
CA HIS H 119 29.85 63.41 -9.01
C HIS H 119 28.94 62.38 -8.32
N VAL H 120 29.59 61.37 -7.74
CA VAL H 120 28.91 60.21 -7.19
C VAL H 120 27.86 60.62 -6.15
N GLU H 121 26.71 59.94 -6.17
CA GLU H 121 25.71 60.05 -5.10
C GLU H 121 25.76 58.81 -4.24
N VAL H 122 26.03 58.97 -2.95
CA VAL H 122 25.94 57.85 -2.05
C VAL H 122 24.54 57.84 -1.46
N ILE H 123 23.78 56.79 -1.74
CA ILE H 123 22.44 56.68 -1.21
C ILE H 123 22.44 55.86 0.07
N LYS H 124 21.96 56.48 1.15
CA LYS H 124 21.81 55.77 2.41
C LYS H 124 20.32 55.55 2.71
N LEU H 125 19.83 54.32 2.51
CA LEU H 125 18.45 54.03 2.86
C LEU H 125 18.39 53.60 4.31
N GLN H 126 17.65 54.37 5.11
CA GLN H 126 17.51 54.05 6.52
C GLN H 126 16.70 52.78 6.73
N ASN H 127 15.84 52.48 5.77
CA ASN H 127 15.00 51.29 5.87
C ASN H 127 14.89 50.56 4.54
N ALA H 128 16.04 50.12 4.01
CA ALA H 128 16.05 49.27 2.81
C ALA H 128 15.45 47.92 3.10
N ALA H 129 14.71 47.38 2.13
CA ALA H 129 14.18 46.05 2.27
C ALA H 129 15.35 45.05 2.37
N GLN H 130 15.19 44.08 3.26
CA GLN H 130 16.20 43.04 3.51
C GLN H 130 15.53 41.70 3.76
N PRO H 131 16.09 40.63 3.17
CA PRO H 131 15.60 39.29 3.49
C PRO H 131 16.01 38.93 4.92
N THR H 132 15.27 38.01 5.55
CA THR H 132 15.61 37.51 6.87
C THR H 132 15.86 36.02 6.81
N PRO H 133 16.78 35.52 7.66
CA PRO H 133 17.01 34.07 7.72
C PRO H 133 15.77 33.36 8.30
N SER H 134 15.44 32.17 7.82
CA SER H 134 16.22 31.52 6.76
C SER H 134 15.39 31.33 5.50
N ASN H 135 14.25 32.01 5.43
CA ASN H 135 13.33 31.86 4.30
C ASN H 135 13.21 33.10 3.44
N GLY H 136 13.97 34.14 3.76
CA GLY H 136 13.82 35.39 3.02
C GLY H 136 12.62 36.17 3.55
N TYR H 137 11.41 35.66 3.32
CA TYR H 137 10.21 36.22 3.93
C TYR H 137 10.05 35.64 5.35
N PRO H 138 9.45 36.42 6.28
CA PRO H 138 9.00 37.80 6.15
C PRO H 138 10.19 38.76 6.06
N PHE H 139 10.11 39.70 5.14
CA PHE H 139 11.17 40.65 4.93
C PHE H 139 11.16 41.70 6.05
N THR H 140 12.30 42.35 6.28
CA THR H 140 12.36 43.39 7.28
C THR H 140 12.96 44.63 6.60
N THR H 141 13.33 45.65 7.38
CA THR H 141 14.08 46.78 6.82
C THR H 141 15.25 47.08 7.74
N ALA H 142 16.31 47.68 7.18
CA ALA H 142 17.55 47.95 7.89
C ALA H 142 18.36 48.96 7.08
N PRO H 143 19.34 49.63 7.72
CA PRO H 143 20.18 50.59 6.98
C PRO H 143 21.10 49.90 5.96
N VAL H 144 21.04 50.37 4.71
CA VAL H 144 21.92 49.90 3.66
C VAL H 144 22.38 51.11 2.83
N ALA H 145 23.63 51.07 2.36
CA ALA H 145 24.15 52.15 1.52
C ALA H 145 24.41 51.67 0.09
N PHE H 146 24.26 52.58 -0.86
CA PHE H 146 24.37 52.28 -2.28
C PHE H 146 25.10 53.44 -2.93
N SER H 147 25.68 53.23 -4.11
CA SER H 147 26.24 54.36 -4.82
C SER H 147 25.81 54.36 -6.27
N SER H 148 25.66 55.56 -6.82
CA SER H 148 25.36 55.73 -8.22
C SER H 148 26.02 57.00 -8.69
N CYS H 149 26.13 57.17 -10.00
CA CYS H 149 26.73 58.38 -10.54
C CYS H 149 26.03 58.73 -11.85
N ASP H 150 25.71 60.02 -12.00
CA ASP H 150 24.97 60.49 -13.16
C ASP H 150 25.86 61.06 -14.26
N ALA H 151 25.30 61.15 -15.46
CA ALA H 151 25.93 61.79 -16.60
C ALA H 151 24.83 62.33 -17.52
N LYS H 152 24.82 63.63 -17.75
CA LYS H 152 23.79 64.24 -18.56
C LYS H 152 24.02 63.96 -20.05
N VAL H 153 22.95 63.67 -20.78
CA VAL H 153 23.05 63.51 -22.22
C VAL H 153 23.14 64.89 -22.89
N ALA H 154 24.29 65.16 -23.50
CA ALA H 154 24.54 66.47 -24.10
C ALA H 154 24.52 66.42 -25.62
N GLN H 155 24.75 65.24 -26.18
CA GLN H 155 24.76 65.09 -27.64
C GLN H 155 24.47 63.64 -28.00
N GLN H 156 23.66 63.43 -29.03
CA GLN H 156 23.34 62.08 -29.45
C GLN H 156 24.54 61.50 -30.20
N GLY H 157 24.64 60.18 -30.22
CA GLY H 157 25.80 59.52 -30.79
C GLY H 157 26.53 58.70 -29.74
N GLN H 158 27.79 58.39 -30.01
CA GLN H 158 28.54 57.46 -29.20
C GLN H 158 29.66 58.17 -28.44
N ALA H 159 29.71 57.99 -27.13
CA ALA H 159 30.71 58.68 -26.34
C ALA H 159 32.04 57.94 -26.44
N LYS H 160 33.02 58.60 -27.04
CA LYS H 160 34.36 58.04 -27.24
C LYS H 160 35.19 57.83 -25.99
N ASN H 161 35.16 58.80 -25.08
CA ASN H 161 36.10 58.78 -23.98
C ASN H 161 35.40 58.95 -22.66
N PHE H 162 34.63 57.93 -22.30
CA PHE H 162 33.82 57.94 -21.09
C PHE H 162 34.31 56.80 -20.23
N TYR H 163 34.67 57.11 -18.99
CA TYR H 163 35.14 56.09 -18.06
C TYR H 163 34.23 56.00 -16.84
N VAL H 164 34.02 54.77 -16.40
CA VAL H 164 33.27 54.45 -15.19
C VAL H 164 34.28 53.91 -14.18
N TRP H 165 34.33 54.49 -12.98
CA TRP H 165 35.34 54.10 -11.99
C TRP H 165 34.70 53.36 -10.83
N ALA H 166 35.32 52.26 -10.40
CA ALA H 166 34.72 51.44 -9.37
C ALA H 166 35.75 50.85 -8.40
N ALA H 167 35.42 50.81 -7.11
CA ALA H 167 36.19 50.06 -6.13
C ALA H 167 35.76 48.60 -6.15
N LEU H 168 36.72 47.68 -6.10
CA LEU H 168 36.40 46.26 -6.09
C LEU H 168 36.75 45.67 -4.74
N PHE H 169 35.96 44.69 -4.29
CA PHE H 169 36.17 44.05 -2.98
C PHE H 169 36.09 42.54 -3.10
N THR H 170 36.79 41.84 -2.20
CA THR H 170 36.71 40.39 -2.11
C THR H 170 36.25 39.98 -0.71
N LEU H 171 35.62 38.82 -0.62
CA LEU H 171 35.22 38.30 0.68
C LEU H 171 36.39 37.55 1.33
N ASP H 172 36.77 37.91 2.56
CA ASP H 172 37.92 37.23 3.16
C ASP H 172 37.53 35.86 3.73
N ASP H 173 38.49 35.21 4.39
CA ASP H 173 38.35 33.83 4.87
C ASP H 173 37.26 33.64 5.93
N SER H 174 37.10 34.63 6.81
CA SER H 174 36.02 34.57 7.81
C SER H 174 34.65 34.41 7.14
N GLY H 175 34.54 34.87 5.89
CA GLY H 175 33.26 34.84 5.19
C GLY H 175 32.29 35.89 5.72
N GLU H 176 32.81 36.81 6.53
CA GLU H 176 31.97 37.85 7.12
C GLU H 176 32.34 39.27 6.67
N LYS H 177 33.54 39.42 6.11
CA LYS H 177 34.06 40.74 5.83
C LYS H 177 34.58 40.86 4.41
N GLN H 178 34.18 41.92 3.73
CA GLN H 178 34.70 42.21 2.41
C GLN H 178 35.85 43.22 2.51
N VAL H 179 36.94 42.95 1.80
CA VAL H 179 38.11 43.81 1.88
C VAL H 179 38.46 44.38 0.53
N LEU H 180 38.97 45.60 0.53
CA LEU H 180 39.28 46.31 -0.68
C LEU H 180 40.37 45.59 -1.48
N ALA H 181 40.06 45.27 -2.75
CA ALA H 181 41.06 44.65 -3.62
C ALA H 181 41.82 45.77 -4.31
N GLY H 182 41.08 46.72 -4.87
CA GLY H 182 41.68 47.88 -5.50
C GLY H 182 40.66 48.66 -6.30
N TYR H 183 41.14 49.56 -7.17
CA TYR H 183 40.27 50.40 -7.97
C TYR H 183 40.51 50.18 -9.46
N VAL H 184 39.42 50.14 -10.24
CA VAL H 184 39.51 50.02 -11.69
C VAL H 184 38.60 51.03 -12.37
N LYS H 185 38.84 51.24 -13.66
CA LYS H 185 37.95 52.05 -14.48
C LYS H 185 37.88 51.42 -15.87
N TRP H 186 36.68 51.38 -16.43
CA TRP H 186 36.50 50.82 -17.77
C TRP H 186 35.83 51.84 -18.66
N ASP H 187 35.89 51.59 -19.97
CA ASP H 187 35.37 52.52 -20.94
C ASP H 187 34.21 51.90 -21.72
N PRO H 188 32.99 52.00 -21.17
CA PRO H 188 31.87 51.34 -21.84
C PRO H 188 31.50 52.10 -23.11
N THR H 189 30.95 51.40 -24.10
CA THR H 189 30.43 52.06 -25.29
C THR H 189 28.94 52.34 -25.14
N VAL H 190 28.61 53.61 -24.91
CA VAL H 190 27.23 54.03 -24.74
C VAL H 190 26.75 54.75 -25.99
N ASN H 191 25.82 54.13 -26.70
CA ASN H 191 25.22 54.76 -27.86
C ASN H 191 23.93 55.45 -27.49
N VAL H 192 23.89 56.77 -27.63
CA VAL H 192 22.65 57.50 -27.40
C VAL H 192 21.97 57.82 -28.74
N ALA H 193 20.73 57.36 -28.90
CA ALA H 193 20.05 57.46 -30.18
C ALA H 193 18.65 58.03 -30.06
N SER I 18 71.67 91.30 -32.14
CA SER I 18 70.55 90.35 -32.23
C SER I 18 69.41 90.74 -31.29
N HIS I 19 68.66 91.79 -31.66
CA HIS I 19 67.52 92.21 -30.86
C HIS I 19 66.29 91.36 -31.14
N ILE I 20 65.51 91.11 -30.11
CA ILE I 20 64.27 90.33 -30.23
C ILE I 20 63.05 91.19 -29.90
N THR I 21 61.86 90.60 -30.04
CA THR I 21 60.63 91.24 -29.59
C THR I 21 60.08 90.45 -28.40
N ILE I 22 59.78 91.16 -27.32
CA ILE I 22 59.32 90.53 -26.10
C ILE I 22 57.85 90.86 -25.87
N ASN I 23 56.98 89.85 -25.84
CA ASN I 23 55.56 90.07 -25.57
C ASN I 23 55.32 90.31 -24.09
N VAL I 24 54.62 91.40 -23.77
CA VAL I 24 54.14 91.62 -22.41
C VAL I 24 52.61 91.63 -22.45
N THR I 26 49.11 91.79 -20.61
CA THR I 26 48.45 92.27 -19.41
C THR I 26 47.02 91.78 -19.33
N VAL I 27 46.69 91.06 -18.27
CA VAL I 27 45.30 90.73 -17.99
C VAL I 27 44.77 91.80 -17.07
N ILE I 28 43.60 92.32 -17.43
CA ILE I 28 42.96 93.40 -16.70
C ILE I 28 41.63 92.94 -16.10
N ASP I 29 41.48 93.13 -14.80
CA ASP I 29 40.18 92.97 -14.15
C ASP I 29 39.37 94.25 -14.40
N VAL I 30 38.74 94.33 -15.56
CA VAL I 30 38.01 95.53 -16.00
C VAL I 30 36.82 95.83 -15.10
N ALA I 31 36.22 94.77 -14.58
CA ALA I 31 35.09 94.92 -13.69
C ALA I 31 35.52 95.60 -12.38
N ALA I 32 36.58 95.10 -11.77
CA ALA I 32 37.10 95.66 -10.53
C ALA I 32 37.50 97.13 -10.68
N ILE I 33 38.09 97.47 -11.81
CA ILE I 33 38.50 98.85 -12.09
C ILE I 33 37.28 99.76 -12.20
N ILE I 34 36.26 99.30 -12.90
CA ILE I 34 35.04 100.06 -13.07
C ILE I 34 34.29 100.18 -11.74
N ASP I 35 34.20 99.07 -11.01
CA ASP I 35 33.56 99.03 -9.69
C ASP I 35 34.19 100.02 -8.70
N GLU I 36 35.52 100.11 -8.71
CA GLU I 36 36.21 101.02 -7.81
C GLU I 36 35.90 102.48 -8.12
N LEU I 37 35.82 102.82 -9.39
CA LEU I 37 35.53 104.19 -9.81
C LEU I 37 34.06 104.54 -9.57
N LYS I 38 33.23 103.52 -9.40
CA LYS I 38 31.82 103.71 -9.09
C LYS I 38 31.63 103.95 -7.59
N ALA I 39 32.47 103.33 -6.79
CA ALA I 39 32.48 103.55 -5.35
C ALA I 39 33.33 104.77 -4.97
N GLN I 40 33.65 105.57 -5.97
CA GLN I 40 34.45 106.77 -5.77
C GLN I 40 33.80 107.97 -6.45
N GLU I 41 32.74 107.69 -7.21
CA GLU I 41 32.05 108.70 -8.02
C GLU I 41 33.00 109.42 -8.99
N LYS I 42 34.16 108.83 -9.24
CA LYS I 42 35.12 109.40 -10.18
C LYS I 42 34.71 109.01 -11.59
N LYS I 43 34.69 109.98 -12.49
CA LYS I 43 34.18 109.73 -13.84
C LYS I 43 35.25 109.11 -14.73
N LEU I 44 34.83 108.21 -15.61
CA LEU I 44 35.71 107.57 -16.57
C LEU I 44 35.91 108.48 -17.77
N GLY I 45 37.16 108.75 -18.12
CA GLY I 45 37.48 109.65 -19.22
C GLY I 45 36.86 109.20 -20.54
N GLN I 46 36.25 110.15 -21.23
CA GLN I 46 35.45 109.85 -22.43
C GLN I 46 36.17 110.16 -23.73
N THR I 47 37.37 110.71 -23.61
CA THR I 47 38.22 111.01 -24.75
C THR I 47 39.50 110.21 -24.59
N PRO I 48 40.09 109.74 -25.71
CA PRO I 48 41.37 109.04 -25.59
C PRO I 48 42.43 109.88 -24.89
N ASP I 49 42.47 111.18 -25.16
CA ASP I 49 43.47 112.05 -24.54
C ASP I 49 43.14 112.35 -23.08
N THR I 50 41.93 112.02 -22.65
CA THR I 50 41.55 112.33 -21.28
C THR I 50 41.35 111.07 -20.46
N ALA I 51 42.13 110.04 -20.77
CA ALA I 51 42.03 108.76 -20.06
C ALA I 51 42.21 108.96 -18.55
N THR I 52 41.38 108.27 -17.76
CA THR I 52 41.48 108.34 -16.31
C THR I 52 42.71 107.61 -15.78
N SER I 53 43.56 108.32 -15.05
CA SER I 53 44.73 107.69 -14.46
C SER I 53 44.35 106.80 -13.29
N ILE I 54 44.72 105.52 -13.36
CA ILE I 54 44.31 104.56 -12.34
C ILE I 54 45.52 103.88 -11.73
N GLY I 55 45.26 102.99 -10.77
CA GLY I 55 46.34 102.22 -10.19
C GLY I 55 46.77 101.10 -11.11
N HIS I 56 47.75 100.33 -10.67
CA HIS I 56 48.11 99.12 -11.39
C HIS I 56 47.83 97.92 -10.48
N LYS I 57 46.88 98.11 -9.58
CA LYS I 57 46.46 97.08 -8.64
C LYS I 57 45.71 95.94 -9.34
N TYR I 58 44.94 96.28 -10.37
CA TYR I 58 44.14 95.28 -11.06
C TYR I 58 44.69 94.92 -12.45
N ILE I 59 46.00 95.03 -12.62
CA ILE I 59 46.59 94.58 -13.87
C ILE I 59 47.65 93.52 -13.56
N TYR I 60 47.62 92.44 -14.34
CA TYR I 60 48.47 91.27 -14.09
C TYR I 60 49.26 90.92 -15.35
N SER I 62 52.23 89.13 -17.76
CA SER I 62 53.00 87.94 -18.09
C SER I 62 53.81 88.24 -19.31
N SER I 63 54.70 87.32 -19.69
CA SER I 63 55.54 87.53 -20.86
C SER I 63 55.99 86.22 -21.50
N ASP I 64 56.42 86.29 -22.77
CA ASP I 64 57.02 85.14 -23.45
C ASP I 64 58.53 85.26 -23.51
N ASP I 65 59.09 86.16 -22.70
CA ASP I 65 60.49 86.56 -22.82
C ASP I 65 61.46 85.36 -22.85
N PRO I 66 62.06 85.11 -24.02
CA PRO I 66 62.98 83.99 -24.22
C PRO I 66 64.23 84.12 -23.35
N ARG I 67 64.59 85.36 -23.01
CA ARG I 67 65.74 85.64 -22.14
C ARG I 67 65.39 85.44 -20.66
N GLY I 68 64.16 85.04 -20.39
CA GLY I 68 63.72 84.83 -19.02
C GLY I 68 63.09 86.07 -18.41
N TRP I 69 62.18 85.85 -17.46
CA TRP I 69 61.51 86.93 -16.76
C TRP I 69 61.08 86.42 -15.38
N SER I 70 60.77 87.32 -14.46
CA SER I 70 60.50 86.90 -13.10
C SER I 70 59.04 86.58 -12.82
N VAL I 71 58.77 85.29 -12.61
CA VAL I 71 57.45 84.79 -12.27
C VAL I 71 57.10 85.06 -10.81
N GLY I 72 55.81 85.02 -10.48
CA GLY I 72 55.37 85.25 -9.12
C GLY I 72 55.25 86.70 -8.72
N ASN I 73 55.29 87.57 -9.71
N ASN I 73 55.45 87.62 -9.67
CA ASN I 73 55.26 89.03 -9.52
CA ASN I 73 55.47 89.06 -9.39
C ASN I 73 53.95 89.65 -9.03
C ASN I 73 54.08 89.69 -9.10
N ASP I 74 54.08 90.72 -8.26
CA ASP I 74 52.97 91.55 -7.78
C ASP I 74 52.26 92.31 -8.90
N PRO I 75 50.92 92.63 -8.64
CA PRO I 75 50.25 93.28 -9.78
C PRO I 75 50.88 94.60 -10.12
N GLY I 76 50.97 94.89 -11.42
CA GLY I 76 51.53 96.13 -11.90
C GLY I 76 53.04 96.09 -11.98
N ASN I 77 53.61 94.95 -11.64
CA ASN I 77 55.06 94.77 -11.72
C ASN I 77 55.48 93.62 -12.61
N ILE I 78 56.60 93.81 -13.31
CA ILE I 78 57.23 92.73 -14.04
C ILE I 78 58.74 93.00 -14.17
N THR I 79 59.51 91.93 -14.24
CA THR I 79 60.94 92.01 -14.50
C THR I 79 61.29 91.18 -15.72
N LEU I 80 61.79 91.83 -16.76
CA LEU I 80 62.15 91.16 -18.00
C LEU I 80 63.66 91.19 -18.19
N ASN I 81 64.22 90.12 -18.78
CA ASN I 81 65.58 90.16 -19.27
C ASN I 81 65.59 90.71 -20.67
N ALA I 82 66.10 91.93 -20.85
CA ALA I 82 66.10 92.56 -22.15
C ALA I 82 67.37 93.39 -22.36
N HIS I 83 67.90 93.36 -23.57
CA HIS I 83 69.04 94.20 -23.93
C HIS I 83 68.53 95.48 -24.58
N VAL I 84 69.38 96.51 -24.62
CA VAL I 84 69.04 97.73 -25.35
C VAL I 84 68.87 97.39 -26.82
N GLY I 85 67.81 97.93 -27.44
CA GLY I 85 67.50 97.60 -28.81
C GLY I 85 66.39 96.57 -28.93
N ASP I 86 66.16 95.80 -27.88
CA ASP I 86 65.02 94.90 -27.86
C ASP I 86 63.73 95.70 -27.94
N THR I 87 62.66 95.06 -28.41
CA THR I 87 61.32 95.64 -28.42
C THR I 87 60.41 94.96 -27.40
N LEU I 88 59.75 95.76 -26.56
CA LEU I 88 58.66 95.26 -25.73
C LEU I 88 57.35 95.49 -26.47
N SER I 89 56.58 94.43 -26.68
CA SER I 89 55.31 94.57 -27.37
C SER I 89 54.17 94.30 -26.40
N PHE I 90 53.35 95.32 -26.13
CA PHE I 90 52.30 95.21 -25.12
C PHE I 90 50.93 94.84 -25.69
N PHE I 91 50.36 93.78 -25.12
CA PHE I 91 49.04 93.26 -25.49
C PHE I 91 48.17 93.26 -24.24
N CYS I 92 46.86 93.19 -24.38
CA CYS I 92 46.04 92.99 -23.19
C CYS I 92 44.69 92.33 -23.46
N ALA I 93 44.03 91.92 -22.38
CA ALA I 93 42.65 91.42 -22.42
C ALA I 93 42.03 91.43 -21.03
N SER I 94 40.70 91.42 -20.96
CA SER I 94 40.01 91.31 -19.68
C SER I 94 40.13 89.89 -19.13
N THR I 95 39.61 89.65 -17.92
CA THR I 95 39.68 88.32 -17.33
C THR I 95 38.74 87.32 -18.03
N SER I 96 37.87 87.82 -18.91
CA SER I 96 37.03 86.96 -19.73
C SER I 96 37.52 86.91 -21.15
N ASP I 97 38.79 87.29 -21.34
CA ASP I 97 39.37 87.32 -22.67
C ASP I 97 38.55 88.22 -23.61
N ASN I 98 38.05 89.33 -23.08
CA ASN I 98 37.30 90.33 -23.84
C ASN I 98 35.91 89.87 -24.33
N SER I 99 35.38 88.80 -23.73
CA SER I 99 34.10 88.27 -24.19
C SER I 99 32.92 88.87 -23.40
N GLU I 100 33.19 89.47 -22.24
CA GLU I 100 32.14 90.21 -21.58
C GLU I 100 32.59 91.65 -21.42
N TYR I 101 33.37 91.94 -20.38
CA TYR I 101 34.15 93.17 -20.38
C TYR I 101 35.30 93.00 -21.34
N ALA I 102 35.76 94.11 -21.93
CA ALA I 102 36.86 94.03 -22.86
C ALA I 102 37.77 95.23 -22.70
N ALA I 103 39.02 95.07 -23.11
CA ALA I 103 39.97 96.17 -23.10
C ALA I 103 40.92 96.09 -24.29
N PHE I 104 41.26 97.27 -24.83
CA PHE I 104 42.23 97.41 -25.90
C PHE I 104 43.21 98.54 -25.62
N ILE I 105 44.50 98.24 -25.74
CA ILE I 105 45.54 99.27 -25.64
C ILE I 105 45.54 100.10 -26.92
N TYR I 106 45.69 101.42 -26.79
CA TYR I 106 45.76 102.30 -27.97
C TYR I 106 46.92 103.28 -27.88
N ARG I 107 47.63 103.29 -26.75
CA ARG I 107 48.70 104.26 -26.54
C ARG I 107 49.67 103.86 -25.43
N LEU I 108 50.94 104.22 -25.63
CA LEU I 108 51.96 104.14 -24.58
C LEU I 108 52.66 105.49 -24.55
N THR I 109 52.94 106.04 -23.37
CA THR I 109 53.68 107.29 -23.27
C THR I 109 54.77 107.22 -22.20
N GLY I 110 55.78 108.06 -22.36
CA GLY I 110 56.79 108.23 -21.34
C GLY I 110 57.85 107.14 -21.41
N GLY I 111 58.46 106.85 -20.27
CA GLY I 111 59.45 105.77 -20.22
C GLY I 111 60.88 106.23 -20.37
N ASP I 112 61.08 107.45 -20.87
CA ASP I 112 62.42 108.04 -21.03
C ASP I 112 63.18 108.05 -19.68
N PRO I 113 64.45 107.58 -19.66
CA PRO I 113 65.35 107.08 -20.71
C PRO I 113 65.29 105.59 -20.97
N HIS I 114 64.53 104.86 -20.16
CA HIS I 114 64.53 103.41 -20.21
C HIS I 114 63.77 102.83 -21.40
N LEU I 115 62.59 103.40 -21.71
CA LEU I 115 61.74 102.91 -22.79
C LEU I 115 61.36 104.01 -23.76
N ASP I 116 61.26 103.66 -25.04
CA ASP I 116 60.76 104.59 -26.06
C ASP I 116 59.56 104.00 -26.78
N PRO I 117 58.35 104.42 -26.39
CA PRO I 117 57.07 103.95 -26.91
C PRO I 117 56.87 104.30 -28.39
N SER I 118 56.24 103.41 -29.14
CA SER I 118 55.81 103.71 -30.49
C SER I 118 54.30 103.88 -30.49
N HIS I 119 53.73 104.00 -31.68
CA HIS I 119 52.29 104.18 -31.81
C HIS I 119 51.58 102.85 -32.03
N VAL I 120 50.30 102.77 -31.66
CA VAL I 120 49.56 101.51 -31.68
C VAL I 120 49.56 100.86 -33.07
N GLU I 121 49.78 99.55 -33.10
CA GLU I 121 49.59 98.74 -34.30
C GLU I 121 48.25 98.01 -34.20
N VAL I 122 47.40 98.22 -35.20
CA VAL I 122 46.16 97.48 -35.28
C VAL I 122 46.34 96.36 -36.30
N ILE I 123 46.27 95.13 -35.83
CA ILE I 123 46.43 93.96 -36.68
C ILE I 123 45.06 93.43 -37.09
N LYS I 124 44.82 93.34 -38.38
CA LYS I 124 43.59 92.73 -38.87
C LYS I 124 43.93 91.41 -39.55
N LEU I 125 43.56 90.29 -38.91
CA LEU I 125 43.75 88.99 -39.52
C LEU I 125 42.50 88.60 -40.28
N GLN I 126 42.62 88.36 -41.58
N GLN I 126 42.64 88.37 -41.58
CA GLN I 126 41.46 88.05 -42.40
CA GLN I 126 41.52 88.04 -42.45
C GLN I 126 40.91 86.67 -42.09
C GLN I 126 40.93 86.68 -42.11
N ASN I 127 41.77 85.79 -41.58
CA ASN I 127 41.32 84.47 -41.17
C ASN I 127 41.95 84.04 -39.85
N ALA I 128 41.60 84.74 -38.77
CA ALA I 128 41.99 84.35 -37.42
C ALA I 128 41.29 83.07 -36.99
N ALA I 129 41.97 82.25 -36.21
CA ALA I 129 41.35 81.05 -35.64
C ALA I 129 40.13 81.43 -34.79
N GLN I 130 39.04 80.66 -34.93
CA GLN I 130 37.80 80.95 -34.23
C GLN I 130 37.08 79.65 -33.84
N PRO I 131 36.60 79.57 -32.59
CA PRO I 131 35.80 78.41 -32.21
C PRO I 131 34.40 78.45 -32.81
N THR I 132 33.78 77.29 -32.95
CA THR I 132 32.40 77.21 -33.45
C THR I 132 31.51 76.51 -32.44
N PRO I 133 30.24 76.92 -32.36
CA PRO I 133 29.34 76.16 -31.48
C PRO I 133 29.10 74.78 -32.09
N SER I 134 28.88 73.77 -31.26
CA SER I 134 28.79 73.96 -29.83
C SER I 134 29.89 73.23 -29.07
N ASN I 135 30.93 72.79 -29.78
CA ASN I 135 32.03 72.06 -29.13
C ASN I 135 33.40 72.69 -29.36
N GLY I 136 33.43 73.97 -29.71
CA GLY I 136 34.69 74.63 -30.00
C GLY I 136 35.26 74.15 -31.31
N TYR I 137 35.62 72.87 -31.37
CA TYR I 137 36.01 72.23 -32.63
C TYR I 137 34.74 71.75 -33.38
N PRO I 138 34.80 71.66 -34.70
CA PRO I 138 35.89 72.06 -35.60
C PRO I 138 36.07 73.57 -35.58
N PHE I 139 37.32 74.01 -35.63
CA PHE I 139 37.62 75.43 -35.62
C PHE I 139 37.48 75.99 -37.03
N THR I 140 37.01 77.23 -37.12
CA THR I 140 36.95 77.91 -38.41
C THR I 140 37.85 79.14 -38.38
N THR I 141 37.86 79.89 -39.48
CA THR I 141 38.61 81.13 -39.53
C THR I 141 37.69 82.27 -39.93
N ALA I 142 37.99 83.48 -39.46
CA ALA I 142 37.11 84.60 -39.68
C ALA I 142 37.88 85.89 -39.43
N PRO I 143 37.34 87.04 -39.91
CA PRO I 143 38.04 88.31 -39.67
C PRO I 143 37.99 88.72 -38.20
N VAL I 144 39.15 89.05 -37.63
CA VAL I 144 39.25 89.53 -36.25
C VAL I 144 40.35 90.58 -36.18
N ALA I 145 40.10 91.65 -35.43
CA ALA I 145 41.07 92.72 -35.24
C ALA I 145 41.71 92.70 -33.85
N PHE I 146 42.99 93.06 -33.78
CA PHE I 146 43.73 93.03 -32.53
C PHE I 146 44.53 94.32 -32.43
N SER I 147 44.89 94.74 -31.21
CA SER I 147 45.80 95.87 -31.11
C SER I 147 46.94 95.57 -30.14
N SER I 148 48.07 96.21 -30.39
CA SER I 148 49.21 96.12 -29.50
C SER I 148 50.02 97.39 -29.64
N CYS I 149 50.97 97.61 -28.74
CA CYS I 149 51.81 98.80 -28.84
C CYS I 149 53.22 98.51 -28.33
N ASP I 150 54.21 98.94 -29.09
CA ASP I 150 55.59 98.63 -28.77
C ASP I 150 56.26 99.76 -28.00
N ALA I 151 57.29 99.40 -27.25
CA ALA I 151 58.21 100.36 -26.65
C ALA I 151 59.61 99.78 -26.77
N LYS I 152 60.53 100.58 -27.30
CA LYS I 152 61.91 100.15 -27.49
C LYS I 152 62.69 100.29 -26.19
N VAL I 153 63.42 99.24 -25.82
CA VAL I 153 64.26 99.28 -24.65
C VAL I 153 65.48 100.14 -24.96
N ALA I 154 65.60 101.27 -24.26
CA ALA I 154 66.67 102.22 -24.52
C ALA I 154 67.68 102.32 -23.37
N GLN I 155 67.33 101.79 -22.20
CA GLN I 155 68.23 101.78 -21.05
C GLN I 155 67.73 100.81 -19.98
N GLN I 156 68.61 99.90 -19.55
CA GLN I 156 68.26 98.92 -18.53
C GLN I 156 68.00 99.60 -17.18
N GLY I 157 67.15 99.00 -16.36
CA GLY I 157 66.67 99.64 -15.15
C GLY I 157 65.15 99.67 -15.08
N GLN I 158 64.61 100.55 -14.25
CA GLN I 158 63.17 100.61 -14.06
C GLN I 158 62.59 101.92 -14.63
N ALA I 159 61.69 101.80 -15.59
CA ALA I 159 61.06 102.97 -16.20
C ALA I 159 60.17 103.62 -15.15
N LYS I 160 60.20 104.95 -15.09
CA LYS I 160 59.54 105.65 -13.99
C LYS I 160 58.19 106.22 -14.38
N ASN I 161 58.14 106.95 -15.49
CA ASN I 161 56.90 107.60 -15.90
C ASN I 161 56.45 107.03 -17.23
N PHE I 162 56.14 105.74 -17.20
CA PHE I 162 55.71 104.99 -18.38
C PHE I 162 54.25 104.63 -18.18
N TYR I 163 53.38 105.04 -19.12
CA TYR I 163 51.96 104.80 -19.01
C TYR I 163 51.40 103.95 -20.16
N VAL I 164 50.49 103.05 -19.81
CA VAL I 164 49.80 102.21 -20.77
C VAL I 164 48.35 102.69 -20.84
N TRP I 165 47.86 102.96 -22.05
CA TRP I 165 46.52 103.52 -22.19
C TRP I 165 45.58 102.52 -22.85
N ALA I 166 44.40 102.31 -22.27
CA ALA I 166 43.45 101.31 -22.76
C ALA I 166 42.02 101.81 -22.77
N ALA I 167 41.28 101.41 -23.79
CA ALA I 167 39.86 101.69 -23.84
C ALA I 167 39.12 100.52 -23.21
N LEU I 168 38.14 100.81 -22.34
CA LEU I 168 37.41 99.76 -21.66
C LEU I 168 36.00 99.66 -22.22
N PHE I 169 35.46 98.44 -22.25
CA PHE I 169 34.14 98.19 -22.81
C PHE I 169 33.33 97.28 -21.91
N THR I 170 32.01 97.49 -21.91
CA THR I 170 31.09 96.61 -21.19
C THR I 170 30.14 95.96 -22.20
N LEU I 171 29.69 94.76 -21.89
CA LEU I 171 28.69 94.06 -22.70
C LEU I 171 27.27 94.51 -22.33
N ASP I 172 26.47 94.93 -23.31
CA ASP I 172 25.13 95.44 -23.00
C ASP I 172 24.16 94.31 -22.70
N ASP I 173 22.99 94.66 -22.19
CA ASP I 173 22.02 93.68 -21.67
C ASP I 173 21.61 92.65 -22.72
N SER I 174 21.68 93.03 -23.99
CA SER I 174 21.32 92.12 -25.06
C SER I 174 22.31 90.97 -25.18
N GLY I 175 23.53 91.21 -24.71
CA GLY I 175 24.59 90.21 -24.76
C GLY I 175 25.18 90.00 -26.15
N GLU I 176 25.01 90.99 -27.03
CA GLU I 176 25.54 90.85 -28.38
C GLU I 176 26.48 92.00 -28.78
N LYS I 177 26.43 93.08 -28.03
CA LYS I 177 27.22 94.25 -28.39
C LYS I 177 28.02 94.74 -27.20
N GLN I 178 29.27 95.12 -27.45
CA GLN I 178 30.05 95.74 -26.40
C GLN I 178 30.07 97.25 -26.62
N VAL I 179 30.01 97.99 -25.52
CA VAL I 179 29.96 99.44 -25.59
C VAL I 179 31.10 100.10 -24.78
N LEU I 180 31.64 101.18 -25.33
CA LEU I 180 32.73 101.91 -24.71
C LEU I 180 32.35 102.49 -23.36
N ALA I 181 33.09 102.11 -22.33
CA ALA I 181 32.84 102.61 -20.98
C ALA I 181 33.65 103.87 -20.73
N GLY I 182 34.79 103.97 -21.42
CA GLY I 182 35.68 105.10 -21.25
C GLY I 182 37.12 104.67 -21.44
N TYR I 183 38.04 105.56 -21.09
CA TYR I 183 39.46 105.32 -21.29
C TYR I 183 40.22 105.44 -19.97
N VAL I 184 41.21 104.57 -19.78
CA VAL I 184 42.05 104.62 -18.58
C VAL I 184 43.52 104.52 -18.98
N LYS I 185 44.39 104.86 -18.05
CA LYS I 185 45.82 104.63 -18.23
C LYS I 185 46.42 104.27 -16.88
N TRP I 186 47.41 103.38 -16.90
CA TRP I 186 48.05 102.99 -15.66
C TRP I 186 49.54 103.04 -15.88
N ASP I 187 50.28 103.10 -14.78
CA ASP I 187 51.73 103.19 -14.86
C ASP I 187 52.33 101.89 -14.32
N PRO I 188 52.51 100.91 -15.21
CA PRO I 188 53.11 99.65 -14.76
C PRO I 188 54.57 99.82 -14.39
N THR I 189 55.05 99.00 -13.46
CA THR I 189 56.46 98.99 -13.09
C THR I 189 57.20 97.91 -13.88
N VAL I 190 57.97 98.35 -14.87
CA VAL I 190 58.66 97.44 -15.76
C VAL I 190 60.17 97.49 -15.51
N ASN I 191 60.72 96.42 -14.94
CA ASN I 191 62.16 96.31 -14.72
C ASN I 191 62.84 95.58 -15.86
N VAL I 192 63.74 96.28 -16.55
CA VAL I 192 64.50 95.70 -17.63
C VAL I 192 65.91 95.31 -17.14
N ALA I 193 66.16 94.02 -16.98
CA ALA I 193 67.41 93.54 -16.39
C ALA I 193 68.35 92.97 -17.44
N SER J 18 22.84 83.10 -4.55
CA SER J 18 23.83 83.76 -3.70
C SER J 18 25.25 83.37 -4.09
N HIS J 19 25.37 82.38 -4.99
CA HIS J 19 26.67 81.92 -5.49
C HIS J 19 27.17 82.85 -6.59
N ILE J 20 28.45 82.77 -6.91
CA ILE J 20 29.00 83.59 -8.00
C ILE J 20 29.79 82.77 -9.02
N THR J 21 30.12 83.45 -10.12
CA THR J 21 31.03 82.92 -11.12
C THR J 21 32.38 83.63 -10.97
N ILE J 22 33.46 82.88 -11.09
CA ILE J 22 34.81 83.40 -10.96
C ILE J 22 35.60 83.14 -12.23
N ASN J 23 36.08 84.19 -12.87
CA ASN J 23 36.91 84.01 -14.06
C ASN J 23 38.33 83.61 -13.73
N VAL J 24 38.80 82.56 -14.38
CA VAL J 24 40.19 82.16 -14.30
C VAL J 24 40.79 82.30 -15.69
N THR J 26 43.84 82.31 -18.25
CA THR J 26 45.18 81.73 -18.43
C THR J 26 45.91 82.28 -19.65
N VAL J 27 47.02 82.98 -19.40
CA VAL J 27 47.88 83.38 -20.50
C VAL J 27 48.85 82.23 -20.76
N ILE J 28 48.97 81.85 -22.02
CA ILE J 28 49.76 80.70 -22.44
C ILE J 28 50.91 81.14 -23.34
N ASP J 29 52.12 80.69 -23.00
CA ASP J 29 53.27 80.86 -23.88
C ASP J 29 53.23 79.75 -24.94
N VAL J 30 52.39 79.94 -25.95
CA VAL J 30 52.13 78.89 -26.94
C VAL J 30 53.39 78.45 -27.67
N ALA J 31 54.19 79.42 -28.10
CA ALA J 31 55.43 79.14 -28.84
C ALA J 31 56.38 78.27 -28.04
N ALA J 32 56.57 78.61 -26.77
CA ALA J 32 57.50 77.90 -25.90
C ALA J 32 57.07 76.45 -25.75
N ILE J 33 55.76 76.24 -25.56
CA ILE J 33 55.21 74.89 -25.42
C ILE J 33 55.52 74.05 -26.66
N ILE J 34 55.38 74.66 -27.84
CA ILE J 34 55.72 73.98 -29.10
C ILE J 34 57.22 73.77 -29.24
N ASP J 35 58.00 74.84 -29.10
CA ASP J 35 59.46 74.73 -29.21
C ASP J 35 60.09 73.98 -28.04
N GLU J 36 59.27 73.63 -27.04
CA GLU J 36 59.68 72.65 -26.05
C GLU J 36 59.32 71.28 -26.59
N LEU J 37 58.03 71.06 -26.87
CA LEU J 37 57.54 69.77 -27.35
C LEU J 37 58.26 69.30 -28.61
N LYS J 38 58.79 70.24 -29.37
CA LYS J 38 59.55 69.93 -30.58
C LYS J 38 61.03 69.73 -30.25
N LYS J 42 58.12 65.62 -29.41
CA LYS J 42 57.04 64.73 -29.03
C LYS J 42 55.85 65.04 -29.93
N LYS J 43 54.98 64.06 -30.11
CA LYS J 43 53.74 64.22 -30.85
C LYS J 43 53.03 65.52 -30.46
N LEU J 44 52.41 66.16 -31.44
CA LEU J 44 51.47 67.23 -31.17
C LEU J 44 50.12 66.77 -31.70
N GLY J 45 49.26 66.30 -30.79
CA GLY J 45 48.00 65.69 -31.15
C GLY J 45 47.12 66.52 -32.06
N GLN J 46 46.72 65.94 -33.19
CA GLN J 46 45.98 66.67 -34.19
C GLN J 46 44.51 66.30 -34.19
N THR J 47 44.05 65.82 -33.04
CA THR J 47 42.65 65.48 -32.82
C THR J 47 42.28 65.88 -31.40
N PRO J 48 41.06 66.41 -31.19
CA PRO J 48 40.62 66.82 -29.85
C PRO J 48 40.92 65.79 -28.75
N ASP J 49 41.11 64.53 -29.11
CA ASP J 49 41.34 63.51 -28.10
C ASP J 49 42.76 62.95 -28.16
N THR J 50 43.57 63.47 -29.07
CA THR J 50 44.94 63.01 -29.17
C THR J 50 45.77 64.09 -28.46
N ALA J 51 45.05 64.95 -27.72
CA ALA J 51 45.64 66.08 -27.00
C ALA J 51 46.85 65.67 -26.19
N THR J 52 47.97 66.28 -26.54
CA THR J 52 49.27 66.02 -25.94
C THR J 52 49.40 66.65 -24.56
N SER J 53 49.45 65.83 -23.50
CA SER J 53 49.63 66.34 -22.16
C SER J 53 50.95 67.12 -22.05
N ILE J 54 50.92 68.23 -21.31
CA ILE J 54 52.12 69.04 -21.11
C ILE J 54 52.28 69.46 -19.65
N GLY J 55 53.46 69.95 -19.31
CA GLY J 55 53.68 70.49 -17.98
C GLY J 55 53.05 71.86 -17.91
N HIS J 56 53.01 72.45 -16.72
CA HIS J 56 52.39 73.76 -16.57
C HIS J 56 53.41 74.85 -16.24
N LYS J 57 54.54 74.83 -16.94
CA LYS J 57 55.59 75.82 -16.75
C LYS J 57 55.26 77.11 -17.51
N TYR J 58 54.45 76.99 -18.55
CA TYR J 58 54.15 78.12 -19.42
C TYR J 58 52.67 78.52 -19.30
N ILE J 59 52.15 78.39 -18.09
CA ILE J 59 50.75 78.57 -17.77
C ILE J 59 50.63 79.66 -16.72
N TYR J 60 50.12 80.83 -17.07
CA TYR J 60 50.09 81.92 -16.10
C TYR J 60 48.66 82.37 -15.85
N SER J 62 45.43 84.22 -13.81
CA SER J 62 44.95 85.37 -13.06
C SER J 62 43.44 85.22 -12.90
N SER J 63 42.84 86.04 -12.05
CA SER J 63 41.42 85.90 -11.77
C SER J 63 40.76 87.24 -11.54
N ASP J 64 39.43 87.27 -11.59
CA ASP J 64 38.64 88.41 -11.17
C ASP J 64 37.93 88.16 -9.83
N ASP J 65 38.26 87.03 -9.20
CA ASP J 65 37.61 86.53 -7.98
C ASP J 65 37.33 87.63 -6.97
N PRO J 66 36.05 88.06 -6.88
CA PRO J 66 35.65 89.12 -5.96
C PRO J 66 35.87 88.71 -4.50
N ARG J 67 35.80 87.40 -4.23
CA ARG J 67 36.09 86.88 -2.90
C ARG J 67 37.58 86.97 -2.58
N GLY J 68 38.39 87.25 -3.60
CA GLY J 68 39.82 87.36 -3.40
C GLY J 68 40.61 86.14 -3.88
N TRP J 69 41.86 86.36 -4.23
CA TRP J 69 42.66 85.27 -4.72
C TRP J 69 44.09 85.65 -4.59
N SER J 70 44.96 84.69 -4.86
CA SER J 70 46.39 84.91 -4.85
C SER J 70 47.09 84.09 -5.93
N VAL J 71 48.22 84.59 -6.41
CA VAL J 71 49.15 83.83 -7.27
C VAL J 71 50.57 84.42 -7.16
N ASP J 74 52.54 82.03 -8.80
N ASP J 74 52.63 82.00 -8.74
CA ASP J 74 53.41 81.01 -9.37
CA ASP J 74 53.48 80.98 -9.33
C ASP J 74 52.78 80.29 -10.58
C ASP J 74 52.86 80.27 -10.53
N PRO J 75 53.67 80.04 -11.64
CA PRO J 75 53.01 79.45 -12.82
C PRO J 75 52.49 78.03 -12.62
N GLY J 76 51.42 77.69 -13.33
CA GLY J 76 50.76 76.41 -13.18
C GLY J 76 49.89 76.35 -11.93
N ASN J 77 49.99 77.38 -11.09
CA ASN J 77 49.24 77.39 -9.84
C ASN J 77 48.39 78.65 -9.66
N ILE J 78 47.34 78.51 -8.86
CA ILE J 78 46.53 79.63 -8.42
C ILE J 78 45.81 79.20 -7.14
N THR J 79 45.52 80.17 -6.28
CA THR J 79 44.69 79.92 -5.11
C THR J 79 43.55 80.91 -5.13
N LEU J 80 42.32 80.39 -5.04
CA LEU J 80 41.12 81.23 -5.11
C LEU J 80 40.26 81.05 -3.88
N ASN J 81 39.64 82.13 -3.41
CA ASN J 81 38.57 82.04 -2.44
C ASN J 81 37.25 81.68 -3.12
N ALA J 82 36.76 80.47 -2.88
CA ALA J 82 35.52 80.04 -3.51
C ALA J 82 34.74 79.13 -2.59
N HIS J 83 33.43 79.38 -2.51
CA HIS J 83 32.52 78.50 -1.80
C HIS J 83 32.12 77.34 -2.68
N VAL J 84 31.70 76.25 -2.05
CA VAL J 84 31.09 75.15 -2.80
C VAL J 84 29.85 75.71 -3.47
N GLY J 85 29.67 75.37 -4.75
CA GLY J 85 28.53 75.85 -5.50
C GLY J 85 28.91 76.93 -6.49
N ASP J 86 30.02 77.62 -6.22
CA ASP J 86 30.53 78.62 -7.14
C ASP J 86 30.95 77.96 -8.44
N THR J 87 31.07 78.79 -9.48
CA THR J 87 31.47 78.33 -10.80
C THR J 87 32.79 78.99 -11.19
N LEU J 88 33.79 78.19 -11.52
CA LEU J 88 35.01 78.73 -12.11
C LEU J 88 34.85 78.72 -13.64
N SER J 89 35.06 79.86 -14.27
CA SER J 89 35.02 79.93 -15.73
C SER J 89 36.43 80.09 -16.28
N PHE J 90 36.89 79.10 -17.02
CA PHE J 90 38.25 79.14 -17.59
C PHE J 90 38.32 79.76 -18.99
N PHE J 91 39.12 80.82 -19.11
CA PHE J 91 39.39 81.49 -20.38
C PHE J 91 40.89 81.41 -20.68
N CYS J 92 41.27 81.64 -21.92
CA CYS J 92 42.70 81.75 -22.19
C CYS J 92 43.02 82.55 -23.43
N ALA J 93 44.30 82.90 -23.55
CA ALA J 93 44.84 83.60 -24.72
C ALA J 93 46.36 83.41 -24.74
N SER J 94 46.96 83.50 -25.92
CA SER J 94 48.42 83.48 -26.02
C SER J 94 49.01 84.77 -25.46
N THR J 95 50.35 84.85 -25.43
CA THR J 95 51.00 86.06 -24.94
C THR J 95 50.84 87.22 -25.93
N SER J 96 50.32 86.96 -27.13
CA SER J 96 50.02 88.01 -28.10
C SER J 96 48.52 88.24 -28.25
N ASP J 97 47.77 87.82 -27.24
CA ASP J 97 46.31 87.95 -27.26
C ASP J 97 45.73 87.32 -28.53
N ASN J 98 46.31 86.19 -28.90
CA ASN J 98 45.85 85.36 -30.02
C ASN J 98 46.02 86.04 -31.39
N SER J 99 46.87 87.06 -31.48
CA SER J 99 47.13 87.73 -32.76
C SER J 99 48.24 87.08 -33.59
N GLU J 100 49.14 86.34 -32.94
N GLU J 100 49.12 86.34 -32.93
CA GLU J 100 50.14 85.56 -33.67
CA GLU J 100 50.17 85.58 -33.60
C GLU J 100 49.93 84.07 -33.40
C GLU J 100 49.94 84.09 -33.39
N TYR J 101 50.51 83.56 -32.32
CA TYR J 101 50.13 82.24 -31.86
C TYR J 101 48.76 82.45 -31.21
N ALA J 102 47.98 81.38 -31.08
CA ALA J 102 46.65 81.49 -30.48
C ALA J 102 46.26 80.21 -29.75
N ALA J 103 45.37 80.34 -28.77
CA ALA J 103 44.91 79.22 -27.97
C ALA J 103 43.43 79.35 -27.66
N PHE J 104 42.72 78.22 -27.67
CA PHE J 104 41.31 78.19 -27.33
C PHE J 104 41.02 76.99 -26.46
N ILE J 105 40.49 77.22 -25.26
CA ILE J 105 40.03 76.12 -24.42
C ILE J 105 38.79 75.48 -25.01
N TYR J 106 38.77 74.14 -25.09
CA TYR J 106 37.64 73.42 -25.65
C TYR J 106 37.12 72.32 -24.74
N ARG J 107 37.79 72.09 -23.63
CA ARG J 107 37.45 70.97 -22.74
C ARG J 107 38.16 71.05 -21.39
N LEU J 108 37.42 70.69 -20.36
CA LEU J 108 37.94 70.41 -19.03
C LEU J 108 37.55 68.98 -18.68
N THR J 109 38.47 68.20 -18.12
CA THR J 109 38.17 66.84 -17.63
C THR J 109 38.86 66.59 -16.31
N GLY J 110 38.29 65.70 -15.49
CA GLY J 110 38.84 65.37 -14.19
C GLY J 110 38.25 66.20 -13.05
N GLY J 111 39.03 66.40 -11.98
CA GLY J 111 38.66 67.33 -10.93
C GLY J 111 37.95 66.77 -9.71
N ASP J 112 37.42 65.56 -9.83
CA ASP J 112 36.67 64.93 -8.75
C ASP J 112 37.63 64.66 -7.59
N PRO J 113 37.20 64.96 -6.35
CA PRO J 113 35.88 65.45 -5.95
C PRO J 113 35.80 66.97 -5.73
N HIS J 114 36.82 67.70 -6.17
CA HIS J 114 36.88 69.13 -5.90
C HIS J 114 36.20 69.98 -6.98
N LEU J 115 36.40 69.59 -8.24
CA LEU J 115 35.79 70.34 -9.34
C LEU J 115 34.98 69.41 -10.24
N ASP J 116 33.84 69.90 -10.70
CA ASP J 116 33.02 69.20 -11.68
C ASP J 116 32.95 70.00 -12.98
N PRO J 117 33.81 69.66 -13.95
CA PRO J 117 33.86 70.37 -15.24
C PRO J 117 32.55 70.33 -16.00
N SER J 118 32.29 71.35 -16.81
CA SER J 118 31.19 71.31 -17.77
C SER J 118 31.72 71.26 -19.19
N HIS J 119 30.82 71.42 -20.15
CA HIS J 119 31.17 71.40 -21.56
C HIS J 119 31.37 72.83 -22.03
N VAL J 120 32.18 73.00 -23.08
CA VAL J 120 32.59 74.33 -23.52
C VAL J 120 31.40 75.19 -23.96
N GLU J 121 31.47 76.49 -23.64
CA GLU J 121 30.52 77.45 -24.13
C GLU J 121 31.20 78.28 -25.21
N VAL J 122 30.64 78.30 -26.41
CA VAL J 122 31.21 79.13 -27.46
C VAL J 122 30.38 80.39 -27.56
N ILE J 123 31.01 81.52 -27.26
CA ILE J 123 30.30 82.78 -27.27
C ILE J 123 30.47 83.48 -28.61
N LYS J 124 29.35 83.90 -29.19
CA LYS J 124 29.35 84.59 -30.47
C LYS J 124 28.81 86.00 -30.34
N LEU J 125 29.69 87.00 -30.29
CA LEU J 125 29.19 88.37 -30.19
C LEU J 125 29.01 88.97 -31.59
N GLN J 126 27.77 89.38 -31.87
CA GLN J 126 27.43 90.04 -33.14
C GLN J 126 28.24 91.32 -33.31
N ASN J 127 28.40 92.04 -32.22
CA ASN J 127 29.10 93.32 -32.23
C ASN J 127 30.09 93.44 -31.07
N ALA J 128 31.15 92.65 -31.13
CA ALA J 128 32.22 92.77 -30.16
C ALA J 128 33.06 94.01 -30.47
N ALA J 129 33.59 94.64 -29.41
CA ALA J 129 34.44 95.81 -29.56
C ALA J 129 35.69 95.42 -30.35
N GLN J 130 36.05 96.27 -31.30
CA GLN J 130 37.22 96.05 -32.15
C GLN J 130 37.95 97.37 -32.39
N PRO J 131 39.29 97.33 -32.36
CA PRO J 131 40.07 98.50 -32.79
C PRO J 131 40.01 98.67 -34.30
N THR J 132 40.09 99.91 -34.78
CA THR J 132 40.16 100.20 -36.21
C THR J 132 41.53 100.76 -36.58
N PRO J 133 42.02 100.45 -37.78
CA PRO J 133 43.22 101.15 -38.26
C PRO J 133 42.89 102.63 -38.44
N SER J 134 43.81 103.53 -38.12
CA SER J 134 45.16 103.19 -37.69
C SER J 134 45.50 103.78 -36.33
N ASN J 135 44.48 104.20 -35.58
CA ASN J 135 44.71 104.76 -34.25
C ASN J 135 44.03 103.95 -33.16
N GLY J 136 43.39 102.84 -33.56
CA GLY J 136 42.62 102.04 -32.61
C GLY J 136 41.25 102.67 -32.36
N TYR J 137 41.25 103.86 -31.77
CA TYR J 137 40.04 104.67 -31.72
C TYR J 137 39.91 105.41 -33.06
N PRO J 138 38.67 105.72 -33.47
CA PRO J 138 37.42 105.29 -32.83
C PRO J 138 37.22 103.80 -33.01
N PHE J 139 36.80 103.14 -31.94
CA PHE J 139 36.58 101.71 -31.96
C PHE J 139 35.28 101.39 -32.66
N THR J 140 35.16 100.17 -33.17
CA THR J 140 33.96 99.81 -33.88
C THR J 140 33.43 98.53 -33.24
N THR J 141 32.47 97.90 -33.88
CA THR J 141 32.00 96.62 -33.41
C THR J 141 31.84 95.69 -34.61
N ALA J 142 31.99 94.40 -34.38
CA ALA J 142 31.97 93.42 -35.45
C ALA J 142 31.83 92.05 -34.83
N PRO J 143 31.44 91.04 -35.62
CA PRO J 143 31.33 89.69 -35.06
C PRO J 143 32.69 89.10 -34.68
N VAL J 144 32.74 88.50 -33.49
CA VAL J 144 33.92 87.82 -32.99
C VAL J 144 33.45 86.64 -32.16
N ALA J 145 34.18 85.52 -32.22
CA ALA J 145 33.87 84.34 -31.41
C ALA J 145 34.89 84.09 -30.27
N PHE J 146 34.39 83.62 -29.13
CA PHE J 146 35.22 83.33 -27.95
C PHE J 146 34.83 81.98 -27.37
N SER J 147 35.70 81.39 -26.56
CA SER J 147 35.29 80.17 -25.88
C SER J 147 35.73 80.19 -24.41
N SER J 148 34.92 79.55 -23.57
CA SER J 148 35.19 79.41 -22.15
C SER J 148 34.69 78.05 -21.69
N CYS J 149 35.26 77.53 -20.61
CA CYS J 149 34.72 76.30 -20.05
C CYS J 149 34.63 76.38 -18.54
N ASP J 150 33.46 76.01 -18.03
CA ASP J 150 33.14 76.11 -16.62
C ASP J 150 33.44 74.82 -15.86
N ALA J 151 33.77 74.94 -14.59
CA ALA J 151 33.86 73.79 -13.70
C ALA J 151 33.29 74.22 -12.36
N LYS J 152 32.37 73.44 -11.82
CA LYS J 152 31.70 73.83 -10.57
C LYS J 152 32.51 73.39 -9.36
N VAL J 153 32.59 74.29 -8.38
CA VAL J 153 33.31 74.00 -7.14
C VAL J 153 32.48 73.08 -6.28
N ALA J 154 32.96 71.85 -6.12
CA ALA J 154 32.20 70.83 -5.40
C ALA J 154 32.77 70.59 -4.01
N GLN J 155 34.09 70.65 -3.90
CA GLN J 155 34.76 70.44 -2.62
C GLN J 155 36.00 71.30 -2.53
N GLN J 156 36.14 72.05 -1.44
CA GLN J 156 37.29 72.90 -1.25
C GLN J 156 38.57 72.08 -1.12
N GLY J 157 39.69 72.71 -1.46
CA GLY J 157 40.96 72.02 -1.46
C GLY J 157 41.66 72.13 -2.81
N GLN J 158 42.54 71.20 -3.10
CA GLN J 158 43.29 71.25 -4.35
C GLN J 158 42.85 70.12 -5.27
N ALA J 159 42.47 70.48 -6.49
CA ALA J 159 41.84 69.56 -7.38
C ALA J 159 42.94 68.70 -7.85
N LYS J 160 42.85 67.44 -7.48
CA LYS J 160 43.91 66.54 -7.80
C LYS J 160 43.99 66.21 -9.32
N ASN J 161 43.08 65.87 -10.28
N ASN J 161 43.25 65.84 -10.45
CA ASN J 161 43.43 65.25 -11.56
CA ASN J 161 43.63 65.25 -11.73
C ASN J 161 43.01 66.07 -12.77
C ASN J 161 43.10 66.11 -12.86
N PHE J 162 42.72 67.34 -12.50
CA PHE J 162 42.12 68.31 -13.38
C PHE J 162 42.99 68.57 -14.60
N TYR J 163 42.38 68.64 -15.78
CA TYR J 163 43.09 68.98 -17.00
C TYR J 163 42.33 70.01 -17.83
N VAL J 164 43.06 70.97 -18.38
CA VAL J 164 42.50 71.95 -19.30
C VAL J 164 42.98 71.62 -20.70
N TRP J 165 42.04 71.51 -21.65
CA TRP J 165 42.37 71.10 -23.00
C TRP J 165 42.29 72.30 -23.94
N ALA J 166 43.32 72.49 -24.76
CA ALA J 166 43.35 73.66 -25.63
C ALA J 166 43.84 73.33 -27.03
N ALA J 167 43.22 73.96 -28.01
CA ALA J 167 43.71 73.90 -29.38
C ALA J 167 44.74 75.02 -29.56
N LEU J 168 45.84 74.71 -30.23
CA LEU J 168 46.89 75.70 -30.44
C LEU J 168 47.04 76.03 -31.92
N PHE J 169 47.21 77.32 -32.21
CA PHE J 169 47.28 77.79 -33.60
C PHE J 169 48.52 78.63 -33.84
N THR J 170 49.00 78.60 -35.08
CA THR J 170 50.12 79.43 -35.49
C THR J 170 49.76 80.29 -36.69
N LEU J 171 50.37 81.46 -36.77
CA LEU J 171 50.21 82.33 -37.92
C LEU J 171 51.08 81.81 -39.06
N ASP J 172 50.46 81.44 -40.18
CA ASP J 172 51.24 80.98 -41.33
C ASP J 172 51.98 82.18 -41.93
N ASP J 173 52.70 81.95 -43.02
CA ASP J 173 53.63 82.97 -43.50
C ASP J 173 52.99 83.97 -44.46
N SER J 174 51.68 83.84 -44.68
CA SER J 174 50.95 84.86 -45.42
C SER J 174 50.55 85.98 -44.47
N GLY J 175 50.47 85.64 -43.18
CA GLY J 175 50.22 86.62 -42.13
C GLY J 175 48.77 87.03 -41.99
N GLU J 176 47.87 86.27 -42.61
CA GLU J 176 46.44 86.60 -42.58
C GLU J 176 45.61 85.44 -42.05
N LYS J 177 46.22 84.27 -42.00
CA LYS J 177 45.49 83.07 -41.63
C LYS J 177 46.18 82.32 -40.51
N GLN J 178 45.41 81.92 -39.51
CA GLN J 178 45.94 81.07 -38.46
C GLN J 178 45.53 79.62 -38.72
N VAL J 179 46.52 78.73 -38.68
CA VAL J 179 46.29 77.32 -38.97
C VAL J 179 46.52 76.51 -37.70
N LEU J 180 45.86 75.36 -37.60
CA LEU J 180 45.94 74.58 -36.36
C LEU J 180 47.31 73.93 -36.21
N ALA J 181 47.86 74.03 -35.02
CA ALA J 181 49.16 73.43 -34.70
C ALA J 181 48.97 72.16 -33.88
N GLY J 182 47.78 72.01 -33.31
CA GLY J 182 47.48 70.81 -32.56
C GLY J 182 46.70 71.03 -31.27
N TYR J 183 46.52 69.96 -30.52
CA TYR J 183 45.80 70.01 -29.26
C TYR J 183 46.72 69.60 -28.12
N VAL J 184 46.64 70.32 -27.02
CA VAL J 184 47.41 70.00 -25.82
C VAL J 184 46.50 70.06 -24.60
N LYS J 185 47.00 69.53 -23.50
CA LYS J 185 46.30 69.63 -22.22
C LYS J 185 47.34 69.69 -21.12
N TRP J 186 47.04 70.48 -20.10
CA TRP J 186 47.96 70.64 -18.99
C TRP J 186 47.15 70.45 -17.74
N ASP J 187 47.82 70.13 -16.63
CA ASP J 187 47.12 69.91 -15.37
C ASP J 187 47.42 71.06 -14.39
N PRO J 188 46.61 72.13 -14.45
CA PRO J 188 46.86 73.24 -13.54
C PRO J 188 46.63 72.79 -12.11
N THR J 189 47.40 73.35 -11.18
CA THR J 189 47.12 73.19 -9.76
C THR J 189 46.21 74.30 -9.27
N VAL J 190 44.95 73.97 -9.01
CA VAL J 190 43.98 74.96 -8.58
C VAL J 190 43.62 74.74 -7.12
N ASN J 191 43.96 75.71 -6.28
CA ASN J 191 43.65 75.66 -4.85
C ASN J 191 42.41 76.46 -4.50
N VAL J 192 41.36 75.79 -4.07
CA VAL J 192 40.12 76.46 -3.69
C VAL J 192 40.03 76.63 -2.18
N ALA J 193 39.71 77.85 -1.75
CA ALA J 193 39.54 78.15 -0.32
C ALA J 193 38.46 79.20 -0.13
#